data_3ZWX
#
_entry.id   3ZWX
#
_cell.length_a   60.682
_cell.length_b   76.818
_cell.length_c   140.333
_cell.angle_alpha   87.85
_cell.angle_beta   89.25
_cell.angle_gamma   89.12
#
_symmetry.space_group_name_H-M   'P 1'
#
loop_
_entity.id
_entity.type
_entity.pdbx_description
1 polymer 'ADP-RIBOSYL CYCLASE'
2 non-polymer 'CHLORIDE ION'
3 non-polymer '[(2R,3S,4R,5R)-5-(6-amino-8-bromo-9H-purin-9-yl)-3,4-dihydroxytetrahydrofuran-2-yl]methyl [(2R,3S,4S)-3,4-dihydroxytetrahydrofuran-2-yl]methyl dihydrogen diphosphate'
4 water water
#
_entity_poly.entity_id   1
_entity_poly.type   'polypeptide(L)'
_entity_poly.pdbx_seq_one_letter_code
;AAIVPTRELENVFLGRCKDYEITRYLDILPRVRSDCSALWKDFFKAFSFKNPCDLDLGSYKDFFTSAQQQLPKNKVMFWS
GVYDEAHDYANTGRKYITLEDTLPGYMLNSLVWCGQRANPGFNEKVCPDFKTCPVQARESFWGMASSSYAHSAEGEVTYM
VDGSNPKVPAYRPDSFFGKYELPNLTNKVTRVKVIVLHRLGEKIIEKCGAGSLLDLEKLVKAKHFAFDCVENPRAVLFLL
CSDNPNARECRLAKRFYRIA
;
_entity_poly.pdbx_strand_id   A,B,C,D,E,F,G,H
#
# COMPACT_ATOMS: atom_id res chain seq x y z
N ILE A 3 -18.87 -33.25 -22.83
CA ILE A 3 -18.07 -32.04 -22.35
C ILE A 3 -18.49 -30.76 -23.06
N VAL A 4 -19.22 -29.88 -22.37
CA VAL A 4 -19.81 -28.68 -22.96
C VAL A 4 -18.92 -27.41 -22.95
N PRO A 5 -18.53 -26.91 -24.14
CA PRO A 5 -17.76 -25.65 -24.26
C PRO A 5 -18.54 -24.47 -23.68
N THR A 6 -17.78 -23.43 -23.30
CA THR A 6 -18.25 -22.21 -22.65
C THR A 6 -19.05 -21.34 -23.61
N ARG A 7 -20.20 -20.84 -23.11
CA ARG A 7 -21.04 -19.94 -23.85
C ARG A 7 -20.30 -18.66 -24.19
N GLU A 8 -20.46 -18.17 -25.44
CA GLU A 8 -19.99 -16.85 -25.87
C GLU A 8 -18.56 -16.56 -25.41
N LEU A 9 -17.65 -17.44 -25.82
CA LEU A 9 -16.26 -17.43 -25.43
C LEU A 9 -15.61 -16.06 -25.66
N GLU A 10 -15.79 -15.51 -26.86
CA GLU A 10 -15.19 -14.23 -27.14
C GLU A 10 -15.57 -13.16 -26.10
N ASN A 11 -16.88 -13.01 -25.82
CA ASN A 11 -17.33 -12.00 -24.90
C ASN A 11 -16.76 -12.26 -23.56
N VAL A 12 -16.75 -13.51 -23.13
CA VAL A 12 -16.16 -13.86 -21.84
C VAL A 12 -14.70 -13.51 -21.78
N PHE A 13 -13.94 -13.95 -22.77
CA PHE A 13 -12.55 -13.58 -22.94
C PHE A 13 -12.40 -12.05 -22.80
N LEU A 14 -13.11 -11.32 -23.64
CA LEU A 14 -12.89 -9.91 -23.72
C LEU A 14 -13.35 -9.21 -22.47
N GLY A 15 -14.40 -9.71 -21.86
CA GLY A 15 -14.85 -9.11 -20.61
C GLY A 15 -13.87 -9.30 -19.46
N ARG A 16 -13.25 -10.47 -19.37
CA ARG A 16 -12.28 -10.71 -18.33
C ARG A 16 -11.08 -9.84 -18.67
N CYS A 17 -10.62 -9.92 -19.93
CA CYS A 17 -9.42 -9.19 -20.32
C CYS A 17 -9.52 -7.74 -19.88
N LYS A 18 -10.62 -7.12 -20.27
CA LYS A 18 -10.91 -5.72 -19.98
C LYS A 18 -11.07 -5.42 -18.47
N ASP A 19 -11.74 -6.29 -17.72
CA ASP A 19 -11.90 -6.08 -16.28
C ASP A 19 -10.53 -6.13 -15.62
N TYR A 20 -9.68 -7.04 -16.11
CA TYR A 20 -8.38 -7.28 -15.51
C TYR A 20 -7.63 -6.01 -15.71
N GLU A 21 -7.66 -5.56 -16.97
CA GLU A 21 -6.91 -4.43 -17.52
C GLU A 21 -7.09 -3.22 -16.70
N ILE A 22 -8.35 -2.86 -16.44
CA ILE A 22 -8.65 -1.63 -15.75
C ILE A 22 -8.70 -1.71 -14.23
N THR A 23 -9.05 -2.87 -13.67
CA THR A 23 -9.37 -2.88 -12.26
C THR A 23 -8.63 -3.92 -11.43
N ARG A 24 -7.91 -4.88 -12.06
CA ARG A 24 -7.34 -5.99 -11.30
C ARG A 24 -5.82 -6.06 -11.31
N TYR A 25 -5.27 -6.33 -10.11
CA TYR A 25 -3.82 -6.51 -9.88
C TYR A 25 -2.99 -5.27 -10.19
N LEU A 26 -3.68 -4.12 -10.15
CA LEU A 26 -3.08 -2.84 -10.46
C LEU A 26 -1.67 -2.65 -9.86
N ASP A 27 -1.53 -2.89 -8.55
CA ASP A 27 -0.25 -2.65 -7.91
C ASP A 27 0.62 -3.89 -7.77
N ILE A 28 0.11 -5.00 -8.27
CA ILE A 28 0.72 -6.28 -8.01
C ILE A 28 1.46 -6.76 -9.26
N LEU A 29 0.81 -6.61 -10.40
CA LEU A 29 1.36 -7.00 -11.68
C LEU A 29 1.16 -5.92 -12.71
N PRO A 30 2.04 -5.89 -13.70
CA PRO A 30 2.05 -4.85 -14.72
C PRO A 30 1.04 -5.10 -15.83
N ARG A 31 0.58 -4.00 -16.42
CA ARG A 31 -0.32 -4.06 -17.55
C ARG A 31 0.46 -4.58 -18.74
N VAL A 32 -0.23 -4.82 -19.83
CA VAL A 32 0.40 -5.58 -20.90
C VAL A 32 0.25 -4.66 -22.08
N ARG A 33 1.07 -4.79 -23.10
CA ARG A 33 0.98 -3.78 -24.19
C ARG A 33 -0.23 -3.92 -25.09
N SER A 34 -0.38 -5.09 -25.70
CA SER A 34 -1.43 -5.36 -26.68
C SER A 34 -2.79 -5.18 -26.07
N ASP A 35 -3.67 -4.55 -26.82
CA ASP A 35 -5.05 -4.38 -26.36
C ASP A 35 -5.82 -5.72 -26.35
N CYS A 36 -7.06 -5.72 -25.90
CA CYS A 36 -7.84 -6.95 -25.74
C CYS A 36 -8.21 -7.58 -27.08
N SER A 37 -8.52 -6.79 -28.10
CA SER A 37 -8.79 -7.39 -29.42
C SER A 37 -7.58 -8.02 -30.06
N ALA A 38 -6.41 -7.44 -29.85
CA ALA A 38 -5.19 -8.03 -30.31
C ALA A 38 -5.03 -9.41 -29.70
N LEU A 39 -5.24 -9.50 -28.37
CA LEU A 39 -5.10 -10.75 -27.64
C LEU A 39 -6.10 -11.82 -28.08
N TRP A 40 -7.33 -11.40 -28.34
CA TRP A 40 -8.27 -12.34 -28.88
C TRP A 40 -7.73 -12.94 -30.21
N LYS A 41 -7.27 -12.10 -31.15
CA LYS A 41 -6.87 -12.64 -32.44
C LYS A 41 -5.83 -13.72 -32.28
N ASP A 42 -4.84 -13.47 -31.42
CA ASP A 42 -3.73 -14.41 -31.22
C ASP A 42 -4.22 -15.70 -30.57
N PHE A 43 -5.17 -15.57 -29.65
CA PHE A 43 -5.72 -16.68 -28.92
C PHE A 43 -6.55 -17.55 -29.84
N PHE A 44 -7.35 -16.91 -30.67
CA PHE A 44 -8.29 -17.60 -31.49
C PHE A 44 -7.65 -18.21 -32.76
N LYS A 45 -6.50 -17.71 -33.18
CA LYS A 45 -5.93 -18.23 -34.44
C LYS A 45 -5.28 -19.55 -34.14
N ALA A 46 -5.02 -19.77 -32.87
CA ALA A 46 -4.34 -20.94 -32.41
C ALA A 46 -5.20 -22.17 -32.61
N PHE A 47 -6.51 -22.08 -32.49
CA PHE A 47 -7.28 -23.30 -32.45
C PHE A 47 -8.36 -23.35 -33.49
N SER A 48 -8.86 -22.19 -33.93
CA SER A 48 -10.01 -22.13 -34.80
C SER A 48 -9.81 -22.80 -36.13
N PHE A 49 -10.91 -23.33 -36.68
CA PHE A 49 -10.96 -23.80 -38.08
C PHE A 49 -10.12 -25.07 -38.28
N LYS A 50 -10.05 -25.83 -37.20
CA LYS A 50 -9.24 -27.06 -37.17
C LYS A 50 -10.03 -28.09 -36.40
N ASN A 51 -9.76 -29.38 -36.64
CA ASN A 51 -10.28 -30.44 -35.78
C ASN A 51 -9.77 -30.19 -34.39
N PRO A 52 -10.59 -30.49 -33.37
CA PRO A 52 -10.25 -30.11 -31.98
C PRO A 52 -8.92 -30.66 -31.52
N CYS A 53 -8.51 -31.82 -32.00
CA CYS A 53 -7.21 -32.37 -31.60
C CYS A 53 -6.07 -31.77 -32.40
N ASP A 54 -6.37 -30.84 -33.30
CA ASP A 54 -5.33 -30.33 -34.16
C ASP A 54 -4.55 -29.18 -33.56
N LEU A 55 -3.72 -29.50 -32.57
CA LEU A 55 -2.90 -28.51 -31.92
C LEU A 55 -1.60 -29.16 -31.43
N ASP A 56 -0.63 -28.31 -31.10
CA ASP A 56 0.64 -28.68 -30.47
C ASP A 56 1.14 -27.57 -29.52
N LEU A 57 2.29 -27.79 -28.89
CA LEU A 57 2.84 -26.87 -27.91
C LEU A 57 3.17 -25.47 -28.50
N GLY A 58 3.29 -25.39 -29.82
CA GLY A 58 3.53 -24.11 -30.47
C GLY A 58 2.27 -23.31 -30.76
N SER A 59 1.12 -23.95 -30.90
CA SER A 59 -0.09 -23.24 -31.32
C SER A 59 -0.47 -21.92 -30.64
N TYR A 60 -0.32 -21.81 -29.31
CA TYR A 60 -0.70 -20.59 -28.56
C TYR A 60 0.48 -19.66 -28.25
N LYS A 61 1.65 -20.01 -28.76
CA LYS A 61 2.88 -19.20 -28.64
C LYS A 61 2.71 -17.69 -28.77
N ASP A 62 2.13 -17.23 -29.87
CA ASP A 62 2.02 -15.81 -30.07
C ASP A 62 1.18 -15.23 -28.97
N PHE A 63 0.13 -15.95 -28.58
CA PHE A 63 -0.74 -15.46 -27.53
C PHE A 63 0.04 -15.26 -26.23
N PHE A 64 0.89 -16.21 -25.86
CA PHE A 64 1.65 -16.06 -24.61
C PHE A 64 2.80 -15.04 -24.66
N THR A 65 3.33 -14.82 -25.84
CA THR A 65 4.29 -13.77 -26.01
C THR A 65 3.56 -12.46 -25.73
N SER A 66 2.38 -12.28 -26.29
CA SER A 66 1.68 -11.03 -26.16
C SER A 66 1.22 -10.79 -24.78
N ALA A 67 0.92 -11.88 -24.07
CA ALA A 67 0.24 -11.78 -22.79
C ALA A 67 1.17 -11.98 -21.60
N GLN A 68 2.41 -12.39 -21.83
CA GLN A 68 3.31 -12.56 -20.71
C GLN A 68 3.56 -11.24 -20.01
N GLN A 69 3.25 -11.16 -18.72
CA GLN A 69 3.62 -10.00 -17.91
C GLN A 69 4.96 -10.25 -17.20
N GLN A 70 5.73 -9.20 -16.92
CA GLN A 70 6.88 -9.35 -16.03
C GLN A 70 6.35 -9.71 -14.70
N LEU A 71 7.00 -10.65 -14.03
CA LEU A 71 6.54 -11.10 -12.72
C LEU A 71 7.51 -10.72 -11.65
N PRO A 72 7.00 -10.25 -10.49
CA PRO A 72 7.82 -9.70 -9.43
C PRO A 72 8.85 -10.69 -8.87
N LYS A 73 10.05 -10.19 -8.58
CA LYS A 73 11.11 -10.98 -7.95
C LYS A 73 10.59 -11.67 -6.72
N ASN A 74 11.03 -12.90 -6.50
CA ASN A 74 10.74 -13.64 -5.25
C ASN A 74 9.28 -14.03 -4.94
N LYS A 75 8.33 -13.80 -5.84
CA LYS A 75 6.92 -13.88 -5.48
C LYS A 75 6.13 -14.99 -6.18
N VAL A 76 6.72 -15.56 -7.22
CA VAL A 76 6.10 -16.54 -8.07
C VAL A 76 5.91 -17.85 -7.31
N MET A 77 4.73 -18.44 -7.46
CA MET A 77 4.42 -19.72 -6.84
C MET A 77 3.97 -20.70 -7.88
N PHE A 78 4.35 -21.95 -7.66
CA PHE A 78 3.83 -23.11 -8.36
C PHE A 78 3.15 -24.03 -7.35
N TRP A 79 2.24 -24.88 -7.80
CA TRP A 79 1.52 -25.79 -6.90
C TRP A 79 1.16 -27.07 -7.63
N SER A 80 1.11 -28.17 -6.89
CA SER A 80 0.57 -29.41 -7.46
C SER A 80 -0.39 -30.05 -6.50
N GLY A 81 -1.59 -30.31 -7.00
CA GLY A 81 -2.54 -31.13 -6.27
C GLY A 81 -3.23 -30.43 -5.12
N VAL A 82 -2.97 -29.12 -4.97
CA VAL A 82 -3.53 -28.39 -3.85
C VAL A 82 -4.11 -27.07 -4.28
N TYR A 83 -4.98 -27.10 -5.30
CA TYR A 83 -5.48 -25.85 -5.89
C TYR A 83 -5.99 -24.86 -4.84
N ASP A 84 -6.93 -25.28 -4.03
CA ASP A 84 -7.58 -24.38 -3.12
C ASP A 84 -6.67 -23.79 -2.05
N GLU A 85 -5.82 -24.63 -1.45
CA GLU A 85 -4.88 -24.20 -0.40
C GLU A 85 -3.76 -23.23 -0.92
N ALA A 86 -3.12 -23.61 -2.02
CA ALA A 86 -2.16 -22.71 -2.64
C ALA A 86 -2.77 -21.32 -2.94
N HIS A 87 -3.99 -21.28 -3.49
CA HIS A 87 -4.63 -20.01 -3.79
C HIS A 87 -5.16 -19.23 -2.56
N ASP A 88 -5.69 -19.93 -1.54
CA ASP A 88 -6.13 -19.25 -0.31
C ASP A 88 -4.86 -18.58 0.26
N TYR A 89 -3.74 -19.29 0.22
CA TYR A 89 -2.57 -18.83 0.88
C TYR A 89 -1.81 -17.80 0.07
N ALA A 90 -1.85 -17.93 -1.25
CA ALA A 90 -1.24 -16.91 -2.13
C ALA A 90 -2.05 -15.61 -2.09
N ASN A 91 -3.30 -15.72 -1.66
CA ASN A 91 -4.15 -14.59 -1.30
C ASN A 91 -4.26 -13.53 -2.38
N THR A 92 -4.61 -13.94 -3.60
CA THR A 92 -4.94 -13.01 -4.69
C THR A 92 -3.82 -11.97 -4.90
N GLY A 93 -2.62 -12.49 -5.21
CA GLY A 93 -1.48 -11.65 -5.53
C GLY A 93 -0.82 -11.01 -4.32
N ARG A 94 -1.51 -11.00 -3.19
CA ARG A 94 -1.03 -10.31 -1.99
C ARG A 94 0.23 -10.91 -1.38
N LYS A 95 0.24 -12.23 -1.14
CA LYS A 95 1.46 -12.90 -0.68
C LYS A 95 2.31 -13.49 -1.82
N TYR A 96 1.69 -14.20 -2.77
CA TYR A 96 2.41 -14.73 -3.95
C TYR A 96 1.61 -14.60 -5.21
N ILE A 97 2.28 -14.51 -6.34
CA ILE A 97 1.64 -14.66 -7.66
C ILE A 97 1.36 -16.15 -7.94
N THR A 98 0.17 -16.47 -8.43
CA THR A 98 0.00 -17.74 -9.09
C THR A 98 -0.41 -17.53 -10.55
N LEU A 99 -0.31 -18.57 -11.38
CA LEU A 99 -0.60 -18.47 -12.79
C LEU A 99 -2.03 -17.89 -13.02
N GLU A 100 -2.98 -18.42 -12.31
CA GLU A 100 -4.33 -17.84 -12.24
C GLU A 100 -4.40 -16.33 -11.92
N ASP A 101 -3.46 -15.73 -11.18
CA ASP A 101 -3.47 -14.28 -11.05
C ASP A 101 -2.98 -13.52 -12.29
N THR A 102 -2.15 -14.17 -13.12
CA THR A 102 -1.60 -13.55 -14.33
C THR A 102 -2.69 -13.40 -15.44
N LEU A 103 -2.55 -12.42 -16.35
CA LEU A 103 -3.56 -12.18 -17.37
C LEU A 103 -4.02 -13.40 -18.21
N PRO A 104 -3.09 -14.14 -18.83
CA PRO A 104 -3.64 -15.32 -19.55
C PRO A 104 -4.32 -16.37 -18.66
N GLY A 105 -3.77 -16.58 -17.46
CA GLY A 105 -4.28 -17.56 -16.47
C GLY A 105 -5.66 -17.13 -16.07
N TYR A 106 -5.78 -15.89 -15.68
CA TYR A 106 -7.05 -15.31 -15.32
C TYR A 106 -8.06 -15.28 -16.44
N MET A 107 -7.67 -14.89 -17.64
CA MET A 107 -8.67 -14.93 -18.73
C MET A 107 -9.19 -16.31 -19.11
N LEU A 108 -8.39 -17.36 -19.02
CA LEU A 108 -8.87 -18.66 -19.48
C LEU A 108 -9.19 -19.69 -18.34
N ASN A 109 -8.98 -19.24 -17.10
CA ASN A 109 -9.18 -20.12 -15.97
C ASN A 109 -10.57 -20.76 -16.00
N SER A 110 -10.62 -22.11 -16.04
CA SER A 110 -11.90 -22.89 -15.97
C SER A 110 -12.73 -22.96 -17.25
N LEU A 111 -12.31 -22.21 -18.26
CA LEU A 111 -13.03 -22.17 -19.50
C LEU A 111 -12.74 -23.45 -20.27
N VAL A 112 -13.72 -23.85 -21.09
CA VAL A 112 -13.63 -24.99 -21.99
C VAL A 112 -13.94 -24.53 -23.43
N TRP A 113 -13.15 -24.97 -24.41
CA TRP A 113 -13.29 -24.53 -25.80
C TRP A 113 -12.57 -25.45 -26.74
N CYS A 114 -12.99 -25.52 -28.00
CA CYS A 114 -12.30 -26.34 -29.01
C CYS A 114 -12.57 -25.92 -30.45
N GLY A 115 -11.71 -26.34 -31.36
CA GLY A 115 -11.80 -26.00 -32.77
C GLY A 115 -12.85 -26.88 -33.43
N GLN A 116 -13.38 -26.43 -34.57
CA GLN A 116 -13.95 -27.36 -35.54
C GLN A 116 -13.55 -26.80 -36.86
N ARG A 117 -13.40 -27.68 -37.86
CA ARG A 117 -13.02 -27.29 -39.22
C ARG A 117 -14.05 -26.30 -39.82
N ALA A 118 -15.35 -26.57 -39.57
CA ALA A 118 -16.47 -25.78 -40.11
C ALA A 118 -16.88 -24.54 -39.30
N ASN A 119 -17.43 -23.56 -40.00
CA ASN A 119 -17.94 -22.33 -39.40
C ASN A 119 -18.83 -22.61 -38.21
N PRO A 120 -18.69 -21.82 -37.14
CA PRO A 120 -17.87 -20.62 -37.04
C PRO A 120 -16.45 -20.91 -36.61
N GLY A 121 -16.01 -22.17 -36.68
CA GLY A 121 -14.61 -22.48 -36.46
C GLY A 121 -14.27 -22.92 -35.05
N PHE A 122 -15.25 -22.88 -34.16
CA PHE A 122 -15.13 -23.50 -32.86
C PHE A 122 -16.44 -24.27 -32.63
N ASN A 123 -16.46 -25.18 -31.66
CA ASN A 123 -17.69 -25.97 -31.35
C ASN A 123 -18.53 -25.25 -30.30
N GLU A 124 -19.85 -25.41 -30.34
CA GLU A 124 -20.73 -24.81 -29.33
C GLU A 124 -21.72 -25.85 -28.76
N LYS A 125 -21.45 -27.12 -29.00
CA LYS A 125 -22.24 -28.18 -28.39
C LYS A 125 -21.34 -29.05 -27.57
N VAL A 126 -20.29 -29.61 -28.17
CA VAL A 126 -19.50 -30.61 -27.47
C VAL A 126 -18.00 -30.47 -27.75
N CYS A 127 -17.17 -30.75 -26.74
CA CYS A 127 -15.71 -30.91 -26.94
C CYS A 127 -15.29 -32.35 -26.70
N PRO A 128 -14.18 -32.82 -27.31
CA PRO A 128 -13.86 -34.20 -27.00
C PRO A 128 -13.18 -34.34 -25.66
N ASP A 129 -13.19 -35.55 -25.13
CA ASP A 129 -12.42 -35.83 -23.95
C ASP A 129 -10.95 -35.61 -24.27
N PHE A 130 -10.29 -34.78 -23.46
CA PHE A 130 -8.85 -34.53 -23.63
C PHE A 130 -8.02 -35.79 -23.96
N LYS A 131 -8.40 -36.92 -23.36
CA LYS A 131 -7.69 -38.19 -23.45
C LYS A 131 -7.66 -38.72 -24.87
N THR A 132 -8.45 -38.11 -25.73
CA THR A 132 -8.59 -38.68 -27.04
C THR A 132 -7.58 -38.04 -27.96
N CYS A 133 -7.15 -36.85 -27.59
CA CYS A 133 -6.21 -36.09 -28.35
C CYS A 133 -4.78 -36.42 -27.95
N PRO A 134 -3.83 -36.29 -28.88
CA PRO A 134 -2.40 -36.51 -28.53
C PRO A 134 -2.04 -35.61 -27.36
N VAL A 135 -1.08 -35.98 -26.53
CA VAL A 135 -0.70 -35.11 -25.40
C VAL A 135 -0.38 -33.66 -25.77
N GLN A 136 0.28 -33.48 -26.90
CA GLN A 136 0.73 -32.15 -27.23
C GLN A 136 -0.45 -31.23 -27.62
N ALA A 137 -1.56 -31.81 -28.07
CA ALA A 137 -2.83 -31.07 -28.26
C ALA A 137 -3.58 -30.89 -26.92
N ARG A 138 -3.59 -31.90 -26.07
CA ARG A 138 -4.28 -31.81 -24.79
C ARG A 138 -3.68 -30.72 -23.95
N GLU A 139 -2.40 -30.41 -24.16
CA GLU A 139 -1.65 -29.65 -23.16
C GLU A 139 -1.09 -28.41 -23.79
N SER A 140 -1.47 -28.21 -25.05
CA SER A 140 -1.08 -27.09 -25.86
C SER A 140 -1.29 -25.83 -25.04
N PHE A 141 -2.53 -25.61 -24.63
CA PHE A 141 -2.80 -24.39 -23.91
C PHE A 141 -2.23 -24.32 -22.47
N TRP A 142 -2.57 -25.20 -21.55
CA TRP A 142 -2.09 -24.91 -20.17
C TRP A 142 -0.63 -25.26 -19.98
N GLY A 143 -0.10 -26.04 -20.92
CA GLY A 143 1.26 -26.53 -20.84
C GLY A 143 2.19 -25.40 -21.19
N MET A 144 1.88 -24.69 -22.28
CA MET A 144 2.66 -23.57 -22.72
C MET A 144 2.46 -22.35 -21.84
N ALA A 145 1.23 -22.17 -21.34
CA ALA A 145 0.98 -21.20 -20.25
C ALA A 145 1.89 -21.45 -19.05
N SER A 146 2.02 -22.69 -18.64
CA SER A 146 2.99 -22.99 -17.59
C SER A 146 4.44 -22.65 -17.97
N SER A 147 4.80 -22.91 -19.23
CA SER A 147 6.18 -22.70 -19.63
C SER A 147 6.51 -21.26 -19.60
N SER A 148 5.57 -20.43 -20.03
CA SER A 148 5.87 -19.03 -20.19
C SER A 148 5.95 -18.38 -18.81
N TYR A 149 5.09 -18.83 -17.92
CA TYR A 149 5.09 -18.35 -16.56
C TYR A 149 6.41 -18.69 -15.87
N ALA A 150 6.83 -19.95 -15.97
CA ALA A 150 8.01 -20.39 -15.28
C ALA A 150 9.18 -19.62 -15.79
N HIS A 151 9.23 -19.47 -17.11
CA HIS A 151 10.36 -18.86 -17.81
C HIS A 151 10.61 -17.41 -17.41
N SER A 152 9.57 -16.71 -16.94
CA SER A 152 9.62 -15.30 -16.47
C SER A 152 9.91 -15.11 -14.98
N ALA A 153 9.80 -16.17 -14.21
CA ALA A 153 10.06 -16.02 -12.79
C ALA A 153 11.51 -15.58 -12.45
N GLU A 154 11.67 -14.82 -11.37
CA GLU A 154 13.02 -14.51 -10.91
C GLU A 154 13.12 -14.56 -9.40
N GLY A 155 14.30 -14.91 -8.90
CA GLY A 155 14.55 -14.82 -7.48
C GLY A 155 14.09 -16.09 -6.83
N GLU A 156 13.44 -15.99 -5.69
CA GLU A 156 12.94 -17.17 -5.02
C GLU A 156 11.63 -17.60 -5.69
N VAL A 157 11.42 -18.92 -5.83
CA VAL A 157 10.09 -19.48 -6.21
C VAL A 157 9.61 -20.48 -5.16
N THR A 158 8.31 -20.65 -5.11
CA THR A 158 7.69 -21.43 -4.04
C THR A 158 6.80 -22.48 -4.68
N TYR A 159 6.75 -23.64 -4.09
CA TYR A 159 6.04 -24.72 -4.70
C TYR A 159 5.29 -25.39 -3.59
N MET A 160 3.97 -25.47 -3.76
CA MET A 160 3.14 -26.12 -2.76
C MET A 160 2.68 -27.45 -3.27
N VAL A 161 2.90 -28.48 -2.48
CA VAL A 161 2.60 -29.82 -2.93
C VAL A 161 1.60 -30.50 -2.02
N ASP A 162 1.17 -31.70 -2.38
CA ASP A 162 0.40 -32.52 -1.45
C ASP A 162 1.34 -33.60 -0.86
N GLY A 163 1.47 -33.62 0.46
CA GLY A 163 2.22 -34.68 1.11
C GLY A 163 1.35 -35.77 1.68
N SER A 164 0.07 -35.77 1.32
CA SER A 164 -0.93 -36.66 1.96
C SER A 164 -1.67 -37.56 0.98
N ASN A 165 -1.18 -37.64 -0.24
CA ASN A 165 -1.78 -38.49 -1.26
C ASN A 165 -0.93 -39.77 -1.51
N PRO A 166 -1.44 -40.95 -1.06
CA PRO A 166 -0.76 -42.23 -1.33
C PRO A 166 -0.67 -42.53 -2.85
N LYS A 167 -1.67 -42.11 -3.61
CA LYS A 167 -1.66 -42.22 -5.06
C LYS A 167 -0.58 -41.30 -5.71
N VAL A 168 -0.89 -40.02 -5.92
CA VAL A 168 0.07 -39.07 -6.47
C VAL A 168 1.18 -38.63 -5.49
N PRO A 169 2.45 -39.08 -5.71
CA PRO A 169 3.54 -38.50 -4.89
C PRO A 169 3.66 -36.97 -5.03
N ALA A 170 4.15 -36.32 -3.99
CA ALA A 170 4.42 -34.86 -3.93
C ALA A 170 5.06 -34.22 -5.18
N TYR A 171 6.25 -34.71 -5.52
CA TYR A 171 6.88 -34.33 -6.77
C TYR A 171 6.77 -35.47 -7.76
N ARG A 172 6.53 -35.08 -9.00
CA ARG A 172 6.39 -35.97 -10.11
C ARG A 172 6.87 -35.24 -11.36
N PRO A 173 7.78 -35.87 -12.11
CA PRO A 173 8.20 -35.42 -13.43
C PRO A 173 7.01 -35.27 -14.39
N ASP A 174 6.03 -36.15 -14.28
CA ASP A 174 4.88 -36.19 -15.18
C ASP A 174 3.75 -35.15 -14.86
N SER A 175 3.89 -34.36 -13.79
CA SER A 175 2.91 -33.32 -13.49
C SER A 175 3.28 -32.08 -14.26
N PHE A 176 2.43 -31.05 -14.21
CA PHE A 176 2.68 -29.82 -14.95
C PHE A 176 3.89 -29.05 -14.40
N PHE A 177 4.15 -29.18 -13.12
CA PHE A 177 5.35 -28.60 -12.58
C PHE A 177 6.54 -29.39 -13.12
N GLY A 178 6.36 -30.70 -13.22
CA GLY A 178 7.43 -31.60 -13.67
C GLY A 178 7.72 -31.44 -15.15
N LYS A 179 6.70 -31.06 -15.92
CA LYS A 179 6.82 -31.14 -17.39
C LYS A 179 7.17 -29.83 -18.00
N TYR A 180 6.72 -28.75 -17.35
CA TYR A 180 6.76 -27.45 -17.96
C TYR A 180 7.31 -26.39 -17.08
N GLU A 181 7.30 -26.62 -15.77
CA GLU A 181 7.70 -25.54 -14.89
C GLU A 181 9.10 -25.62 -14.37
N LEU A 182 9.41 -26.62 -13.54
CA LEU A 182 10.76 -26.76 -12.97
C LEU A 182 11.83 -26.72 -14.08
N PRO A 183 11.63 -27.44 -15.21
CA PRO A 183 12.67 -27.42 -16.22
C PRO A 183 12.71 -26.14 -17.07
N ASN A 184 11.77 -25.21 -16.90
CA ASN A 184 11.87 -23.94 -17.62
C ASN A 184 12.36 -22.73 -16.78
N LEU A 185 12.52 -22.96 -15.46
CA LEU A 185 13.14 -22.04 -14.54
C LEU A 185 14.50 -21.60 -15.06
N THR A 186 14.73 -20.29 -15.23
CA THR A 186 16.00 -19.78 -15.77
C THR A 186 17.00 -19.47 -14.64
N ASN A 187 18.21 -19.05 -15.02
CA ASN A 187 19.26 -18.75 -14.04
C ASN A 187 19.01 -17.44 -13.30
N LYS A 188 17.90 -16.76 -13.62
CA LYS A 188 17.39 -15.65 -12.82
C LYS A 188 16.74 -16.20 -11.58
N VAL A 189 16.48 -17.51 -11.54
CA VAL A 189 15.92 -18.12 -10.34
C VAL A 189 17.04 -18.48 -9.36
N THR A 190 16.86 -18.14 -8.09
CA THR A 190 17.93 -18.32 -7.11
C THR A 190 17.63 -19.45 -6.15
N ARG A 191 16.36 -19.82 -6.01
CA ARG A 191 15.96 -20.81 -5.02
C ARG A 191 14.55 -21.36 -5.34
N VAL A 192 14.30 -22.62 -4.97
CA VAL A 192 12.98 -23.24 -4.96
C VAL A 192 12.68 -23.56 -3.49
N LYS A 193 11.63 -22.95 -2.94
CA LYS A 193 11.19 -23.16 -1.57
C LYS A 193 9.90 -24.03 -1.55
N VAL A 194 10.02 -25.32 -1.22
CA VAL A 194 8.87 -26.23 -1.29
C VAL A 194 8.04 -26.15 -0.03
N ILE A 195 6.74 -25.93 -0.17
CA ILE A 195 5.87 -26.09 0.99
C ILE A 195 5.15 -27.39 0.85
N VAL A 196 5.42 -28.33 1.76
CA VAL A 196 4.73 -29.59 1.75
C VAL A 196 3.46 -29.44 2.54
N LEU A 197 2.34 -29.73 1.88
CA LEU A 197 1.07 -29.66 2.56
C LEU A 197 0.66 -31.05 3.05
N HIS A 198 0.43 -31.14 4.36
CA HIS A 198 -0.02 -32.35 5.01
C HIS A 198 -1.48 -32.18 5.39
N ARG A 199 -2.40 -32.84 4.71
CA ARG A 199 -3.79 -32.62 5.01
C ARG A 199 -4.13 -33.11 6.42
N LEU A 200 -5.11 -32.46 7.06
CA LEU A 200 -5.42 -32.74 8.47
C LEU A 200 -6.21 -34.04 8.66
N GLY A 201 -5.92 -34.75 9.76
CA GLY A 201 -6.44 -36.08 10.01
C GLY A 201 -6.11 -37.14 8.96
N GLU A 202 -5.10 -36.91 8.13
CA GLU A 202 -4.75 -37.87 7.07
C GLU A 202 -3.34 -38.35 7.18
N LYS A 203 -3.15 -39.64 6.93
CA LYS A 203 -1.84 -40.30 7.02
C LYS A 203 -0.82 -39.54 6.19
N ILE A 204 0.27 -39.14 6.85
CA ILE A 204 1.40 -38.46 6.22
C ILE A 204 2.22 -39.38 5.29
N ILE A 205 2.37 -38.95 4.04
CA ILE A 205 2.98 -39.79 3.02
C ILE A 205 4.41 -39.37 2.70
N GLU A 206 4.56 -38.14 2.24
CA GLU A 206 5.84 -37.59 1.81
C GLU A 206 6.32 -36.66 2.89
N LYS A 207 7.59 -36.79 3.27
CA LYS A 207 8.24 -35.85 4.18
C LYS A 207 9.42 -35.19 3.46
N CYS A 208 9.89 -34.04 3.93
CA CYS A 208 11.11 -33.48 3.34
C CYS A 208 12.30 -34.44 3.56
N GLY A 209 13.27 -34.38 2.63
CA GLY A 209 14.43 -35.24 2.70
C GLY A 209 14.19 -36.68 2.28
N ALA A 210 12.98 -36.99 1.79
CA ALA A 210 12.64 -38.37 1.42
C ALA A 210 11.84 -38.43 0.14
N GLY A 211 11.80 -39.63 -0.43
CA GLY A 211 11.01 -39.94 -1.61
C GLY A 211 11.10 -38.92 -2.73
N SER A 212 9.95 -38.60 -3.29
CA SER A 212 9.89 -37.71 -4.43
C SER A 212 10.47 -36.34 -4.06
N LEU A 213 10.35 -35.96 -2.79
CA LEU A 213 10.89 -34.70 -2.32
C LEU A 213 12.43 -34.72 -2.28
N LEU A 214 13.01 -35.87 -1.99
CA LEU A 214 14.45 -36.09 -2.20
C LEU A 214 14.76 -35.94 -3.68
N ASP A 215 14.00 -36.61 -4.55
CA ASP A 215 14.30 -36.59 -5.99
C ASP A 215 14.36 -35.16 -6.50
N LEU A 216 13.42 -34.35 -6.05
CA LEU A 216 13.34 -32.95 -6.48
C LEU A 216 14.49 -32.10 -5.93
N GLU A 217 14.71 -32.19 -4.63
CA GLU A 217 15.92 -31.63 -4.04
C GLU A 217 17.13 -31.86 -4.97
N LYS A 218 17.27 -33.08 -5.47
CA LYS A 218 18.41 -33.37 -6.36
C LYS A 218 18.31 -32.64 -7.70
N LEU A 219 17.11 -32.61 -8.31
CA LEU A 219 16.88 -31.85 -9.55
C LEU A 219 17.12 -30.38 -9.37
N VAL A 220 16.66 -29.86 -8.23
CA VAL A 220 16.72 -28.43 -7.95
C VAL A 220 18.20 -28.05 -7.83
N LYS A 221 18.96 -28.83 -7.06
CA LYS A 221 20.38 -28.58 -6.94
C LYS A 221 21.12 -28.79 -8.27
N ALA A 222 20.77 -29.84 -9.00
CA ALA A 222 21.39 -30.08 -10.33
C ALA A 222 21.14 -28.95 -11.32
N LYS A 223 20.13 -28.13 -11.04
CA LYS A 223 19.81 -27.00 -11.91
C LYS A 223 20.53 -25.74 -11.43
N HIS A 224 21.34 -25.93 -10.37
CA HIS A 224 22.12 -24.89 -9.71
C HIS A 224 21.32 -23.92 -8.82
N PHE A 225 20.19 -24.37 -8.27
CA PHE A 225 19.40 -23.57 -7.34
C PHE A 225 19.59 -24.00 -5.91
N ALA A 226 19.35 -23.07 -5.01
CA ALA A 226 19.24 -23.40 -3.59
C ALA A 226 17.83 -23.99 -3.33
N PHE A 227 17.71 -24.81 -2.29
CA PHE A 227 16.48 -25.57 -2.02
C PHE A 227 16.11 -25.58 -0.56
N ASP A 228 14.87 -25.28 -0.23
CA ASP A 228 14.41 -25.56 1.14
C ASP A 228 13.01 -26.12 1.11
N CYS A 229 12.61 -26.69 2.23
CA CYS A 229 11.42 -27.51 2.31
C CYS A 229 10.87 -27.50 3.75
N VAL A 230 9.59 -27.20 3.88
CA VAL A 230 8.94 -27.11 5.16
C VAL A 230 7.62 -27.83 5.09
N GLU A 231 7.28 -28.52 6.17
CA GLU A 231 6.03 -29.25 6.28
C GLU A 231 5.09 -28.44 7.18
N ASN A 232 3.89 -28.13 6.67
CA ASN A 232 2.91 -27.29 7.38
C ASN A 232 3.47 -26.17 8.27
N PRO A 233 3.99 -25.11 7.63
CA PRO A 233 4.45 -23.95 8.37
C PRO A 233 3.24 -23.25 8.93
N ARG A 234 3.39 -22.67 10.13
CA ARG A 234 2.29 -22.19 10.95
C ARG A 234 1.26 -21.35 10.20
N ALA A 235 1.74 -20.44 9.37
CA ALA A 235 0.86 -19.64 8.52
C ALA A 235 -0.07 -20.47 7.63
N VAL A 236 0.40 -21.56 7.02
CA VAL A 236 -0.45 -22.41 6.18
C VAL A 236 -1.30 -23.28 7.09
N LEU A 237 -0.64 -23.87 8.08
CA LEU A 237 -1.33 -24.68 9.04
C LEU A 237 -2.59 -23.95 9.50
N PHE A 238 -2.46 -22.69 9.87
CA PHE A 238 -3.62 -21.97 10.34
C PHE A 238 -4.77 -21.90 9.36
N LEU A 239 -4.43 -21.69 8.10
CA LEU A 239 -5.42 -21.65 7.05
C LEU A 239 -6.20 -22.98 6.93
N LEU A 240 -5.48 -24.09 7.01
CA LEU A 240 -6.07 -25.40 6.99
C LEU A 240 -6.97 -25.55 8.22
N CYS A 241 -6.54 -24.96 9.33
CA CYS A 241 -7.26 -25.03 10.58
C CYS A 241 -8.54 -24.23 10.62
N SER A 242 -8.63 -23.05 10.01
CA SER A 242 -9.96 -22.43 9.95
C SER A 242 -11.01 -23.34 9.30
N ASP A 243 -10.64 -24.16 8.29
CA ASP A 243 -11.62 -25.09 7.71
C ASP A 243 -11.93 -26.43 8.40
N ASN A 244 -11.11 -26.80 9.39
CA ASN A 244 -11.34 -27.96 10.23
C ASN A 244 -10.80 -27.69 11.64
N PRO A 245 -11.42 -26.77 12.37
CA PRO A 245 -10.86 -26.33 13.65
C PRO A 245 -10.72 -27.39 14.76
N ASN A 246 -11.39 -28.52 14.65
CA ASN A 246 -11.36 -29.51 15.72
C ASN A 246 -10.32 -30.58 15.48
N ALA A 247 -9.76 -30.59 14.27
CA ALA A 247 -8.64 -31.46 13.94
C ALA A 247 -7.53 -31.35 15.00
N ARG A 248 -6.99 -32.50 15.41
CA ARG A 248 -6.01 -32.55 16.50
C ARG A 248 -4.82 -31.64 16.24
N GLU A 249 -4.43 -31.56 14.97
CA GLU A 249 -3.29 -30.75 14.51
C GLU A 249 -3.40 -29.27 14.87
N CYS A 250 -4.63 -28.80 15.07
CA CYS A 250 -4.90 -27.41 15.43
C CYS A 250 -5.08 -27.18 16.93
N ARG A 251 -4.66 -28.13 17.77
CA ARG A 251 -4.90 -28.03 19.23
C ARG A 251 -4.34 -26.75 19.84
N LEU A 252 -5.08 -26.20 20.81
CA LEU A 252 -4.77 -24.91 21.43
C LEU A 252 -3.71 -24.94 22.54
N ALA B 2 -11.50 15.89 -4.80
CA ALA B 2 -10.54 15.46 -5.88
C ALA B 2 -10.36 13.92 -5.94
N ILE B 3 -11.28 13.25 -6.67
CA ILE B 3 -11.37 11.78 -6.79
C ILE B 3 -11.50 11.33 -8.27
N VAL B 4 -10.68 10.35 -8.68
CA VAL B 4 -10.56 9.98 -10.10
C VAL B 4 -11.50 8.83 -10.46
N PRO B 5 -12.38 9.04 -11.47
CA PRO B 5 -13.30 7.98 -11.86
C PRO B 5 -12.67 6.87 -12.71
N THR B 6 -13.38 5.75 -12.80
CA THR B 6 -12.92 4.57 -13.47
C THR B 6 -12.97 4.84 -14.96
N ARG B 7 -11.97 4.35 -15.68
CA ARG B 7 -11.87 4.55 -17.10
C ARG B 7 -12.74 3.50 -17.76
N GLU B 8 -13.36 3.84 -18.89
CA GLU B 8 -14.24 2.94 -19.64
C GLU B 8 -15.22 2.25 -18.69
N LEU B 9 -16.01 3.05 -17.95
CA LEU B 9 -17.04 2.53 -17.09
C LEU B 9 -17.94 1.50 -17.75
N GLU B 10 -18.60 1.88 -18.85
CA GLU B 10 -19.46 0.93 -19.55
C GLU B 10 -18.74 -0.37 -19.85
N ASN B 11 -17.60 -0.30 -20.51
CA ASN B 11 -16.87 -1.51 -20.86
C ASN B 11 -16.51 -2.33 -19.62
N VAL B 12 -16.23 -1.65 -18.51
CA VAL B 12 -15.90 -2.39 -17.31
C VAL B 12 -17.12 -3.12 -16.72
N PHE B 13 -18.23 -2.39 -16.57
CA PHE B 13 -19.56 -2.93 -16.26
C PHE B 13 -19.86 -4.16 -17.10
N LEU B 14 -19.78 -4.00 -18.41
CA LEU B 14 -20.20 -5.03 -19.34
C LEU B 14 -19.32 -6.25 -19.28
N GLY B 15 -18.02 -6.01 -19.18
CA GLY B 15 -17.07 -7.08 -18.98
C GLY B 15 -17.36 -7.91 -17.76
N ARG B 16 -17.63 -7.24 -16.64
CA ARG B 16 -17.82 -7.92 -15.37
C ARG B 16 -19.16 -8.67 -15.30
N CYS B 17 -20.19 -8.02 -15.83
CA CYS B 17 -21.52 -8.60 -15.99
C CYS B 17 -21.48 -9.85 -16.88
N LYS B 18 -20.88 -9.75 -18.07
CA LYS B 18 -20.71 -10.96 -18.87
C LYS B 18 -19.95 -12.08 -18.18
N ASP B 19 -18.75 -11.77 -17.69
CA ASP B 19 -17.93 -12.70 -16.91
C ASP B 19 -18.80 -13.36 -15.86
N TYR B 20 -19.53 -12.55 -15.09
CA TYR B 20 -20.32 -13.06 -14.00
C TYR B 20 -21.38 -14.05 -14.47
N GLU B 21 -22.19 -13.60 -15.44
CA GLU B 21 -23.30 -14.35 -15.98
C GLU B 21 -22.88 -15.73 -16.39
N ILE B 22 -21.89 -15.85 -17.30
CA ILE B 22 -21.47 -17.13 -17.88
C ILE B 22 -20.63 -17.93 -16.92
N THR B 23 -19.85 -17.28 -16.04
CA THR B 23 -18.87 -18.06 -15.27
C THR B 23 -18.78 -17.92 -13.75
N ARG B 24 -19.53 -17.02 -13.13
CA ARG B 24 -19.26 -16.76 -11.70
C ARG B 24 -20.36 -17.21 -10.79
N TYR B 25 -20.00 -17.94 -9.74
CA TYR B 25 -20.97 -18.39 -8.76
C TYR B 25 -22.06 -19.30 -9.37
N LEU B 26 -21.72 -20.07 -10.39
CA LEU B 26 -22.74 -20.79 -11.12
C LEU B 26 -23.50 -21.70 -10.20
N ASP B 27 -22.80 -22.32 -9.25
CA ASP B 27 -23.56 -23.26 -8.42
C ASP B 27 -24.09 -22.70 -7.08
N ILE B 28 -24.09 -21.38 -6.95
CA ILE B 28 -24.12 -20.75 -5.64
C ILE B 28 -25.16 -19.65 -5.61
N LEU B 29 -25.22 -18.91 -6.70
CA LEU B 29 -26.15 -17.84 -6.86
C LEU B 29 -26.81 -17.97 -8.23
N PRO B 30 -28.07 -17.60 -8.34
CA PRO B 30 -28.73 -17.76 -9.64
C PRO B 30 -28.47 -16.59 -10.60
N ARG B 31 -28.68 -16.83 -11.91
CA ARG B 31 -28.62 -15.78 -12.94
C ARG B 31 -29.82 -14.86 -12.85
N VAL B 32 -29.65 -13.60 -13.21
CA VAL B 32 -30.80 -12.69 -13.41
C VAL B 32 -31.35 -12.90 -14.84
N ARG B 33 -32.51 -12.30 -15.12
CA ARG B 33 -33.07 -12.45 -16.44
C ARG B 33 -32.73 -11.35 -17.44
N SER B 34 -32.57 -10.11 -16.97
CA SER B 34 -32.09 -9.04 -17.84
C SER B 34 -30.70 -9.38 -18.42
N ASP B 35 -30.47 -9.02 -19.67
CA ASP B 35 -29.13 -9.13 -20.15
C ASP B 35 -28.31 -7.86 -19.81
N CYS B 36 -26.99 -7.99 -19.93
CA CYS B 36 -26.04 -6.98 -19.52
C CYS B 36 -26.38 -5.58 -20.04
N SER B 37 -26.62 -5.49 -21.35
CA SER B 37 -26.98 -4.20 -21.97
C SER B 37 -28.21 -3.58 -21.30
N ALA B 38 -29.18 -4.39 -20.90
CA ALA B 38 -30.38 -3.86 -20.25
C ALA B 38 -30.00 -3.35 -18.90
N LEU B 39 -29.14 -4.09 -18.20
CA LEU B 39 -28.81 -3.71 -16.83
C LEU B 39 -27.97 -2.46 -16.85
N TRP B 40 -27.23 -2.28 -17.93
CA TRP B 40 -26.45 -1.08 -18.06
C TRP B 40 -27.39 0.10 -18.23
N LYS B 41 -28.37 -0.04 -19.12
CA LYS B 41 -29.33 1.02 -19.39
C LYS B 41 -29.93 1.52 -18.09
N ASP B 42 -30.33 0.55 -17.27
CA ASP B 42 -30.91 0.78 -15.96
C ASP B 42 -29.97 1.52 -14.98
N PHE B 43 -28.70 1.11 -14.98
CA PHE B 43 -27.65 1.69 -14.16
C PHE B 43 -27.44 3.13 -14.58
N PHE B 44 -27.14 3.29 -15.88
CA PHE B 44 -26.81 4.57 -16.46
C PHE B 44 -27.88 5.66 -16.23
N LYS B 45 -29.14 5.38 -16.58
CA LYS B 45 -30.22 6.38 -16.40
C LYS B 45 -30.35 6.85 -14.95
N ALA B 46 -29.87 6.04 -14.02
CA ALA B 46 -29.96 6.37 -12.61
C ALA B 46 -29.21 7.66 -12.21
N PHE B 47 -28.10 7.93 -12.87
CA PHE B 47 -27.24 9.05 -12.49
C PHE B 47 -26.85 9.95 -13.67
N SER B 48 -27.12 9.54 -14.91
CA SER B 48 -26.65 10.31 -16.07
C SER B 48 -27.45 11.57 -16.32
N PHE B 49 -26.75 12.61 -16.77
CA PHE B 49 -27.39 13.89 -17.12
C PHE B 49 -28.00 14.44 -15.84
N LYS B 50 -27.13 14.58 -14.83
CA LYS B 50 -27.50 15.06 -13.51
C LYS B 50 -26.27 15.58 -12.80
N ASN B 51 -26.48 16.58 -11.95
CA ASN B 51 -25.44 17.00 -11.02
C ASN B 51 -24.86 15.75 -10.42
N PRO B 52 -23.53 15.67 -10.41
CA PRO B 52 -22.89 14.58 -9.71
C PRO B 52 -23.56 14.40 -8.34
N CYS B 53 -23.99 15.48 -7.69
CA CYS B 53 -24.64 15.38 -6.37
C CYS B 53 -26.17 15.25 -6.32
N ASP B 54 -26.82 15.07 -7.47
CA ASP B 54 -28.29 15.06 -7.50
C ASP B 54 -28.88 13.64 -7.47
N LEU B 55 -28.78 12.98 -6.31
CA LEU B 55 -29.17 11.58 -6.19
C LEU B 55 -29.77 11.29 -4.83
N ASP B 56 -30.79 10.44 -4.84
CA ASP B 56 -31.47 10.03 -3.62
C ASP B 56 -31.60 8.52 -3.58
N LEU B 57 -32.12 8.02 -2.47
CA LEU B 57 -32.22 6.59 -2.22
C LEU B 57 -33.00 5.81 -3.30
N GLY B 58 -33.69 6.51 -4.20
CA GLY B 58 -34.51 5.82 -5.19
C GLY B 58 -33.97 5.88 -6.61
N SER B 59 -32.81 6.51 -6.78
CA SER B 59 -32.23 6.71 -8.09
C SER B 59 -31.96 5.40 -8.81
N TYR B 60 -31.41 4.41 -8.08
CA TYR B 60 -31.00 3.11 -8.62
C TYR B 60 -32.03 1.95 -8.45
N LYS B 61 -33.18 2.28 -7.84
CA LYS B 61 -34.34 1.40 -7.74
C LYS B 61 -34.50 0.51 -8.98
N ASP B 62 -34.59 1.08 -10.17
CA ASP B 62 -34.80 0.22 -11.35
C ASP B 62 -33.64 -0.75 -11.63
N PHE B 63 -32.40 -0.27 -11.51
CA PHE B 63 -31.26 -1.13 -11.66
C PHE B 63 -31.30 -2.34 -10.68
N PHE B 64 -31.74 -2.12 -9.44
CA PHE B 64 -31.65 -3.20 -8.44
C PHE B 64 -32.78 -4.23 -8.55
N THR B 65 -34.00 -3.75 -8.75
CA THR B 65 -35.13 -4.59 -9.15
C THR B 65 -34.66 -5.59 -10.17
N SER B 66 -34.02 -5.10 -11.21
CA SER B 66 -33.56 -5.93 -12.32
C SER B 66 -32.38 -6.83 -11.96
N ALA B 67 -31.54 -6.33 -11.05
CA ALA B 67 -30.25 -6.94 -10.76
C ALA B 67 -30.35 -7.93 -9.61
N GLN B 68 -31.43 -7.88 -8.83
CA GLN B 68 -31.54 -8.67 -7.59
C GLN B 68 -31.72 -10.17 -7.79
N GLN B 69 -30.78 -10.94 -7.26
CA GLN B 69 -30.89 -12.39 -7.29
C GLN B 69 -31.59 -12.85 -6.05
N GLN B 70 -32.24 -14.02 -6.10
CA GLN B 70 -32.61 -14.74 -4.88
C GLN B 70 -31.35 -15.28 -4.17
N LEU B 71 -31.29 -15.05 -2.86
CA LEU B 71 -30.14 -15.39 -2.03
C LEU B 71 -30.39 -16.66 -1.24
N PRO B 72 -29.36 -17.54 -1.10
CA PRO B 72 -29.64 -18.85 -0.52
C PRO B 72 -29.76 -18.82 0.99
N LYS B 73 -30.73 -19.61 1.49
CA LYS B 73 -31.05 -19.75 2.92
C LYS B 73 -29.80 -19.89 3.76
N ASN B 74 -29.66 -18.97 4.70
CA ASN B 74 -28.65 -19.07 5.76
C ASN B 74 -27.23 -18.70 5.39
N LYS B 75 -27.04 -18.15 4.20
CA LYS B 75 -25.69 -17.84 3.75
C LYS B 75 -25.37 -16.32 3.66
N VAL B 76 -26.38 -15.47 3.81
CA VAL B 76 -26.14 -14.03 3.70
C VAL B 76 -25.35 -13.52 4.88
N MET B 77 -24.42 -12.64 4.59
CA MET B 77 -23.62 -12.04 5.59
C MET B 77 -23.53 -10.57 5.31
N PHE B 78 -23.58 -9.79 6.41
CA PHE B 78 -23.31 -8.36 6.41
C PHE B 78 -22.07 -8.24 7.24
N TRP B 79 -21.28 -7.20 6.94
CA TRP B 79 -19.99 -6.91 7.61
C TRP B 79 -19.81 -5.42 8.04
N SER B 80 -19.15 -5.16 9.18
CA SER B 80 -18.73 -3.79 9.51
C SER B 80 -17.31 -3.68 9.97
N GLY B 81 -16.63 -2.74 9.32
CA GLY B 81 -15.28 -2.36 9.63
C GLY B 81 -14.32 -3.52 9.55
N VAL B 82 -14.64 -4.52 8.73
CA VAL B 82 -13.80 -5.71 8.64
C VAL B 82 -13.77 -6.28 7.23
N TYR B 83 -13.55 -5.45 6.23
CA TYR B 83 -13.67 -5.95 4.86
C TYR B 83 -12.93 -7.27 4.61
N ASP B 84 -11.60 -7.25 4.72
CA ASP B 84 -10.77 -8.39 4.32
C ASP B 84 -11.12 -9.62 5.10
N GLU B 85 -11.44 -9.44 6.38
CA GLU B 85 -11.60 -10.58 7.23
C GLU B 85 -12.91 -11.27 6.91
N ALA B 86 -14.00 -10.49 6.81
CA ALA B 86 -15.30 -11.03 6.43
C ALA B 86 -15.17 -11.73 5.08
N HIS B 87 -14.70 -11.05 4.06
CA HIS B 87 -14.60 -11.69 2.74
C HIS B 87 -13.66 -12.92 2.67
N ASP B 88 -12.60 -12.95 3.48
CA ASP B 88 -11.75 -14.12 3.52
C ASP B 88 -12.57 -15.22 4.17
N TYR B 89 -13.28 -14.87 5.24
CA TYR B 89 -14.01 -15.86 6.00
C TYR B 89 -15.16 -16.42 5.19
N ALA B 90 -15.94 -15.54 4.56
CA ALA B 90 -17.00 -15.96 3.66
C ALA B 90 -16.47 -16.73 2.45
N ASN B 91 -15.21 -16.54 2.11
CA ASN B 91 -14.53 -17.40 1.16
C ASN B 91 -15.22 -17.55 -0.20
N THR B 92 -15.66 -16.44 -0.80
CA THR B 92 -16.18 -16.42 -2.17
C THR B 92 -17.43 -17.24 -2.34
N GLY B 93 -18.28 -17.14 -1.33
CA GLY B 93 -19.58 -17.75 -1.33
C GLY B 93 -19.52 -19.21 -1.03
N ARG B 94 -18.35 -19.72 -0.70
CA ARG B 94 -18.30 -21.11 -0.27
C ARG B 94 -18.92 -21.29 1.10
N LYS B 95 -18.75 -20.30 1.96
CA LYS B 95 -19.28 -20.39 3.30
C LYS B 95 -20.41 -19.38 3.50
N TYR B 96 -20.19 -18.11 3.20
CA TYR B 96 -21.30 -17.17 3.18
C TYR B 96 -21.27 -16.41 1.89
N ILE B 97 -22.37 -15.72 1.59
CA ILE B 97 -22.50 -14.79 0.45
C ILE B 97 -22.29 -13.42 1.05
N THR B 98 -21.60 -12.54 0.35
CA THR B 98 -21.57 -11.14 0.77
C THR B 98 -22.06 -10.34 -0.40
N LEU B 99 -22.44 -9.08 -0.13
CA LEU B 99 -22.89 -8.20 -1.19
C LEU B 99 -21.96 -8.30 -2.40
N GLU B 100 -20.67 -8.30 -2.13
CA GLU B 100 -19.64 -8.36 -3.16
C GLU B 100 -19.64 -9.59 -4.05
N ASP B 101 -20.39 -10.62 -3.67
CA ASP B 101 -20.53 -11.82 -4.47
C ASP B 101 -21.77 -11.76 -5.35
N THR B 102 -22.68 -10.86 -5.06
CA THR B 102 -23.90 -10.71 -5.86
C THR B 102 -23.52 -10.01 -7.16
N LEU B 103 -24.43 -10.04 -8.12
CA LEU B 103 -24.23 -9.40 -9.38
C LEU B 103 -23.93 -7.89 -9.27
N PRO B 104 -24.84 -7.09 -8.66
CA PRO B 104 -24.57 -5.65 -8.64
C PRO B 104 -23.34 -5.35 -7.80
N GLY B 105 -23.14 -6.10 -6.72
CA GLY B 105 -21.95 -5.92 -5.89
C GLY B 105 -20.68 -6.16 -6.65
N TYR B 106 -20.68 -7.24 -7.41
CA TYR B 106 -19.52 -7.68 -8.14
C TYR B 106 -19.24 -6.72 -9.31
N MET B 107 -20.28 -6.28 -10.03
CA MET B 107 -20.03 -5.34 -11.14
C MET B 107 -19.47 -4.00 -10.68
N LEU B 108 -19.97 -3.49 -9.55
CA LEU B 108 -19.60 -2.13 -9.16
C LEU B 108 -18.56 -2.01 -8.08
N ASN B 109 -18.26 -3.09 -7.40
CA ASN B 109 -17.20 -3.07 -6.40
C ASN B 109 -15.92 -2.26 -6.75
N SER B 110 -15.57 -1.26 -5.94
CA SER B 110 -14.40 -0.41 -6.19
C SER B 110 -14.51 0.64 -7.31
N LEU B 111 -15.55 0.59 -8.13
CA LEU B 111 -15.60 1.50 -9.22
C LEU B 111 -16.00 2.89 -8.70
N VAL B 112 -15.52 3.93 -9.40
CA VAL B 112 -15.82 5.31 -9.06
C VAL B 112 -16.46 6.00 -10.27
N TRP B 113 -17.68 6.52 -10.08
CA TRP B 113 -18.38 7.21 -11.17
C TRP B 113 -19.33 8.29 -10.68
N CYS B 114 -19.69 9.18 -11.62
CA CYS B 114 -20.66 10.24 -11.36
C CYS B 114 -21.16 10.85 -12.66
N GLY B 115 -22.37 11.44 -12.56
CA GLY B 115 -23.02 12.12 -13.67
C GLY B 115 -22.59 13.57 -13.82
N GLN B 116 -22.89 14.13 -14.99
CA GLN B 116 -22.75 15.55 -15.28
C GLN B 116 -23.90 15.88 -16.21
N ARG B 117 -24.47 17.08 -16.06
CA ARG B 117 -25.62 17.53 -16.90
C ARG B 117 -25.32 17.65 -18.39
N ALA B 118 -24.08 17.98 -18.74
CA ALA B 118 -23.64 18.05 -20.13
C ALA B 118 -23.43 16.71 -20.80
N ASN B 119 -23.47 16.69 -22.12
CA ASN B 119 -22.90 15.57 -22.87
C ASN B 119 -21.54 15.20 -22.28
N PRO B 120 -21.30 13.90 -22.08
CA PRO B 120 -22.27 12.88 -22.45
C PRO B 120 -22.94 12.22 -21.27
N GLY B 121 -23.30 12.99 -20.24
CA GLY B 121 -24.09 12.47 -19.13
C GLY B 121 -23.26 12.11 -17.92
N PHE B 122 -22.02 11.76 -18.12
CA PHE B 122 -21.16 11.35 -17.04
C PHE B 122 -19.82 11.99 -17.16
N ASN B 123 -19.13 12.11 -16.03
CA ASN B 123 -17.79 12.66 -15.99
C ASN B 123 -16.73 11.58 -15.96
N GLU B 124 -15.71 11.70 -16.82
CA GLU B 124 -14.56 10.80 -16.79
C GLU B 124 -13.30 11.53 -16.28
N LYS B 125 -13.40 12.84 -16.11
CA LYS B 125 -12.27 13.64 -15.64
C LYS B 125 -12.22 13.62 -14.12
N VAL B 126 -13.29 14.10 -13.48
CA VAL B 126 -13.34 14.24 -12.03
C VAL B 126 -14.69 13.80 -11.45
N CYS B 127 -14.69 13.48 -10.16
CA CYS B 127 -15.92 13.19 -9.42
C CYS B 127 -15.77 13.77 -8.02
N PRO B 128 -16.88 14.17 -7.38
CA PRO B 128 -16.66 15.12 -6.32
C PRO B 128 -16.20 14.47 -5.03
N ASP B 129 -15.58 15.29 -4.21
CA ASP B 129 -15.17 14.95 -2.85
C ASP B 129 -16.35 14.22 -2.23
N PHE B 130 -16.12 12.95 -1.89
CA PHE B 130 -17.03 12.19 -1.03
C PHE B 130 -17.93 13.11 -0.17
N LYS B 131 -17.30 14.01 0.58
CA LYS B 131 -17.98 14.79 1.63
C LYS B 131 -18.70 16.06 1.18
N THR B 132 -18.78 16.32 -0.13
CA THR B 132 -19.57 17.46 -0.58
C THR B 132 -21.05 17.14 -0.65
N CYS B 133 -21.41 15.99 -1.23
CA CYS B 133 -22.81 15.63 -1.49
C CYS B 133 -23.57 15.31 -0.20
N PRO B 134 -24.89 15.58 -0.17
CA PRO B 134 -25.74 15.16 0.95
C PRO B 134 -25.70 13.67 1.23
N VAL B 135 -25.82 13.29 2.50
CA VAL B 135 -25.82 11.88 2.89
C VAL B 135 -26.64 10.97 1.94
N GLN B 136 -27.79 11.45 1.48
CA GLN B 136 -28.70 10.61 0.69
C GLN B 136 -28.19 10.38 -0.71
N ALA B 137 -27.26 11.24 -1.14
CA ALA B 137 -26.77 11.19 -2.50
C ALA B 137 -25.49 10.36 -2.57
N ARG B 138 -24.66 10.44 -1.52
CA ARG B 138 -23.41 9.71 -1.51
C ARG B 138 -23.67 8.24 -1.22
N GLU B 139 -24.76 7.97 -0.49
CA GLU B 139 -25.14 6.61 -0.11
C GLU B 139 -26.23 6.06 -1.05
N SER B 140 -26.49 6.78 -2.14
CA SER B 140 -27.55 6.40 -3.06
C SER B 140 -27.33 5.01 -3.69
N PHE B 141 -26.15 4.76 -4.27
CA PHE B 141 -25.87 3.43 -4.82
C PHE B 141 -25.71 2.29 -3.80
N TRP B 142 -24.71 2.41 -2.92
CA TRP B 142 -24.49 1.35 -1.93
C TRP B 142 -25.56 1.23 -0.83
N GLY B 143 -26.20 2.36 -0.47
CA GLY B 143 -27.38 2.31 0.40
C GLY B 143 -28.46 1.39 -0.15
N MET B 144 -28.89 1.65 -1.40
CA MET B 144 -29.93 0.84 -2.04
C MET B 144 -29.49 -0.59 -2.32
N ALA B 145 -28.25 -0.74 -2.82
CA ALA B 145 -27.64 -2.07 -2.88
C ALA B 145 -27.85 -2.87 -1.58
N SER B 146 -27.40 -2.30 -0.45
CA SER B 146 -27.54 -2.99 0.84
C SER B 146 -29.01 -3.22 1.26
N SER B 147 -29.90 -2.23 1.06
CA SER B 147 -31.34 -2.44 1.31
C SER B 147 -31.83 -3.64 0.54
N SER B 148 -31.54 -3.68 -0.76
CA SER B 148 -32.11 -4.71 -1.62
C SER B 148 -31.57 -6.11 -1.29
N TYR B 149 -30.27 -6.19 -1.02
CA TYR B 149 -29.61 -7.41 -0.54
C TYR B 149 -30.23 -7.92 0.75
N ALA B 150 -30.34 -7.02 1.72
CA ALA B 150 -30.95 -7.30 3.00
C ALA B 150 -32.42 -7.75 2.82
N HIS B 151 -33.11 -7.10 1.89
CA HIS B 151 -34.49 -7.44 1.63
C HIS B 151 -34.68 -8.84 1.07
N SER B 152 -33.65 -9.34 0.41
CA SER B 152 -33.68 -10.63 -0.24
C SER B 152 -33.16 -11.76 0.63
N ALA B 153 -32.44 -11.44 1.71
CA ALA B 153 -31.90 -12.47 2.66
C ALA B 153 -33.02 -13.37 3.21
N GLU B 154 -32.71 -14.64 3.44
CA GLU B 154 -33.63 -15.60 4.05
C GLU B 154 -32.90 -16.47 5.11
N GLY B 155 -33.66 -16.91 6.10
CA GLY B 155 -33.12 -17.82 7.10
C GLY B 155 -32.28 -17.03 8.07
N GLU B 156 -31.07 -17.51 8.31
CA GLU B 156 -30.25 -16.94 9.35
C GLU B 156 -29.22 -16.07 8.69
N VAL B 157 -29.15 -14.80 9.06
CA VAL B 157 -28.10 -13.92 8.56
C VAL B 157 -26.96 -13.81 9.56
N THR B 158 -25.76 -13.63 9.03
CA THR B 158 -24.58 -13.36 9.82
C THR B 158 -24.04 -11.93 9.65
N TYR B 159 -23.67 -11.33 10.79
CA TYR B 159 -23.15 -9.99 10.80
C TYR B 159 -21.75 -9.98 11.41
N MET B 160 -20.73 -9.71 10.59
CA MET B 160 -19.38 -9.75 11.17
C MET B 160 -18.97 -8.34 11.46
N VAL B 161 -18.51 -8.10 12.70
CA VAL B 161 -18.17 -6.76 13.23
C VAL B 161 -16.80 -6.66 13.90
N ASP B 162 -16.20 -5.47 13.79
CA ASP B 162 -14.99 -5.09 14.51
C ASP B 162 -15.37 -4.78 15.98
N GLY B 163 -14.76 -5.49 16.93
CA GLY B 163 -14.95 -5.18 18.34
C GLY B 163 -13.74 -4.58 19.02
N SER B 164 -12.80 -4.06 18.24
CA SER B 164 -11.50 -3.56 18.70
C SER B 164 -11.34 -2.12 18.26
N ASN B 165 -12.44 -1.47 17.90
CA ASN B 165 -12.41 -0.05 17.51
C ASN B 165 -13.00 0.94 18.56
N PRO B 166 -12.12 1.55 19.36
CA PRO B 166 -12.59 2.44 20.42
C PRO B 166 -13.45 3.62 19.92
N LYS B 167 -13.43 3.87 18.61
CA LYS B 167 -14.05 5.06 18.01
C LYS B 167 -15.37 4.80 17.30
N VAL B 168 -15.69 3.51 17.13
CA VAL B 168 -16.77 3.06 16.26
C VAL B 168 -17.46 1.86 16.93
N PRO B 169 -18.71 2.02 17.39
CA PRO B 169 -19.28 0.85 18.08
C PRO B 169 -19.65 -0.27 17.10
N ALA B 170 -19.59 -1.50 17.58
CA ALA B 170 -19.99 -2.66 16.81
C ALA B 170 -21.26 -2.35 16.06
N TYR B 171 -22.27 -1.90 16.79
CA TYR B 171 -23.54 -1.58 16.17
C TYR B 171 -23.86 -0.08 16.24
N ARG B 172 -24.19 0.50 15.10
CA ARG B 172 -24.53 1.92 15.06
C ARG B 172 -25.73 2.19 14.18
N PRO B 173 -26.77 2.84 14.73
CA PRO B 173 -27.99 3.19 14.02
C PRO B 173 -27.73 3.79 12.65
N ASP B 174 -26.62 4.48 12.49
CA ASP B 174 -26.28 5.06 11.19
C ASP B 174 -25.24 4.37 10.28
N SER B 175 -24.70 3.21 10.65
CA SER B 175 -23.87 2.46 9.70
C SER B 175 -24.75 2.02 8.53
N PHE B 176 -24.21 1.25 7.59
CA PHE B 176 -25.06 0.63 6.57
C PHE B 176 -25.94 -0.45 7.16
N PHE B 177 -25.37 -1.26 8.04
CA PHE B 177 -26.17 -2.26 8.70
C PHE B 177 -27.35 -1.60 9.44
N GLY B 178 -27.06 -0.62 10.29
CA GLY B 178 -28.11 0.04 11.06
C GLY B 178 -29.14 0.79 10.24
N LYS B 179 -28.69 1.40 9.16
CA LYS B 179 -29.53 2.25 8.34
C LYS B 179 -30.24 1.47 7.23
N TYR B 180 -29.53 0.52 6.60
CA TYR B 180 -30.05 -0.14 5.38
C TYR B 180 -30.24 -1.64 5.43
N GLU B 181 -29.48 -2.32 6.27
CA GLU B 181 -29.62 -3.75 6.30
C GLU B 181 -30.61 -4.17 7.39
N LEU B 182 -30.21 -4.06 8.64
CA LEU B 182 -31.14 -4.33 9.72
C LEU B 182 -32.62 -3.86 9.49
N PRO B 183 -32.85 -2.62 9.03
CA PRO B 183 -34.26 -2.26 8.77
C PRO B 183 -34.93 -2.92 7.57
N ASN B 184 -34.19 -3.66 6.74
CA ASN B 184 -34.84 -4.31 5.61
C ASN B 184 -34.86 -5.81 5.71
N LEU B 185 -34.38 -6.33 6.85
CA LEU B 185 -34.57 -7.74 7.15
C LEU B 185 -36.06 -7.99 7.22
N THR B 186 -36.52 -9.10 6.67
CA THR B 186 -37.95 -9.35 6.53
C THR B 186 -38.37 -10.61 7.29
N ASN B 187 -39.63 -11.03 7.09
CA ASN B 187 -40.16 -12.23 7.70
C ASN B 187 -39.51 -13.52 7.18
N LYS B 188 -38.74 -13.42 6.08
CA LYS B 188 -37.96 -14.55 5.54
C LYS B 188 -36.79 -14.88 6.45
N VAL B 189 -36.42 -13.90 7.29
CA VAL B 189 -35.22 -13.98 8.12
C VAL B 189 -35.64 -14.49 9.45
N THR B 190 -34.87 -15.42 10.00
CA THR B 190 -35.25 -16.06 11.24
C THR B 190 -34.30 -15.80 12.40
N ARG B 191 -33.12 -15.30 12.12
CA ARG B 191 -32.12 -15.17 13.16
C ARG B 191 -31.01 -14.29 12.65
N VAL B 192 -30.40 -13.57 13.56
CA VAL B 192 -29.26 -12.76 13.28
C VAL B 192 -28.18 -13.31 14.17
N LYS B 193 -27.04 -13.58 13.55
CA LYS B 193 -25.90 -14.22 14.19
C LYS B 193 -24.75 -13.27 14.13
N VAL B 194 -24.39 -12.66 15.25
CA VAL B 194 -23.25 -11.76 15.28
C VAL B 194 -21.93 -12.49 15.50
N ILE B 195 -20.93 -12.04 14.79
CA ILE B 195 -19.58 -12.50 14.98
C ILE B 195 -18.77 -11.23 15.30
N VAL B 196 -18.24 -11.19 16.53
CA VAL B 196 -17.40 -10.05 16.95
C VAL B 196 -15.95 -10.39 16.72
N LEU B 197 -15.30 -9.60 15.89
CA LEU B 197 -13.92 -9.90 15.57
C LEU B 197 -13.04 -9.04 16.41
N HIS B 198 -12.15 -9.67 17.18
CA HIS B 198 -11.20 -8.94 18.04
C HIS B 198 -9.80 -9.04 17.50
N ARG B 199 -9.33 -7.94 16.92
CA ARG B 199 -8.04 -7.91 16.28
C ARG B 199 -6.92 -8.33 17.24
N LEU B 200 -5.99 -9.14 16.73
CA LEU B 200 -4.89 -9.69 17.50
C LEU B 200 -3.97 -8.60 18.05
N GLY B 201 -3.59 -8.72 19.31
CA GLY B 201 -2.78 -7.69 19.96
C GLY B 201 -3.42 -6.32 20.11
N GLU B 202 -4.75 -6.26 20.16
CA GLU B 202 -5.45 -5.01 20.47
C GLU B 202 -6.37 -5.12 21.68
N LYS B 203 -6.66 -3.99 22.31
CA LYS B 203 -7.61 -3.96 23.39
C LYS B 203 -8.95 -4.45 22.87
N ILE B 204 -9.59 -5.34 23.62
CA ILE B 204 -10.96 -5.73 23.33
C ILE B 204 -11.87 -4.62 23.81
N ILE B 205 -12.82 -4.22 22.99
CA ILE B 205 -13.64 -3.05 23.26
C ILE B 205 -15.11 -3.44 23.31
N GLU B 206 -15.53 -4.28 22.39
CA GLU B 206 -16.92 -4.69 22.33
C GLU B 206 -17.14 -6.16 22.72
N LYS B 207 -18.18 -6.40 23.51
CA LYS B 207 -18.47 -7.74 23.97
C LYS B 207 -19.93 -7.99 23.83
N CYS B 208 -20.23 -9.25 23.50
CA CYS B 208 -21.59 -9.77 23.46
C CYS B 208 -22.31 -9.46 24.77
N GLY B 209 -23.53 -8.97 24.69
CA GLY B 209 -24.34 -8.67 25.89
C GLY B 209 -24.03 -7.41 26.67
N ALA B 210 -23.32 -6.49 26.04
CA ALA B 210 -22.97 -5.21 26.66
C ALA B 210 -22.90 -4.15 25.58
N GLY B 211 -22.96 -2.90 25.97
CA GLY B 211 -22.79 -1.79 25.06
C GLY B 211 -23.72 -1.89 23.88
N SER B 212 -23.23 -1.48 22.72
CA SER B 212 -24.06 -1.44 21.50
C SER B 212 -24.55 -2.85 21.09
N LEU B 213 -23.80 -3.89 21.44
CA LEU B 213 -24.27 -5.24 21.12
C LEU B 213 -25.57 -5.59 21.85
N LEU B 214 -25.71 -5.11 23.09
CA LEU B 214 -26.89 -5.38 23.90
C LEU B 214 -28.09 -4.67 23.29
N ASP B 215 -27.86 -3.44 22.84
CA ASP B 215 -28.85 -2.68 22.10
C ASP B 215 -29.32 -3.44 20.87
N LEU B 216 -28.37 -4.08 20.18
CA LEU B 216 -28.66 -4.81 18.96
C LEU B 216 -29.55 -6.00 19.28
N GLU B 217 -29.12 -6.78 20.25
CA GLU B 217 -29.88 -7.90 20.77
C GLU B 217 -31.34 -7.53 21.01
N LYS B 218 -31.58 -6.39 21.63
CA LYS B 218 -32.96 -6.00 21.92
C LYS B 218 -33.74 -5.60 20.68
N LEU B 219 -33.06 -4.98 19.72
CA LEU B 219 -33.69 -4.59 18.45
C LEU B 219 -34.06 -5.81 17.59
N VAL B 220 -33.20 -6.81 17.63
CA VAL B 220 -33.37 -8.01 16.84
C VAL B 220 -34.55 -8.82 17.37
N LYS B 221 -34.66 -8.90 18.68
CA LYS B 221 -35.71 -9.67 19.28
C LYS B 221 -37.07 -8.98 19.18
N ALA B 222 -37.07 -7.64 19.21
CA ALA B 222 -38.30 -6.88 19.02
C ALA B 222 -38.89 -7.18 17.62
N LYS B 223 -38.02 -7.60 16.70
CA LYS B 223 -38.44 -7.93 15.33
C LYS B 223 -38.73 -9.42 15.16
N HIS B 224 -38.72 -10.13 16.29
CA HIS B 224 -39.08 -11.56 16.36
C HIS B 224 -38.14 -12.52 15.61
N PHE B 225 -36.85 -12.17 15.60
CA PHE B 225 -35.80 -13.00 15.07
C PHE B 225 -35.03 -13.56 16.23
N ALA B 226 -34.38 -14.69 16.04
CA ALA B 226 -33.49 -15.25 17.07
C ALA B 226 -32.16 -14.54 17.06
N PHE B 227 -31.41 -14.68 18.13
CA PHE B 227 -30.17 -13.95 18.25
C PHE B 227 -29.07 -14.77 18.88
N ASP B 228 -27.92 -14.88 18.23
CA ASP B 228 -26.70 -15.20 19.00
C ASP B 228 -25.54 -14.26 18.64
N CYS B 229 -24.43 -14.43 19.33
CA CYS B 229 -23.29 -13.54 19.24
C CYS B 229 -22.09 -14.30 19.77
N VAL B 230 -21.03 -14.36 19.02
CA VAL B 230 -19.87 -15.08 19.45
C VAL B 230 -18.66 -14.15 19.22
N GLU B 231 -17.56 -14.39 19.93
CA GLU B 231 -16.36 -13.52 19.85
C GLU B 231 -15.20 -14.38 19.50
N ASN B 232 -14.45 -13.99 18.48
CA ASN B 232 -13.34 -14.81 17.95
C ASN B 232 -13.59 -16.34 17.90
N PRO B 233 -14.64 -16.76 17.21
CA PRO B 233 -14.81 -18.21 17.05
C PRO B 233 -13.58 -18.82 16.38
N ARG B 234 -13.26 -20.05 16.78
CA ARG B 234 -11.97 -20.65 16.37
C ARG B 234 -11.66 -20.52 14.89
N ALA B 235 -12.64 -20.75 14.04
CA ALA B 235 -12.39 -20.76 12.59
C ALA B 235 -11.90 -19.39 12.10
N VAL B 236 -12.60 -18.33 12.50
CA VAL B 236 -12.12 -16.95 12.31
C VAL B 236 -10.75 -16.69 12.97
N LEU B 237 -10.59 -17.04 14.26
CA LEU B 237 -9.29 -16.89 14.92
C LEU B 237 -8.11 -17.43 14.07
N PHE B 238 -8.34 -18.56 13.42
CA PHE B 238 -7.29 -19.22 12.63
C PHE B 238 -6.94 -18.42 11.40
N LEU B 239 -7.96 -17.81 10.80
CA LEU B 239 -7.77 -16.83 9.77
C LEU B 239 -6.89 -15.63 10.18
N LEU B 240 -7.25 -14.96 11.29
CA LEU B 240 -6.38 -13.92 11.78
C LEU B 240 -4.98 -14.48 12.01
N CYS B 241 -4.89 -15.65 12.63
CA CYS B 241 -3.59 -16.20 12.97
C CYS B 241 -2.70 -16.46 11.78
N SER B 242 -3.28 -16.86 10.65
CA SER B 242 -2.44 -17.02 9.46
C SER B 242 -1.70 -15.73 9.09
N ASP B 243 -2.33 -14.55 9.21
CA ASP B 243 -1.61 -13.28 8.93
C ASP B 243 -0.66 -12.81 10.03
N ASN B 244 -0.81 -13.36 11.24
CA ASN B 244 0.02 -12.99 12.37
C ASN B 244 0.30 -14.17 13.32
N PRO B 245 1.05 -15.17 12.82
CA PRO B 245 1.24 -16.46 13.49
C PRO B 245 1.87 -16.37 14.89
N ASN B 246 2.73 -15.38 15.12
CA ASN B 246 3.38 -15.25 16.42
C ASN B 246 2.55 -14.53 17.47
N ALA B 247 1.46 -13.89 17.05
CA ALA B 247 0.57 -13.23 18.00
C ALA B 247 0.26 -14.11 19.23
N ARG B 248 0.29 -13.50 20.42
CA ARG B 248 0.00 -14.24 21.68
C ARG B 248 -1.21 -15.17 21.61
N GLU B 249 -2.27 -14.72 20.93
CA GLU B 249 -3.55 -15.43 20.87
C GLU B 249 -3.48 -16.71 20.03
N CYS B 250 -2.44 -16.84 19.21
CA CYS B 250 -2.21 -18.03 18.41
C CYS B 250 -1.14 -18.97 19.00
N ARG B 251 -1.37 -19.47 20.21
CA ARG B 251 -0.50 -20.51 20.76
C ARG B 251 -1.13 -21.91 20.69
N LEU B 252 -0.28 -22.88 20.27
CA LEU B 252 -0.60 -24.33 20.17
C LEU B 252 0.31 -25.22 21.03
N ALA B 253 -0.31 -26.27 21.58
CA ALA B 253 0.41 -27.46 22.08
C ALA B 253 1.77 -27.22 22.72
N ILE C 3 11.46 -13.78 21.45
CA ILE C 3 11.79 -12.32 21.41
C ILE C 3 12.28 -11.80 20.03
N VAL C 4 11.59 -10.78 19.51
CA VAL C 4 11.75 -10.30 18.13
C VAL C 4 12.66 -9.08 18.05
N PRO C 5 13.68 -9.11 17.18
CA PRO C 5 14.58 -7.96 17.10
C PRO C 5 13.91 -6.68 16.62
N THR C 6 14.61 -5.58 16.79
CA THR C 6 14.16 -4.30 16.32
C THR C 6 14.40 -4.28 14.82
N ARG C 7 13.38 -3.92 14.04
CA ARG C 7 13.49 -3.84 12.59
C ARG C 7 14.35 -2.64 12.13
N GLU C 8 14.90 -2.75 10.94
CA GLU C 8 15.83 -1.74 10.41
C GLU C 8 16.73 -1.10 11.49
N LEU C 9 17.50 -1.95 12.18
CA LEU C 9 18.32 -1.54 13.29
C LEU C 9 19.37 -0.50 12.92
N GLU C 10 20.11 -0.74 11.85
CA GLU C 10 21.05 0.29 11.39
C GLU C 10 20.37 1.68 11.27
N ASN C 11 19.20 1.73 10.65
CA ASN C 11 18.50 3.00 10.45
C ASN C 11 18.02 3.64 11.74
N VAL C 12 17.56 2.81 12.67
CA VAL C 12 17.16 3.32 13.97
C VAL C 12 18.37 3.84 14.72
N PHE C 13 19.43 3.04 14.78
CA PHE C 13 20.64 3.43 15.48
C PHE C 13 21.13 4.81 15.00
N LEU C 14 21.18 4.95 13.66
CA LEU C 14 21.65 6.14 12.96
C LEU C 14 20.69 7.32 13.11
N GLY C 15 19.43 7.11 12.83
CA GLY C 15 18.47 8.18 13.01
C GLY C 15 18.49 8.75 14.43
N ARG C 16 18.41 7.87 15.44
CA ARG C 16 18.61 8.27 16.82
C ARG C 16 19.93 8.94 17.03
N CYS C 17 20.98 8.51 16.33
CA CYS C 17 22.31 9.07 16.62
C CYS C 17 22.37 10.55 16.20
N LYS C 18 21.98 10.77 14.95
CA LYS C 18 21.93 12.09 14.35
C LYS C 18 20.97 13.02 15.09
N ASP C 19 19.81 12.53 15.49
CA ASP C 19 18.87 13.33 16.32
C ASP C 19 19.53 13.79 17.63
N TYR C 20 20.22 12.88 18.30
CA TYR C 20 20.95 13.26 19.50
C TYR C 20 22.05 14.29 19.18
N GLU C 21 22.92 13.97 18.22
CA GLU C 21 24.04 14.85 17.87
C GLU C 21 23.62 16.30 17.85
N ILE C 22 22.63 16.57 17.00
CA ILE C 22 22.20 17.93 16.68
C ILE C 22 21.23 18.55 17.70
N THR C 23 20.35 17.76 18.33
CA THR C 23 19.21 18.37 19.03
C THR C 23 18.99 18.08 20.51
N ARG C 24 19.67 17.07 21.06
CA ARG C 24 19.38 16.53 22.41
C ARG C 24 20.53 16.78 23.43
N TYR C 25 20.15 17.34 24.59
CA TYR C 25 21.02 17.56 25.75
C TYR C 25 22.15 18.53 25.42
N LEU C 26 21.89 19.42 24.45
CA LEU C 26 22.89 20.38 23.98
C LEU C 26 23.67 21.07 25.10
N ASP C 27 22.96 21.58 26.10
CA ASP C 27 23.62 22.35 27.14
C ASP C 27 23.77 21.57 28.44
N ILE C 28 23.85 20.25 28.31
CA ILE C 28 23.93 19.35 29.44
C ILE C 28 25.05 18.32 29.25
N LEU C 29 25.24 17.88 28.01
CA LEU C 29 26.11 16.77 27.67
C LEU C 29 26.89 17.10 26.42
N PRO C 30 28.19 16.84 26.46
CA PRO C 30 29.05 17.16 25.35
C PRO C 30 28.71 16.29 24.13
N ARG C 31 28.88 16.80 22.93
CA ARG C 31 28.91 15.88 21.81
C ARG C 31 30.20 15.04 21.78
N VAL C 32 30.10 13.96 21.05
CA VAL C 32 31.20 13.05 20.91
C VAL C 32 31.99 13.39 19.64
N ARG C 33 33.23 12.89 19.59
CA ARG C 33 34.16 13.14 18.50
C ARG C 33 33.81 12.36 17.26
N SER C 34 33.43 11.10 17.44
CA SER C 34 33.24 10.14 16.36
C SER C 34 31.90 10.36 15.74
N ASP C 35 31.90 10.48 14.43
CA ASP C 35 30.70 10.62 13.66
C ASP C 35 29.82 9.34 13.68
N CYS C 36 28.50 9.52 13.53
CA CYS C 36 27.53 8.41 13.67
C CYS C 36 27.89 7.15 12.90
N SER C 37 28.26 7.32 11.65
CA SER C 37 28.54 6.14 10.85
C SER C 37 29.71 5.28 11.42
N ALA C 38 30.67 5.93 12.08
CA ALA C 38 31.78 5.22 12.70
C ALA C 38 31.30 4.52 13.92
N LEU C 39 30.46 5.19 14.72
CA LEU C 39 29.91 4.55 15.91
C LEU C 39 29.12 3.28 15.61
N TRP C 40 28.48 3.25 14.45
CA TRP C 40 27.78 2.09 13.96
C TRP C 40 28.74 0.93 13.65
N LYS C 41 29.80 1.16 12.88
CA LYS C 41 30.88 0.20 12.74
C LYS C 41 31.33 -0.42 14.08
N ASP C 42 31.66 0.43 15.04
CA ASP C 42 32.18 -0.01 16.32
C ASP C 42 31.18 -0.84 17.07
N PHE C 43 29.90 -0.50 16.89
CA PHE C 43 28.81 -1.14 17.61
C PHE C 43 28.52 -2.48 16.93
N PHE C 44 28.57 -2.46 15.61
CA PHE C 44 28.30 -3.62 14.81
C PHE C 44 29.41 -4.68 14.95
N LYS C 45 30.66 -4.23 15.03
CA LYS C 45 31.80 -5.15 15.19
C LYS C 45 31.58 -6.04 16.37
N ALA C 46 30.82 -5.58 17.35
CA ALA C 46 30.89 -6.20 18.65
C ALA C 46 30.09 -7.48 18.74
N PHE C 47 29.05 -7.61 17.93
CA PHE C 47 28.19 -8.79 17.94
C PHE C 47 28.00 -9.48 16.58
N SER C 48 28.31 -8.78 15.48
CA SER C 48 28.05 -9.34 14.15
C SER C 48 28.96 -10.51 13.82
N PHE C 49 28.43 -11.44 13.03
CA PHE C 49 29.15 -12.65 12.56
C PHE C 49 29.59 -13.60 13.67
N LYS C 50 29.11 -13.37 14.87
CA LYS C 50 29.26 -14.28 16.00
C LYS C 50 27.93 -15.00 16.36
N ASN C 51 28.03 -16.07 17.14
CA ASN C 51 26.84 -16.67 17.72
C ASN C 51 26.27 -15.66 18.69
N PRO C 52 24.94 -15.55 18.75
CA PRO C 52 24.37 -14.48 19.58
C PRO C 52 24.66 -14.70 21.06
N CYS C 53 25.46 -15.71 21.36
CA CYS C 53 25.86 -16.04 22.71
C CYS C 53 27.35 -15.92 22.99
N ASP C 54 28.16 -15.60 21.98
CA ASP C 54 29.63 -15.49 22.18
C ASP C 54 30.07 -14.06 22.51
N LEU C 55 29.50 -13.52 23.59
CA LEU C 55 29.68 -12.14 23.92
C LEU C 55 30.14 -12.03 25.34
N ASP C 56 31.09 -11.14 25.56
CA ASP C 56 31.62 -10.89 26.90
C ASP C 56 31.78 -9.40 27.20
N LEU C 57 31.96 -9.12 28.49
CA LEU C 57 32.13 -7.77 29.00
C LEU C 57 33.03 -6.89 28.12
N GLY C 58 33.78 -7.50 27.22
CA GLY C 58 34.70 -6.75 26.40
C GLY C 58 34.21 -6.46 25.00
N SER C 59 33.21 -7.20 24.54
CA SER C 59 32.79 -7.14 23.14
C SER C 59 32.58 -5.70 22.67
N TYR C 60 31.87 -4.92 23.47
CA TYR C 60 31.53 -3.55 23.11
C TYR C 60 32.49 -2.50 23.73
N LYS C 61 33.69 -2.91 24.12
CA LYS C 61 34.70 -2.00 24.67
C LYS C 61 34.93 -0.80 23.76
N ASP C 62 35.29 -1.07 22.50
CA ASP C 62 35.54 -0.03 21.51
C ASP C 62 34.36 0.89 21.29
N PHE C 63 33.18 0.31 21.10
CA PHE C 63 32.02 1.12 20.93
C PHE C 63 31.89 2.11 22.10
N PHE C 64 32.01 1.63 23.33
CA PHE C 64 31.85 2.52 24.49
C PHE C 64 32.93 3.57 24.65
N THR C 65 34.15 3.23 24.26
CA THR C 65 35.25 4.18 24.44
C THR C 65 34.99 5.36 23.54
N SER C 66 34.64 5.01 22.30
CA SER C 66 34.19 5.92 21.28
C SER C 66 32.95 6.73 21.70
N ALA C 67 32.00 6.08 22.36
CA ALA C 67 30.70 6.71 22.67
C ALA C 67 30.64 7.42 24.02
N GLN C 68 31.67 7.26 24.85
CA GLN C 68 31.63 7.84 26.20
C GLN C 68 31.67 9.37 26.18
N GLN C 69 30.80 9.98 26.96
CA GLN C 69 30.77 11.42 27.17
C GLN C 69 31.28 11.72 28.60
N GLN C 70 32.01 12.82 28.78
CA GLN C 70 32.12 13.45 30.09
C GLN C 70 30.75 13.84 30.72
N LEU C 71 30.63 13.56 32.02
CA LEU C 71 29.39 13.70 32.73
C LEU C 71 29.38 14.80 33.75
N PRO C 72 28.27 15.55 33.84
CA PRO C 72 28.23 16.69 34.78
C PRO C 72 28.37 16.29 36.23
N LYS C 73 29.25 16.99 36.93
CA LYS C 73 29.57 16.80 38.34
C LYS C 73 28.32 16.86 39.23
N ASN C 74 28.17 15.87 40.08
CA ASN C 74 27.01 15.79 40.98
C ASN C 74 25.69 15.31 40.36
N LYS C 75 25.61 15.19 39.03
CA LYS C 75 24.34 14.91 38.35
C LYS C 75 24.06 13.45 37.97
N VAL C 76 25.04 12.57 38.11
CA VAL C 76 24.87 11.17 37.73
C VAL C 76 23.99 10.42 38.73
N MET C 77 23.02 9.73 38.16
CA MET C 77 22.13 8.93 38.95
C MET C 77 22.06 7.53 38.41
N PHE C 78 21.86 6.59 39.33
CA PHE C 78 21.70 5.17 39.05
C PHE C 78 20.39 4.66 39.66
N TRP C 79 19.73 3.67 39.06
CA TRP C 79 18.46 3.21 39.60
C TRP C 79 18.33 1.71 39.64
N SER C 80 17.53 1.19 40.57
CA SER C 80 17.11 -0.23 40.54
C SER C 80 15.62 -0.40 40.74
N GLY C 81 14.99 -1.10 39.79
CA GLY C 81 13.59 -1.42 39.85
C GLY C 81 12.66 -0.23 40.03
N VAL C 82 13.09 0.94 39.57
CA VAL C 82 12.25 2.11 39.61
C VAL C 82 12.42 2.89 38.29
N TYR C 83 12.34 2.19 37.16
CA TYR C 83 12.56 2.88 35.91
C TYR C 83 11.73 4.17 35.80
N ASP C 84 10.42 4.10 35.99
CA ASP C 84 9.61 5.29 35.74
C ASP C 84 9.83 6.40 36.76
N GLU C 85 9.92 6.06 38.04
CA GLU C 85 10.03 7.12 39.01
C GLU C 85 11.33 7.88 38.86
N ALA C 86 12.42 7.11 38.73
CA ALA C 86 13.75 7.64 38.62
C ALA C 86 13.87 8.47 37.34
N HIS C 87 13.23 8.06 36.24
CA HIS C 87 13.35 8.86 35.04
C HIS C 87 12.51 10.10 35.08
N ASP C 88 11.30 10.02 35.63
CA ASP C 88 10.51 11.21 35.79
C ASP C 88 11.25 12.18 36.73
N TYR C 89 11.71 11.71 37.88
CA TYR C 89 12.34 12.61 38.83
C TYR C 89 13.53 13.40 38.25
N ALA C 90 14.46 12.66 37.63
CA ALA C 90 15.63 13.19 36.94
C ALA C 90 15.33 14.21 35.85
N ASN C 91 14.23 13.98 35.12
CA ASN C 91 13.63 15.01 34.26
C ASN C 91 14.43 15.38 33.00
N THR C 92 14.57 14.43 32.09
CA THR C 92 15.35 14.58 30.83
C THR C 92 16.66 15.33 31.05
N GLY C 93 17.35 14.95 32.11
CA GLY C 93 18.59 15.57 32.48
C GLY C 93 18.45 16.88 33.22
N ARG C 94 17.25 17.44 33.33
CA ARG C 94 17.19 18.69 34.06
C ARG C 94 17.69 18.57 35.53
N LYS C 95 17.34 17.49 36.24
CA LYS C 95 17.76 17.38 37.62
C LYS C 95 18.97 16.45 37.80
N TYR C 96 18.90 15.26 37.19
CA TYR C 96 19.98 14.31 37.19
C TYR C 96 20.15 13.78 35.80
N ILE C 97 21.31 13.19 35.56
CA ILE C 97 21.58 12.43 34.36
C ILE C 97 21.38 10.96 34.66
N THR C 98 20.63 10.28 33.81
CA THR C 98 20.71 8.82 33.81
C THR C 98 21.41 8.27 32.57
N LEU C 99 21.92 7.05 32.69
CA LEU C 99 22.49 6.37 31.56
C LEU C 99 21.62 6.53 30.30
N GLU C 100 20.31 6.55 30.47
CA GLU C 100 19.41 6.66 29.30
C GLU C 100 19.44 8.03 28.65
N ASP C 101 19.97 9.03 29.35
CA ASP C 101 20.21 10.33 28.75
C ASP C 101 21.52 10.42 27.97
N THR C 102 22.48 9.52 28.19
CA THR C 102 23.73 9.56 27.43
C THR C 102 23.60 8.98 26.03
N LEU C 103 24.57 9.28 25.19
CA LEU C 103 24.51 8.93 23.77
C LEU C 103 24.31 7.44 23.49
N PRO C 104 25.01 6.57 24.22
CA PRO C 104 24.70 5.18 23.89
C PRO C 104 23.39 4.74 24.53
N GLY C 105 23.14 5.12 25.79
CA GLY C 105 21.88 4.80 26.43
C GLY C 105 20.71 5.21 25.56
N TYR C 106 20.76 6.44 25.07
CA TYR C 106 19.69 6.92 24.20
C TYR C 106 19.61 6.05 22.97
N MET C 107 20.75 5.84 22.30
CA MET C 107 20.69 5.14 21.05
C MET C 107 20.12 3.73 21.17
N LEU C 108 20.50 2.96 22.19
CA LEU C 108 20.05 1.55 22.24
C LEU C 108 18.96 1.25 23.22
N ASN C 109 18.47 2.25 23.91
CA ASN C 109 17.37 2.03 24.82
C ASN C 109 16.22 1.30 24.16
N SER C 110 15.78 0.22 24.78
CA SER C 110 14.61 -0.57 24.37
C SER C 110 14.83 -1.48 23.15
N LEU C 111 15.92 -1.29 22.44
CA LEU C 111 16.13 -2.03 21.21
C LEU C 111 16.52 -3.47 21.51
N VAL C 112 16.23 -4.35 20.56
CA VAL C 112 16.67 -5.71 20.62
C VAL C 112 17.42 -6.09 19.32
N TRP C 113 18.63 -6.63 19.50
CA TRP C 113 19.47 -7.11 18.41
C TRP C 113 20.24 -8.38 18.85
N CYS C 114 20.84 -9.09 17.89
CA CYS C 114 21.73 -10.22 18.19
C CYS C 114 22.44 -10.67 16.92
N GLY C 115 23.64 -11.22 17.07
CA GLY C 115 24.39 -11.70 15.90
C GLY C 115 23.98 -13.05 15.32
N GLN C 116 24.60 -13.40 14.20
CA GLN C 116 24.49 -14.76 13.67
C GLN C 116 25.73 -14.97 12.84
N ARG C 117 26.23 -16.21 12.79
CA ARG C 117 27.47 -16.53 12.05
C ARG C 117 27.34 -16.32 10.56
N ALA C 118 26.16 -16.55 10.02
CA ALA C 118 25.94 -16.47 8.58
C ALA C 118 25.46 -15.10 8.19
N ASN C 119 25.69 -14.73 6.94
CA ASN C 119 25.22 -13.46 6.38
C ASN C 119 23.76 -13.17 6.73
N PRO C 120 23.43 -11.90 7.08
CA PRO C 120 24.29 -10.74 7.03
C PRO C 120 24.92 -10.47 8.36
N GLY C 121 25.11 -11.52 9.17
CA GLY C 121 25.76 -11.41 10.48
C GLY C 121 24.90 -10.94 11.64
N PHE C 122 23.61 -10.68 11.38
CA PHE C 122 22.68 -10.40 12.48
C PHE C 122 21.30 -10.95 12.14
N ASN C 123 20.55 -11.34 13.17
CA ASN C 123 19.28 -12.01 12.99
C ASN C 123 18.14 -11.00 12.97
N GLU C 124 17.54 -10.82 11.79
CA GLU C 124 16.45 -9.87 11.58
C GLU C 124 15.08 -10.46 11.88
N LYS C 125 15.06 -11.69 12.43
CA LYS C 125 13.84 -12.50 12.51
C LYS C 125 13.52 -12.93 13.94
N VAL C 126 14.46 -13.59 14.58
CA VAL C 126 14.29 -13.97 15.96
C VAL C 126 15.61 -13.93 16.72
N CYS C 127 15.54 -13.61 18.01
CA CYS C 127 16.74 -13.57 18.82
C CYS C 127 16.60 -14.56 19.94
N PRO C 128 17.71 -15.19 20.32
CA PRO C 128 17.88 -15.94 21.55
C PRO C 128 17.19 -15.29 22.75
N ASP C 129 16.84 -16.13 23.73
CA ASP C 129 15.95 -15.78 24.84
C ASP C 129 16.67 -15.26 26.09
N PHE C 130 15.88 -14.99 27.14
CA PHE C 130 16.35 -14.54 28.47
C PHE C 130 17.63 -15.24 28.86
N LYS C 131 17.52 -16.42 29.46
CA LYS C 131 18.66 -17.12 29.98
C LYS C 131 18.89 -18.33 29.08
N THR C 132 19.20 -18.09 27.82
CA THR C 132 19.64 -19.19 26.94
C THR C 132 21.15 -19.17 27.01
N CYS C 133 21.63 -18.04 27.53
CA CYS C 133 22.93 -17.51 27.22
C CYS C 133 23.62 -17.24 28.55
N PRO C 134 24.95 -17.40 28.63
CA PRO C 134 25.62 -17.24 29.94
C PRO C 134 25.52 -15.84 30.54
N VAL C 135 25.88 -15.68 31.82
CA VAL C 135 25.74 -14.39 32.49
C VAL C 135 26.62 -13.31 31.84
N GLN C 136 27.85 -13.66 31.50
CA GLN C 136 28.73 -12.71 30.82
C GLN C 136 28.12 -12.20 29.51
N ALA C 137 27.18 -12.94 28.93
CA ALA C 137 26.64 -12.59 27.61
C ALA C 137 25.34 -11.78 27.61
N ARG C 138 24.40 -12.09 28.51
CA ARG C 138 23.23 -11.21 28.74
C ARG C 138 23.69 -9.75 28.94
N GLU C 139 24.69 -9.62 29.80
CA GLU C 139 25.04 -8.37 30.41
C GLU C 139 26.18 -7.69 29.67
N SER C 140 26.54 -8.24 28.52
CA SER C 140 27.64 -7.70 27.72
C SER C 140 27.44 -6.26 27.28
N PHE C 141 26.25 -5.92 26.81
CA PHE C 141 26.01 -4.56 26.41
C PHE C 141 25.76 -3.57 27.56
N TRP C 142 24.68 -3.76 28.32
CA TRP C 142 24.31 -2.79 29.34
C TRP C 142 25.28 -2.88 30.47
N GLY C 143 25.97 -4.02 30.54
CA GLY C 143 27.01 -4.23 31.56
C GLY C 143 28.10 -3.22 31.31
N MET C 144 28.60 -3.26 30.08
CA MET C 144 29.66 -2.32 29.67
C MET C 144 29.23 -0.84 29.65
N ALA C 145 28.04 -0.53 29.14
CA ALA C 145 27.43 0.79 29.31
C ALA C 145 27.48 1.27 30.74
N SER C 146 26.94 0.50 31.66
CA SER C 146 26.95 0.85 33.05
C SER C 146 28.35 1.13 33.57
N SER C 147 29.29 0.20 33.35
CA SER C 147 30.68 0.39 33.75
C SER C 147 31.28 1.64 33.14
N SER C 148 31.06 1.82 31.84
CA SER C 148 31.63 2.95 31.18
C SER C 148 30.99 4.26 31.74
N TYR C 149 29.68 4.26 31.92
CA TYR C 149 28.97 5.34 32.60
C TYR C 149 29.56 5.56 34.00
N ALA C 150 29.42 4.59 34.89
CA ALA C 150 29.87 4.77 36.29
C ALA C 150 31.33 5.23 36.40
N HIS C 151 32.14 4.87 35.43
CA HIS C 151 33.54 5.22 35.45
C HIS C 151 33.71 6.73 35.21
N SER C 152 32.73 7.35 34.56
CA SER C 152 32.80 8.78 34.21
C SER C 152 32.21 9.73 35.25
N ALA C 153 31.45 9.21 36.21
CA ALA C 153 30.80 10.06 37.21
C ALA C 153 31.83 10.78 38.10
N GLU C 154 31.52 12.02 38.47
CA GLU C 154 32.34 12.81 39.41
C GLU C 154 31.44 13.47 40.43
N GLY C 155 31.93 13.63 41.66
CA GLY C 155 31.19 14.34 42.68
C GLY C 155 30.21 13.40 43.34
N GLU C 156 29.08 13.94 43.80
CA GLU C 156 28.03 13.08 44.38
C GLU C 156 27.34 12.34 43.23
N VAL C 157 26.88 11.12 43.53
CA VAL C 157 26.16 10.30 42.62
C VAL C 157 24.97 9.83 43.41
N THR C 158 23.84 9.61 42.75
CA THR C 158 22.62 9.36 43.44
C THR C 158 22.10 8.01 42.96
N TYR C 159 21.45 7.27 43.86
CA TYR C 159 20.96 5.93 43.55
C TYR C 159 19.54 5.73 44.06
N MET C 160 18.63 5.48 43.14
CA MET C 160 17.26 5.34 43.52
C MET C 160 16.84 3.89 43.46
N VAL C 161 16.32 3.42 44.60
CA VAL C 161 15.97 2.03 44.80
C VAL C 161 14.51 1.81 45.15
N ASP C 162 14.07 0.58 44.94
CA ASP C 162 12.74 0.13 45.41
C ASP C 162 12.73 -0.35 46.88
N GLY C 163 12.00 0.39 47.72
CA GLY C 163 11.89 0.08 49.15
C GLY C 163 10.71 -0.79 49.47
N SER C 164 10.00 -1.23 48.43
CA SER C 164 8.69 -1.88 48.57
C SER C 164 8.57 -3.27 47.89
N ASN C 165 9.71 -3.84 47.49
CA ASN C 165 9.70 -5.21 46.96
C ASN C 165 9.91 -6.32 48.03
N PRO C 166 8.83 -7.04 48.36
CA PRO C 166 9.07 -8.18 49.27
C PRO C 166 10.15 -9.15 48.72
N LYS C 167 10.31 -9.23 47.40
CA LYS C 167 11.10 -10.30 46.80
C LYS C 167 12.37 -9.87 46.09
N VAL C 168 12.69 -8.57 46.16
CA VAL C 168 13.97 -8.02 45.68
C VAL C 168 14.43 -6.95 46.68
N PRO C 169 15.55 -7.22 47.38
CA PRO C 169 16.08 -6.23 48.36
C PRO C 169 16.60 -4.98 47.64
N ALA C 170 16.57 -3.80 48.27
CA ALA C 170 16.99 -2.55 47.60
C ALA C 170 18.37 -2.59 46.91
N TYR C 171 19.36 -3.15 47.60
CA TYR C 171 20.67 -3.37 47.02
C TYR C 171 21.03 -4.84 46.91
N ARG C 172 21.57 -5.22 45.74
CA ARG C 172 21.99 -6.59 45.45
C ARG C 172 23.35 -6.62 44.80
N PRO C 173 24.29 -7.43 45.32
CA PRO C 173 25.59 -7.59 44.68
C PRO C 173 25.52 -7.91 43.19
N ASP C 174 24.46 -8.58 42.77
CA ASP C 174 24.34 -9.06 41.39
C ASP C 174 23.44 -8.19 40.53
N SER C 175 23.02 -7.03 41.05
CA SER C 175 22.27 -6.10 40.22
C SER C 175 23.30 -5.42 39.32
N PHE C 176 22.86 -4.63 38.34
CA PHE C 176 23.82 -3.83 37.59
C PHE C 176 24.55 -2.82 38.44
N PHE C 177 23.82 -2.23 39.36
CA PHE C 177 24.42 -1.34 40.34
C PHE C 177 25.62 -1.99 41.01
N GLY C 178 25.36 -3.12 41.71
CA GLY C 178 26.36 -3.83 42.50
C GLY C 178 27.48 -4.56 41.77
N LYS C 179 27.22 -5.02 40.55
CA LYS C 179 28.22 -5.68 39.70
C LYS C 179 29.06 -4.71 38.92
N TYR C 180 28.41 -3.74 38.28
CA TYR C 180 29.03 -2.92 37.24
C TYR C 180 29.09 -1.41 37.51
N GLU C 181 28.31 -0.95 38.49
CA GLU C 181 28.30 0.48 38.74
C GLU C 181 29.11 0.83 39.98
N LEU C 182 28.68 0.39 41.15
CA LEU C 182 29.46 0.65 42.35
C LEU C 182 30.94 0.29 42.22
N PRO C 183 31.26 -0.90 41.66
CA PRO C 183 32.70 -1.16 41.64
C PRO C 183 33.47 -0.32 40.63
N ASN C 184 32.81 0.53 39.85
CA ASN C 184 33.51 1.28 38.81
C ASN C 184 33.54 2.79 39.04
N LEU C 185 32.96 3.21 40.17
CA LEU C 185 33.15 4.56 40.73
C LEU C 185 34.64 4.88 41.00
N THR C 186 35.19 5.93 40.37
CA THR C 186 36.61 6.30 40.59
C THR C 186 36.81 7.20 41.84
N ASN C 187 38.06 7.62 42.07
CA ASN C 187 38.30 8.60 43.12
C ASN C 187 37.70 10.00 42.85
N LYS C 188 37.11 10.21 41.67
CA LYS C 188 36.38 11.47 41.38
C LYS C 188 35.04 11.59 42.16
N VAL C 189 34.44 10.44 42.48
CA VAL C 189 33.22 10.37 43.26
C VAL C 189 33.63 10.59 44.71
N THR C 190 32.81 11.34 45.47
CA THR C 190 33.09 11.65 46.89
C THR C 190 31.92 11.31 47.81
N ARG C 191 30.76 11.02 47.23
CA ARG C 191 29.58 10.77 48.01
C ARG C 191 28.63 9.94 47.19
N VAL C 192 27.92 9.05 47.89
CA VAL C 192 26.87 8.26 47.30
C VAL C 192 25.60 8.51 48.13
N LYS C 193 24.58 9.05 47.43
CA LYS C 193 23.30 9.43 48.01
C LYS C 193 22.22 8.49 47.49
N VAL C 194 21.62 7.71 48.39
CA VAL C 194 20.51 6.80 48.06
C VAL C 194 19.14 7.47 48.32
N ILE C 195 18.21 7.29 47.37
CA ILE C 195 16.78 7.59 47.54
C ILE C 195 16.03 6.28 47.45
N VAL C 196 15.33 5.94 48.53
CA VAL C 196 14.59 4.73 48.66
C VAL C 196 13.16 5.13 48.44
N LEU C 197 12.54 4.42 47.50
CA LEU C 197 11.17 4.67 47.14
C LEU C 197 10.27 3.76 47.94
N HIS C 198 9.24 4.31 48.58
CA HIS C 198 8.24 3.46 49.19
C HIS C 198 6.94 3.65 48.46
N ARG C 199 6.69 2.80 47.46
CA ARG C 199 5.48 2.91 46.64
C ARG C 199 4.23 3.10 47.48
N LEU C 200 3.30 3.87 46.92
CA LEU C 200 2.08 4.27 47.64
C LEU C 200 1.07 3.14 47.90
N GLY C 201 0.56 3.10 49.13
CA GLY C 201 -0.39 2.07 49.57
C GLY C 201 0.20 0.67 49.64
N GLU C 202 1.51 0.60 49.80
CA GLU C 202 2.18 -0.67 49.88
C GLU C 202 3.01 -0.79 51.13
N LYS C 203 3.29 -2.02 51.49
CA LYS C 203 3.94 -2.31 52.72
C LYS C 203 5.37 -1.82 52.63
N ILE C 204 5.78 -1.04 53.63
CA ILE C 204 7.18 -0.60 53.66
C ILE C 204 8.09 -1.80 53.98
N ILE C 205 8.97 -2.11 53.03
CA ILE C 205 9.90 -3.25 53.15
C ILE C 205 11.29 -2.85 53.64
N GLU C 206 11.94 -1.91 52.96
CA GLU C 206 13.33 -1.57 53.24
C GLU C 206 13.43 -0.18 53.87
N LYS C 207 14.30 -0.05 54.87
CA LYS C 207 14.53 1.22 55.53
C LYS C 207 16.01 1.59 55.49
N CYS C 208 16.30 2.88 55.59
CA CYS C 208 17.69 3.35 55.70
C CYS C 208 18.28 2.81 57.00
N GLY C 209 19.52 2.35 56.93
CA GLY C 209 20.19 1.83 58.11
C GLY C 209 19.88 0.39 58.52
N ALA C 210 19.26 -0.40 57.63
CA ALA C 210 18.91 -1.79 57.96
C ALA C 210 19.04 -2.72 56.75
N GLY C 211 19.04 -4.04 56.97
CA GLY C 211 19.19 -5.04 55.89
C GLY C 211 20.14 -4.65 54.75
N SER C 212 19.66 -4.74 53.51
CA SER C 212 20.52 -4.58 52.32
C SER C 212 21.09 -3.18 52.17
N LEU C 213 20.42 -2.20 52.79
CA LEU C 213 20.93 -0.85 52.77
C LEU C 213 22.00 -0.64 53.83
N LEU C 214 21.93 -1.36 54.95
CA LEU C 214 23.06 -1.30 55.89
C LEU C 214 24.33 -1.93 55.29
N ASP C 215 24.20 -3.06 54.58
CA ASP C 215 25.28 -3.55 53.72
C ASP C 215 25.81 -2.48 52.77
N LEU C 216 24.92 -1.84 52.00
CA LEU C 216 25.37 -0.84 51.02
C LEU C 216 26.25 0.21 51.67
N GLU C 217 25.73 0.83 52.72
CA GLU C 217 26.42 1.78 53.57
C GLU C 217 27.81 1.33 54.03
N LYS C 218 27.93 0.13 54.58
CA LYS C 218 29.22 -0.39 55.00
C LYS C 218 30.11 -0.41 53.80
N LEU C 219 29.54 -0.85 52.68
CA LEU C 219 30.32 -1.06 51.47
C LEU C 219 30.80 0.26 50.89
N VAL C 220 29.91 1.25 50.88
CA VAL C 220 30.23 2.58 50.40
C VAL C 220 31.37 3.23 51.19
N LYS C 221 31.28 3.16 52.53
CA LYS C 221 32.25 3.81 53.38
C LYS C 221 33.59 3.11 53.33
N ALA C 222 33.57 1.80 53.09
CA ALA C 222 34.77 1.00 52.79
C ALA C 222 35.49 1.44 51.49
N LYS C 223 34.76 2.09 50.57
CA LYS C 223 35.39 2.68 49.36
C LYS C 223 35.71 4.15 49.62
N HIS C 224 35.49 4.59 50.86
CA HIS C 224 35.83 5.92 51.34
C HIS C 224 34.94 7.06 50.89
N PHE C 225 33.82 6.74 50.25
CA PHE C 225 32.86 7.78 49.87
C PHE C 225 32.04 8.14 51.08
N ALA C 226 31.52 9.35 51.14
CA ALA C 226 30.44 9.61 52.07
C ALA C 226 29.17 8.90 51.55
N PHE C 227 28.07 8.99 52.29
CA PHE C 227 26.88 8.18 52.08
C PHE C 227 25.77 8.80 52.87
N ASP C 228 24.62 9.00 52.24
CA ASP C 228 23.39 9.29 52.99
C ASP C 228 22.21 8.68 52.27
N CYS C 229 21.04 8.81 52.88
CA CYS C 229 19.93 7.98 52.55
C CYS C 229 18.65 8.62 53.03
N VAL C 230 17.70 8.79 52.11
CA VAL C 230 16.37 9.27 52.46
C VAL C 230 15.30 8.35 51.94
N GLU C 231 14.15 8.39 52.59
CA GLU C 231 13.01 7.56 52.18
C GLU C 231 11.95 8.53 51.80
N ASN C 232 11.33 8.31 50.64
CA ASN C 232 10.42 9.28 50.06
C ASN C 232 10.63 10.78 50.42
N PRO C 233 11.72 11.42 49.91
CA PRO C 233 11.86 12.84 50.19
C PRO C 233 10.74 13.61 49.51
N ARG C 234 10.35 14.74 50.10
CA ARG C 234 9.15 15.47 49.64
C ARG C 234 9.03 15.58 48.11
N ALA C 235 10.17 15.80 47.42
CA ALA C 235 10.10 16.02 45.97
C ALA C 235 9.61 14.76 45.23
N VAL C 236 10.13 13.62 45.67
CA VAL C 236 9.86 12.32 45.08
C VAL C 236 8.42 11.92 45.42
N LEU C 237 8.09 11.92 46.70
CA LEU C 237 6.70 11.75 47.18
C LEU C 237 5.64 12.47 46.37
N PHE C 238 5.92 13.73 46.07
CA PHE C 238 4.99 14.53 45.27
C PHE C 238 4.80 13.99 43.86
N LEU C 239 5.91 13.55 43.25
CA LEU C 239 5.88 12.81 42.01
C LEU C 239 5.04 11.54 42.10
N LEU C 240 5.30 10.75 43.13
CA LEU C 240 4.50 9.56 43.39
C LEU C 240 3.05 9.93 43.57
N CYS C 241 2.79 10.98 44.34
CA CYS C 241 1.41 11.46 44.60
C CYS C 241 0.56 11.91 43.42
N SER C 242 1.17 12.48 42.38
CA SER C 242 0.46 12.90 41.18
C SER C 242 -0.32 11.80 40.50
N ASP C 243 0.20 10.58 40.48
CA ASP C 243 -0.50 9.46 39.84
C ASP C 243 -1.44 8.77 40.83
N ASN C 244 -1.27 9.04 42.12
CA ASN C 244 -2.19 8.50 43.09
C ASN C 244 -2.67 9.50 44.14
N PRO C 245 -3.35 10.57 43.69
CA PRO C 245 -3.63 11.73 44.56
C PRO C 245 -4.40 11.40 45.84
N ASN C 246 -5.23 10.37 45.82
CA ASN C 246 -6.04 10.03 46.99
C ASN C 246 -5.30 9.21 48.06
N ALA C 247 -4.18 8.60 47.65
CA ALA C 247 -3.40 7.73 48.55
C ALA C 247 -3.07 8.41 49.90
N ARG C 248 -3.22 7.69 51.01
CA ARG C 248 -3.15 8.32 52.35
C ARG C 248 -1.86 9.13 52.62
N GLU C 249 -0.75 8.70 52.02
CA GLU C 249 0.54 9.41 52.12
C GLU C 249 0.53 10.84 51.54
N CYS C 250 -0.48 11.13 50.70
CA CYS C 250 -0.56 12.39 49.94
C CYS C 250 -1.43 13.50 50.55
N ARG C 251 -1.73 13.41 51.84
CA ARG C 251 -2.73 14.32 52.41
C ARG C 251 -2.22 15.72 52.74
N LEU C 252 -3.04 16.72 52.42
CA LEU C 252 -2.68 18.13 52.60
C LEU C 252 -3.42 18.78 53.78
N ALA C 253 -3.94 19.99 53.62
CA ALA C 253 -4.55 20.71 54.75
C ALA C 253 -6.02 21.18 54.54
N LYS C 254 -6.30 22.45 54.83
CA LYS C 254 -7.62 23.11 54.65
C LYS C 254 -8.83 22.16 54.45
N ALA D 1 20.87 38.03 17.72
CA ALA D 1 20.77 39.10 16.68
C ALA D 1 20.35 38.56 15.28
N ALA D 2 20.87 37.38 14.94
CA ALA D 2 20.40 36.61 13.79
C ALA D 2 19.77 35.29 14.31
N ILE D 3 18.72 34.80 13.66
CA ILE D 3 18.20 33.44 13.90
C ILE D 3 18.91 32.37 13.03
N VAL D 4 19.23 31.25 13.69
CA VAL D 4 20.16 30.28 13.18
C VAL D 4 19.37 29.06 12.80
N PRO D 5 19.43 28.66 11.51
CA PRO D 5 18.74 27.49 11.09
C PRO D 5 19.29 26.21 11.72
N THR D 6 18.43 25.19 11.84
CA THR D 6 18.85 23.88 12.27
C THR D 6 19.82 23.25 11.24
N ARG D 7 21.00 22.80 11.70
CA ARG D 7 21.95 22.03 10.88
C ARG D 7 21.33 20.78 10.32
N GLU D 8 21.75 20.37 9.13
CA GLU D 8 21.45 19.05 8.60
C GLU D 8 19.99 18.75 8.75
N LEU D 9 19.17 19.73 8.40
CA LEU D 9 17.74 19.58 8.53
C LEU D 9 17.26 18.21 8.04
N GLU D 10 17.55 17.87 6.77
CA GLU D 10 17.05 16.63 6.20
C GLU D 10 17.45 15.41 7.04
N ASN D 11 18.71 15.34 7.45
CA ASN D 11 19.13 14.22 8.28
C ASN D 11 18.39 14.21 9.61
N VAL D 12 18.21 15.38 10.24
CA VAL D 12 17.48 15.43 11.50
C VAL D 12 16.06 14.88 11.27
N PHE D 13 15.39 15.40 10.25
CA PHE D 13 14.01 15.09 9.97
C PHE D 13 13.84 13.58 9.76
N LEU D 14 14.72 12.97 8.95
CA LEU D 14 14.65 11.54 8.64
C LEU D 14 15.07 10.71 9.80
N GLY D 15 16.04 11.19 10.57
CA GLY D 15 16.43 10.55 11.79
C GLY D 15 15.23 10.47 12.72
N ARG D 16 14.56 11.60 12.92
CA ARG D 16 13.47 11.62 13.84
C ARG D 16 12.31 10.80 13.37
N CYS D 17 12.06 10.83 12.05
CA CYS D 17 10.88 10.20 11.46
C CYS D 17 11.09 8.73 11.62
N LYS D 18 12.30 8.27 11.27
CA LYS D 18 12.62 6.85 11.42
C LYS D 18 12.61 6.43 12.86
N ASP D 19 13.28 7.13 13.75
CA ASP D 19 13.18 6.75 15.15
C ASP D 19 11.70 6.62 15.58
N TYR D 20 10.85 7.53 15.13
CA TYR D 20 9.46 7.52 15.59
C TYR D 20 8.72 6.33 15.02
N GLU D 21 8.88 6.13 13.72
CA GLU D 21 8.21 5.05 13.03
C GLU D 21 8.41 3.71 13.75
N ILE D 22 9.66 3.32 14.04
CA ILE D 22 9.91 1.97 14.55
C ILE D 22 9.76 1.87 16.06
N THR D 23 9.94 2.97 16.79
CA THR D 23 10.06 2.82 18.23
C THR D 23 9.27 3.75 19.12
N ARG D 24 8.79 4.88 18.60
CA ARG D 24 8.07 5.82 19.51
C ARG D 24 6.56 5.70 19.48
N TYR D 25 5.95 5.65 20.66
CA TYR D 25 4.49 5.76 20.81
C TYR D 25 3.73 4.58 20.20
N LEU D 26 4.39 3.45 20.03
CA LEU D 26 3.78 2.33 19.29
C LEU D 26 2.41 1.94 19.79
N ASP D 27 2.23 1.91 21.09
CA ASP D 27 0.98 1.41 21.58
C ASP D 27 0.00 2.57 21.84
N ILE D 28 0.47 3.79 21.53
CA ILE D 28 -0.24 5.05 21.87
C ILE D 28 -0.79 5.84 20.68
N LEU D 29 -0.03 5.86 19.60
CA LEU D 29 -0.43 6.54 18.38
C LEU D 29 -0.14 5.64 17.19
N PRO D 30 -1.03 5.63 16.18
CA PRO D 30 -0.88 4.79 15.00
C PRO D 30 0.27 5.18 14.09
N ARG D 31 0.72 4.25 13.26
CA ARG D 31 1.70 4.56 12.21
C ARG D 31 1.01 5.18 11.02
N VAL D 32 1.68 6.08 10.31
CA VAL D 32 1.14 6.68 9.08
C VAL D 32 1.48 5.84 7.87
N ARG D 33 0.65 5.94 6.82
CA ARG D 33 0.89 5.18 5.59
C ARG D 33 2.23 5.53 4.92
N SER D 34 2.54 6.82 4.77
CA SER D 34 3.75 7.27 4.03
C SER D 34 5.08 6.97 4.72
N ASP D 35 6.09 6.65 3.91
CA ASP D 35 7.43 6.43 4.40
C ASP D 35 8.15 7.77 4.61
N CYS D 36 9.33 7.72 5.19
CA CYS D 36 10.03 8.91 5.63
C CYS D 36 10.50 9.79 4.49
N SER D 37 10.83 9.22 3.36
CA SER D 37 11.30 10.07 2.29
C SER D 37 10.21 10.77 1.48
N ALA D 38 9.02 10.18 1.43
CA ALA D 38 7.89 10.87 0.83
C ALA D 38 7.42 12.03 1.78
N LEU D 39 7.54 11.82 3.09
CA LEU D 39 7.21 12.87 4.04
C LEU D 39 8.17 14.04 3.93
N TRP D 40 9.44 13.72 3.76
CA TRP D 40 10.43 14.75 3.60
C TRP D 40 10.10 15.51 2.35
N LYS D 41 9.82 14.79 1.27
CA LYS D 41 9.52 15.47 0.02
C LYS D 41 8.32 16.39 0.17
N ASP D 42 7.24 15.94 0.78
CA ASP D 42 6.11 16.86 1.02
C ASP D 42 6.47 18.10 1.84
N PHE D 43 7.37 17.94 2.79
CA PHE D 43 7.72 19.00 3.73
C PHE D 43 8.58 20.06 3.05
N PHE D 44 9.60 19.56 2.38
CA PHE D 44 10.59 20.39 1.77
C PHE D 44 9.95 21.23 0.65
N LYS D 45 9.02 20.66 -0.12
CA LYS D 45 8.38 21.44 -1.20
C LYS D 45 7.44 22.52 -0.64
N ALA D 46 7.14 22.47 0.64
CA ALA D 46 6.30 23.49 1.21
C ALA D 46 6.97 24.86 1.21
N PHE D 47 8.30 24.91 1.35
CA PHE D 47 8.99 26.17 1.59
C PHE D 47 10.21 26.40 0.70
N SER D 48 10.74 25.32 0.15
CA SER D 48 11.97 25.35 -0.66
C SER D 48 11.84 26.07 -1.97
N PHE D 49 12.92 26.79 -2.32
CA PHE D 49 13.04 27.62 -3.51
C PHE D 49 12.11 28.84 -3.54
N LYS D 50 11.68 29.28 -2.37
CA LYS D 50 10.96 30.53 -2.30
C LYS D 50 11.70 31.42 -1.37
N ASN D 51 11.29 32.67 -1.30
CA ASN D 51 11.77 33.54 -0.26
C ASN D 51 11.37 33.04 1.12
N PRO D 52 12.19 33.36 2.12
CA PRO D 52 11.85 32.93 3.48
C PRO D 52 10.40 33.27 3.87
N CYS D 53 9.89 34.45 3.53
CA CYS D 53 8.51 34.84 3.94
C CYS D 53 7.44 34.55 2.88
N ASP D 54 7.77 33.67 1.94
CA ASP D 54 6.86 33.31 0.86
C ASP D 54 6.01 32.02 1.07
N LEU D 55 5.02 32.11 1.98
CA LEU D 55 4.33 30.96 2.56
C LEU D 55 2.98 31.34 3.14
N ASP D 56 2.01 30.46 3.00
CA ASP D 56 0.73 30.69 3.62
C ASP D 56 0.23 29.41 4.29
N LEU D 57 -1.07 29.40 4.62
CA LEU D 57 -1.70 28.28 5.33
C LEU D 57 -1.75 27.03 4.50
N GLY D 58 -1.64 27.17 3.18
CA GLY D 58 -1.74 26.03 2.31
C GLY D 58 -0.40 25.39 2.09
N SER D 59 0.68 26.03 2.47
CA SER D 59 1.99 25.57 2.05
C SER D 59 2.27 24.15 2.42
N TYR D 60 2.03 23.83 3.67
CA TYR D 60 2.29 22.50 4.22
C TYR D 60 1.09 21.58 4.15
N LYS D 61 0.03 21.95 3.43
CA LYS D 61 -1.16 21.08 3.35
C LYS D 61 -0.79 19.63 3.03
N ASP D 62 -0.02 19.41 1.96
CA ASP D 62 0.28 18.07 1.53
C ASP D 62 1.04 17.29 2.58
N PHE D 63 1.96 17.98 3.25
CA PHE D 63 2.69 17.36 4.32
C PHE D 63 1.79 16.96 5.48
N PHE D 64 0.84 17.81 5.84
CA PHE D 64 -0.05 17.44 6.90
C PHE D 64 -1.11 16.41 6.58
N THR D 65 -1.51 16.36 5.31
CA THR D 65 -2.40 15.34 4.89
C THR D 65 -1.68 14.05 5.28
N SER D 66 -0.48 13.87 4.75
CA SER D 66 0.25 12.61 4.92
C SER D 66 0.71 12.30 6.34
N ALA D 67 1.08 13.33 7.11
CA ALA D 67 1.62 13.17 8.47
C ALA D 67 0.57 12.88 9.53
N GLN D 68 -0.67 13.27 9.27
CA GLN D 68 -1.72 13.20 10.27
C GLN D 68 -2.07 11.76 10.64
N GLN D 69 -2.03 11.50 11.94
CA GLN D 69 -2.48 10.27 12.60
C GLN D 69 -3.92 10.41 13.11
N GLN D 70 -4.69 9.33 13.04
CA GLN D 70 -5.91 9.21 13.84
C GLN D 70 -5.55 9.37 15.33
N LEU D 71 -6.33 10.17 16.07
CA LEU D 71 -5.99 10.52 17.46
C LEU D 71 -6.96 9.89 18.46
N PRO D 72 -6.43 9.30 19.55
CA PRO D 72 -7.30 8.58 20.49
C PRO D 72 -8.35 9.45 21.16
N LYS D 73 -9.58 8.94 21.17
CA LYS D 73 -10.72 9.50 21.92
C LYS D 73 -10.30 10.04 23.29
N ASN D 74 -10.85 11.20 23.63
CA ASN D 74 -10.78 11.77 24.99
C ASN D 74 -9.39 12.05 25.51
N LYS D 75 -8.37 11.86 24.67
CA LYS D 75 -7.00 11.99 25.11
C LYS D 75 -6.29 13.28 24.63
N VAL D 76 -6.92 14.02 23.72
CA VAL D 76 -6.22 15.12 23.07
C VAL D 76 -6.12 16.29 24.03
N MET D 77 -4.89 16.78 24.22
CA MET D 77 -4.68 18.02 24.99
C MET D 77 -4.12 19.20 24.17
N PHE D 78 -4.53 20.39 24.59
CA PHE D 78 -4.09 21.69 24.12
C PHE D 78 -3.51 22.46 25.30
N TRP D 79 -2.66 23.44 25.03
CA TRP D 79 -2.00 24.23 26.07
C TRP D 79 -1.65 25.62 25.56
N SER D 80 -1.82 26.64 26.41
CA SER D 80 -1.23 27.95 26.13
C SER D 80 -0.39 28.38 27.30
N GLY D 81 0.87 28.74 27.04
CA GLY D 81 1.74 29.42 28.02
C GLY D 81 2.21 28.63 29.23
N VAL D 82 2.25 27.31 29.14
CA VAL D 82 2.56 26.43 30.26
C VAL D 82 3.18 25.17 29.66
N TYR D 83 4.26 25.33 28.93
CA TYR D 83 4.73 24.20 28.11
C TYR D 83 5.26 23.04 28.97
N ASP D 84 6.17 23.36 29.89
CA ASP D 84 6.80 22.34 30.76
C ASP D 84 5.78 21.63 31.62
N GLU D 85 4.79 22.36 32.14
CA GLU D 85 3.76 21.75 32.96
C GLU D 85 2.82 20.84 32.18
N ALA D 86 2.22 21.36 31.10
CA ALA D 86 1.35 20.58 30.24
C ALA D 86 2.07 19.33 29.80
N HIS D 87 3.37 19.44 29.46
CA HIS D 87 4.06 18.26 28.94
C HIS D 87 4.45 17.27 30.03
N ASP D 88 4.76 17.78 31.25
CA ASP D 88 4.99 16.91 32.40
C ASP D 88 3.70 16.12 32.64
N TYR D 89 2.59 16.85 32.76
CA TYR D 89 1.30 16.27 33.08
C TYR D 89 0.76 15.26 32.06
N ALA D 90 0.78 15.60 30.77
CA ALA D 90 0.43 14.67 29.68
C ALA D 90 1.21 13.38 29.77
N ASN D 91 2.44 13.47 30.29
CA ASN D 91 3.36 12.35 30.44
C ASN D 91 3.75 11.49 29.19
N THR D 92 4.31 12.12 28.15
CA THR D 92 4.73 11.43 26.90
C THR D 92 3.61 10.52 26.40
N GLY D 93 2.37 11.00 26.47
CA GLY D 93 1.27 10.33 25.76
C GLY D 93 0.53 9.35 26.65
N ARG D 94 1.13 9.00 27.77
CA ARG D 94 0.51 8.09 28.71
C ARG D 94 -0.80 8.60 29.35
N LYS D 95 -0.90 9.87 29.68
CA LYS D 95 -2.12 10.45 30.26
C LYS D 95 -2.89 11.28 29.23
N TYR D 96 -2.17 12.06 28.41
CA TYR D 96 -2.74 12.83 27.33
C TYR D 96 -1.76 12.89 26.14
N ILE D 97 -2.31 13.08 24.95
CA ILE D 97 -1.53 13.42 23.76
C ILE D 97 -1.36 14.97 23.67
N THR D 98 -0.25 15.41 23.12
CA THR D 98 -0.14 16.79 22.70
C THR D 98 0.34 16.79 21.25
N LEU D 99 0.20 17.92 20.58
CA LEU D 99 0.75 18.07 19.24
C LEU D 99 2.18 17.52 19.19
N GLU D 100 2.94 17.73 20.27
CA GLU D 100 4.37 17.42 20.25
C GLU D 100 4.63 15.94 20.34
N ASP D 101 3.57 15.16 20.62
CA ASP D 101 3.64 13.71 20.60
C ASP D 101 3.36 13.15 19.23
N THR D 102 2.58 13.87 18.44
CA THR D 102 2.29 13.39 17.10
C THR D 102 3.55 13.45 16.20
N LEU D 103 3.53 12.66 15.14
CA LEU D 103 4.66 12.60 14.24
C LEU D 103 5.18 13.98 13.75
N PRO D 104 4.31 14.81 13.14
CA PRO D 104 4.91 16.08 12.69
C PRO D 104 5.38 16.93 13.85
N GLY D 105 4.65 16.89 14.97
CA GLY D 105 5.07 17.62 16.17
C GLY D 105 6.41 17.15 16.72
N TYR D 106 6.61 15.86 16.75
CA TYR D 106 7.85 15.33 17.17
C TYR D 106 9.00 15.65 16.19
N MET D 107 8.73 15.55 14.88
CA MET D 107 9.81 15.69 13.93
C MET D 107 10.29 17.15 13.91
N LEU D 108 9.37 18.11 14.07
CA LEU D 108 9.78 19.49 13.92
C LEU D 108 9.88 20.25 15.21
N ASN D 109 9.58 19.62 16.33
CA ASN D 109 9.66 20.33 17.58
C ASN D 109 11.03 21.00 17.72
N SER D 110 11.04 22.30 18.08
CA SER D 110 12.27 23.10 18.20
C SER D 110 13.02 23.38 16.94
N LEU D 111 12.72 22.73 15.84
CA LEU D 111 13.60 22.97 14.67
C LEU D 111 13.40 24.40 14.08
N VAL D 112 14.38 24.88 13.32
CA VAL D 112 14.34 26.20 12.68
C VAL D 112 14.80 26.08 11.20
N TRP D 113 14.01 26.62 10.24
CA TRP D 113 14.33 26.47 8.81
C TRP D 113 13.64 27.57 8.03
N CYS D 114 14.16 27.88 6.84
CA CYS D 114 13.53 28.82 5.94
C CYS D 114 14.02 28.51 4.55
N GLY D 115 13.22 28.89 3.55
CA GLY D 115 13.59 28.75 2.16
C GLY D 115 14.40 29.92 1.67
N GLN D 116 15.03 29.72 0.52
CA GLN D 116 15.63 30.80 -0.27
C GLN D 116 15.45 30.31 -1.72
N ARG D 117 15.69 31.22 -2.64
CA ARG D 117 15.47 30.99 -4.05
C ARG D 117 16.64 30.27 -4.73
N ALA D 118 17.87 30.66 -4.39
CA ALA D 118 19.09 29.98 -4.87
C ALA D 118 19.23 28.58 -4.28
N ASN D 119 19.80 27.67 -5.08
CA ASN D 119 20.33 26.38 -4.58
C ASN D 119 21.00 26.45 -3.18
N PRO D 120 20.71 25.49 -2.30
CA PRO D 120 19.82 24.31 -2.54
C PRO D 120 18.36 24.49 -2.16
N GLY D 121 17.87 25.73 -2.19
CA GLY D 121 16.44 26.00 -1.98
C GLY D 121 16.08 26.36 -0.55
N PHE D 122 17.06 26.29 0.35
CA PHE D 122 16.89 26.64 1.77
C PHE D 122 18.18 27.28 2.37
N ASN D 123 17.98 28.11 3.38
CA ASN D 123 19.06 28.87 3.94
C ASN D 123 19.60 28.14 5.15
N GLU D 124 20.87 27.74 5.07
CA GLU D 124 21.60 27.06 6.17
C GLU D 124 22.39 28.07 6.97
N LYS D 125 22.34 29.33 6.55
CA LYS D 125 23.10 30.37 7.21
C LYS D 125 22.29 31.18 8.23
N VAL D 126 21.06 31.56 7.83
CA VAL D 126 20.23 32.48 8.59
C VAL D 126 18.71 32.47 8.19
N CYS D 127 17.86 32.73 9.18
CA CYS D 127 16.44 32.81 8.93
C CYS D 127 16.02 34.12 9.46
N PRO D 128 15.16 34.85 8.70
CA PRO D 128 14.70 36.17 9.16
C PRO D 128 13.87 35.97 10.41
N ASP D 129 13.80 37.00 11.24
CA ASP D 129 12.84 37.06 12.35
C ASP D 129 11.42 37.14 11.74
N PHE D 130 10.58 36.17 12.05
CA PHE D 130 9.32 36.03 11.30
C PHE D 130 8.23 37.04 11.72
N LYS D 131 8.54 37.94 12.68
CA LYS D 131 7.78 39.19 12.80
C LYS D 131 8.01 40.13 11.58
N THR D 132 9.01 39.82 10.76
CA THR D 132 9.18 40.55 9.51
C THR D 132 8.39 39.92 8.38
N CYS D 133 7.89 38.72 8.61
CA CYS D 133 7.06 37.99 7.66
C CYS D 133 5.60 38.25 7.94
N PRO D 134 4.73 38.28 6.89
CA PRO D 134 3.30 38.43 7.18
C PRO D 134 2.80 37.29 8.08
N VAL D 135 1.83 37.54 8.97
CA VAL D 135 1.37 36.49 9.91
C VAL D 135 1.15 35.12 9.22
N GLN D 136 0.58 35.10 8.03
CA GLN D 136 0.33 33.81 7.41
C GLN D 136 1.62 33.01 7.01
N ALA D 137 2.73 33.66 6.71
CA ALA D 137 3.94 32.88 6.46
C ALA D 137 4.54 32.46 7.78
N ARG D 138 4.55 33.39 8.71
CA ARG D 138 4.96 33.21 10.08
C ARG D 138 4.38 31.95 10.67
N GLU D 139 3.10 31.70 10.37
CA GLU D 139 2.34 30.69 11.19
C GLU D 139 1.92 29.52 10.37
N SER D 140 2.34 29.55 9.09
CA SER D 140 2.18 28.50 8.08
C SER D 140 2.36 27.09 8.63
N PHE D 141 3.54 26.79 9.17
CA PHE D 141 3.77 25.47 9.72
C PHE D 141 2.99 25.15 10.99
N TRP D 142 3.32 25.81 12.13
CA TRP D 142 2.66 25.42 13.41
C TRP D 142 1.19 25.77 13.45
N GLY D 143 0.78 26.63 12.54
CA GLY D 143 -0.64 27.03 12.44
C GLY D 143 -1.43 25.92 11.81
N MET D 144 -0.86 25.36 10.73
CA MET D 144 -1.44 24.21 10.08
C MET D 144 -1.34 23.00 10.97
N ALA D 145 -0.21 22.79 11.61
CA ALA D 145 -0.11 21.68 12.54
C ALA D 145 -1.22 21.75 13.59
N SER D 146 -1.46 22.92 14.19
CA SER D 146 -2.53 23.01 15.20
C SER D 146 -3.94 22.74 14.70
N SER D 147 -4.26 23.19 13.49
CA SER D 147 -5.59 23.04 12.87
C SER D 147 -5.88 21.59 12.54
N SER D 148 -4.90 20.95 11.90
CA SER D 148 -4.99 19.59 11.48
C SER D 148 -5.11 18.69 12.71
N TYR D 149 -4.20 18.91 13.66
CA TYR D 149 -4.27 18.27 14.96
C TYR D 149 -5.66 18.49 15.59
N ALA D 150 -6.12 19.72 15.70
CA ALA D 150 -7.45 19.96 16.33
C ALA D 150 -8.60 19.29 15.58
N HIS D 151 -8.50 19.33 14.26
CA HIS D 151 -9.51 18.80 13.39
C HIS D 151 -9.65 17.27 13.58
N SER D 152 -8.66 16.67 14.22
CA SER D 152 -8.65 15.24 14.35
C SER D 152 -9.16 14.76 15.68
N ALA D 153 -9.37 15.69 16.61
CA ALA D 153 -9.68 15.33 18.00
C ALA D 153 -11.11 14.86 18.07
N GLU D 154 -11.33 13.79 18.84
CA GLU D 154 -12.68 13.26 19.02
C GLU D 154 -12.95 13.12 20.53
N GLY D 155 -14.20 13.24 20.93
CA GLY D 155 -14.52 13.06 22.32
C GLY D 155 -14.17 14.27 23.14
N GLU D 156 -13.61 14.05 24.32
CA GLU D 156 -13.28 15.13 25.23
C GLU D 156 -11.90 15.64 24.86
N VAL D 157 -11.74 16.96 24.94
CA VAL D 157 -10.41 17.59 24.76
C VAL D 157 -10.06 18.39 25.99
N THR D 158 -8.78 18.44 26.32
CA THR D 158 -8.31 19.18 27.47
C THR D 158 -7.46 20.43 27.11
N TYR D 159 -7.64 21.50 27.89
CA TYR D 159 -6.91 22.72 27.61
C TYR D 159 -6.21 23.26 28.85
N MET D 160 -4.91 23.10 28.90
CA MET D 160 -4.17 23.62 30.02
C MET D 160 -3.69 25.07 29.78
N VAL D 161 -4.18 25.98 30.63
CA VAL D 161 -3.82 27.40 30.54
C VAL D 161 -3.02 27.97 31.70
N ASP D 162 -2.52 29.19 31.47
CA ASP D 162 -1.77 29.93 32.48
C ASP D 162 -2.71 30.91 33.15
N GLY D 163 -3.01 30.65 34.41
CA GLY D 163 -3.81 31.60 35.18
C GLY D 163 -3.04 32.62 36.00
N SER D 164 -1.72 32.70 35.80
CA SER D 164 -0.90 33.55 36.65
C SER D 164 0.00 34.58 35.95
N ASN D 165 -0.30 34.90 34.69
CA ASN D 165 0.49 35.87 33.93
C ASN D 165 -0.36 37.11 33.69
N PRO D 166 0.00 38.26 34.31
CA PRO D 166 -0.86 39.47 34.22
C PRO D 166 -0.70 40.20 32.87
N LYS D 167 0.18 39.69 32.02
CA LYS D 167 0.40 40.32 30.72
C LYS D 167 -0.30 39.54 29.58
N VAL D 168 -0.78 38.34 29.90
CA VAL D 168 -1.27 37.41 28.91
C VAL D 168 -2.47 36.69 29.54
N PRO D 169 -3.71 37.07 29.17
CA PRO D 169 -4.94 36.35 29.59
C PRO D 169 -4.92 34.84 29.33
N ALA D 170 -5.54 34.07 30.23
CA ALA D 170 -5.49 32.61 30.20
C ALA D 170 -6.06 32.10 28.93
N TYR D 171 -7.16 32.72 28.50
CA TYR D 171 -7.67 32.54 27.13
C TYR D 171 -7.55 33.81 26.28
N ARG D 172 -6.99 33.65 25.08
CA ARG D 172 -6.78 34.74 24.12
C ARG D 172 -7.29 34.30 22.76
N PRO D 173 -8.19 35.09 22.17
CA PRO D 173 -8.57 34.92 20.75
C PRO D 173 -7.36 34.76 19.82
N ASP D 174 -6.28 35.45 20.16
CA ASP D 174 -5.05 35.44 19.32
C ASP D 174 -3.93 34.39 19.67
N SER D 175 -4.18 33.50 20.62
CA SER D 175 -3.29 32.38 20.85
C SER D 175 -3.39 31.35 19.69
N PHE D 176 -2.42 30.46 19.58
CA PHE D 176 -2.61 29.35 18.66
C PHE D 176 -3.91 28.59 18.93
N PHE D 177 -4.23 28.40 20.20
CA PHE D 177 -5.45 27.74 20.56
C PHE D 177 -6.61 28.52 19.99
N GLY D 178 -6.63 29.82 20.30
CA GLY D 178 -7.69 30.71 19.86
C GLY D 178 -7.82 30.85 18.36
N LYS D 179 -6.72 30.62 17.64
CA LYS D 179 -6.69 30.86 16.18
C LYS D 179 -6.91 29.61 15.37
N TYR D 180 -6.37 28.49 15.87
CA TYR D 180 -6.28 27.28 15.05
C TYR D 180 -6.91 26.07 15.69
N GLU D 181 -7.23 26.13 16.97
CA GLU D 181 -7.61 24.91 17.63
C GLU D 181 -9.04 24.95 18.05
N LEU D 182 -9.41 25.86 18.96
CA LEU D 182 -10.79 26.00 19.30
C LEU D 182 -11.70 26.03 18.07
N PRO D 183 -11.50 26.95 17.12
CA PRO D 183 -12.47 27.04 16.03
C PRO D 183 -12.43 25.88 15.08
N ASN D 184 -11.39 25.06 15.12
CA ASN D 184 -11.32 23.93 14.21
C ASN D 184 -11.79 22.59 14.76
N LEU D 185 -12.35 22.61 15.97
CA LEU D 185 -12.82 21.39 16.62
C LEU D 185 -14.12 20.87 15.92
N THR D 186 -14.16 19.59 15.52
CA THR D 186 -15.34 19.07 14.80
C THR D 186 -16.43 18.61 15.75
N ASN D 187 -17.65 18.38 15.22
CA ASN D 187 -18.77 17.77 15.97
C ASN D 187 -18.47 16.44 16.67
N LYS D 188 -17.28 15.88 16.45
CA LYS D 188 -16.89 14.63 17.10
C LYS D 188 -16.39 14.90 18.52
N VAL D 189 -16.28 16.18 18.88
CA VAL D 189 -15.77 16.59 20.20
C VAL D 189 -16.99 16.79 21.06
N THR D 190 -16.93 16.37 22.30
CA THR D 190 -18.11 16.48 23.13
C THR D 190 -17.96 17.55 24.21
N ARG D 191 -16.78 17.67 24.78
CA ARG D 191 -16.56 18.48 25.96
C ARG D 191 -15.20 19.18 25.89
N VAL D 192 -15.12 20.39 26.41
CA VAL D 192 -13.82 21.04 26.53
C VAL D 192 -13.51 21.18 28.01
N LYS D 193 -12.43 20.54 28.43
CA LYS D 193 -12.01 20.59 29.83
C LYS D 193 -10.83 21.55 30.04
N VAL D 194 -11.06 22.65 30.77
CA VAL D 194 -9.99 23.58 31.10
C VAL D 194 -9.30 23.26 32.43
N ILE D 195 -8.00 23.42 32.44
CA ILE D 195 -7.25 23.26 33.66
C ILE D 195 -6.47 24.55 33.80
N VAL D 196 -6.91 25.38 34.71
CA VAL D 196 -6.23 26.64 34.92
C VAL D 196 -5.03 26.25 35.73
N LEU D 197 -3.92 26.91 35.52
CA LEU D 197 -2.78 26.61 36.30
C LEU D 197 -2.41 27.86 37.05
N HIS D 198 -2.37 27.77 38.38
CA HIS D 198 -1.93 28.89 39.18
C HIS D 198 -0.56 28.56 39.69
N ARG D 199 0.46 29.16 39.07
CA ARG D 199 1.87 28.95 39.45
C ARG D 199 2.08 29.31 40.91
N LEU D 200 2.94 28.54 41.57
CA LEU D 200 3.08 28.63 43.05
C LEU D 200 3.83 29.88 43.47
N GLY D 201 3.40 30.49 44.59
CA GLY D 201 4.05 31.67 45.16
C GLY D 201 3.71 32.95 44.44
N GLU D 202 2.96 32.83 43.34
CA GLU D 202 2.56 33.97 42.50
C GLU D 202 1.08 34.41 42.66
N LYS D 203 0.83 35.70 42.46
CA LYS D 203 -0.53 36.25 42.41
C LYS D 203 -1.44 35.47 41.45
N ILE D 204 -2.62 35.03 41.92
CA ILE D 204 -3.61 34.35 41.07
C ILE D 204 -4.39 35.38 40.23
N ILE D 205 -4.38 35.17 38.91
CA ILE D 205 -4.87 36.18 37.99
C ILE D 205 -6.19 35.79 37.28
N GLU D 206 -6.29 34.59 36.74
CA GLU D 206 -7.57 34.19 36.18
C GLU D 206 -8.23 33.10 37.02
N LYS D 207 -9.56 33.08 37.05
CA LYS D 207 -10.28 32.01 37.74
C LYS D 207 -11.35 31.47 36.83
N CYS D 208 -11.86 30.30 37.13
CA CYS D 208 -12.92 29.71 36.33
C CYS D 208 -14.17 30.52 36.58
N GLY D 209 -14.93 30.82 35.54
CA GLY D 209 -16.20 31.54 35.68
C GLY D 209 -16.07 33.07 35.68
N ALA D 210 -14.93 33.58 35.22
CA ALA D 210 -14.67 35.03 35.16
C ALA D 210 -13.55 35.38 34.15
N GLY D 211 -13.49 36.66 33.77
CA GLY D 211 -12.53 37.15 32.77
C GLY D 211 -12.47 36.35 31.47
N SER D 212 -11.24 36.14 30.99
CA SER D 212 -10.98 35.40 29.74
C SER D 212 -11.60 33.99 29.69
N LEU D 213 -11.65 33.29 30.82
CA LEU D 213 -12.30 31.97 30.93
C LEU D 213 -13.83 31.97 30.89
N LEU D 214 -14.50 33.01 31.41
CA LEU D 214 -15.93 33.16 31.13
C LEU D 214 -16.15 33.35 29.62
N ASP D 215 -15.43 34.27 29.01
CA ASP D 215 -15.47 34.40 27.56
C ASP D 215 -15.33 33.01 26.94
N LEU D 216 -14.40 32.19 27.44
CA LEU D 216 -14.13 30.92 26.80
C LEU D 216 -15.35 30.05 26.86
N GLU D 217 -15.91 29.97 28.06
CA GLU D 217 -17.07 29.15 28.36
C GLU D 217 -18.22 29.47 27.43
N LYS D 218 -18.49 30.75 27.26
CA LYS D 218 -19.53 31.18 26.35
C LYS D 218 -19.17 30.71 24.92
N LEU D 219 -17.93 30.87 24.53
CA LEU D 219 -17.47 30.37 23.23
C LEU D 219 -17.58 28.88 23.09
N VAL D 220 -17.25 28.15 24.14
CA VAL D 220 -17.29 26.70 24.09
C VAL D 220 -18.72 26.24 23.86
N LYS D 221 -19.62 26.79 24.66
CA LYS D 221 -21.03 26.44 24.59
C LYS D 221 -21.68 26.88 23.27
N ALA D 222 -21.26 28.02 22.74
CA ALA D 222 -21.79 28.46 21.46
C ALA D 222 -21.26 27.59 20.31
N LYS D 223 -20.37 26.65 20.63
CA LYS D 223 -19.89 25.67 19.64
C LYS D 223 -20.52 24.32 19.91
N HIS D 224 -21.48 24.34 20.84
CA HIS D 224 -22.30 23.18 21.21
C HIS D 224 -21.62 22.11 22.07
N PHE D 225 -20.45 22.42 22.66
CA PHE D 225 -19.78 21.49 23.58
C PHE D 225 -20.09 21.73 25.05
N ALA D 226 -20.02 20.66 25.84
CA ALA D 226 -19.99 20.82 27.28
C ALA D 226 -18.67 21.47 27.65
N PHE D 227 -18.63 22.11 28.81
CA PHE D 227 -17.43 22.80 29.25
C PHE D 227 -17.22 22.48 30.71
N ASP D 228 -15.97 22.30 31.11
CA ASP D 228 -15.65 22.43 32.52
C ASP D 228 -14.27 22.96 32.74
N CYS D 229 -14.04 23.42 33.96
CA CYS D 229 -12.87 24.17 34.30
C CYS D 229 -12.60 23.85 35.74
N VAL D 230 -11.33 23.93 36.11
CA VAL D 230 -10.80 23.44 37.38
C VAL D 230 -9.45 24.14 37.52
N GLU D 231 -9.06 24.44 38.75
CA GLU D 231 -7.88 25.22 39.04
C GLU D 231 -6.98 24.42 39.95
N ASN D 232 -5.76 24.14 39.47
CA ASN D 232 -4.80 23.25 40.17
C ASN D 232 -5.42 21.97 40.73
N PRO D 233 -5.89 21.08 39.83
CA PRO D 233 -6.41 19.80 40.32
C PRO D 233 -5.26 19.02 40.95
N ARG D 234 -5.51 18.32 42.06
CA ARG D 234 -4.40 17.80 42.85
C ARG D 234 -3.30 17.11 42.06
N ALA D 235 -3.72 16.34 41.05
CA ALA D 235 -2.80 15.62 40.16
C ALA D 235 -1.80 16.59 39.54
N VAL D 236 -2.28 17.77 39.19
CA VAL D 236 -1.42 18.77 38.61
C VAL D 236 -0.56 19.40 39.68
N LEU D 237 -1.22 19.82 40.78
CA LEU D 237 -0.55 20.58 41.82
C LEU D 237 0.59 19.80 42.42
N PHE D 238 0.47 18.50 42.48
CA PHE D 238 1.57 17.71 43.02
C PHE D 238 2.82 17.83 42.15
N LEU D 239 2.62 17.82 40.83
CA LEU D 239 3.71 18.07 39.87
C LEU D 239 4.43 19.36 40.17
N LEU D 240 3.66 20.44 40.30
CA LEU D 240 4.21 21.71 40.67
C LEU D 240 4.97 21.58 41.98
N CYS D 241 4.38 20.86 42.93
CA CYS D 241 5.03 20.78 44.22
C CYS D 241 6.30 19.93 44.16
N SER D 242 6.36 18.95 43.26
CA SER D 242 7.57 18.16 43.12
C SER D 242 8.77 19.05 42.87
N ASP D 243 8.56 20.07 42.03
CA ASP D 243 9.62 21.05 41.68
C ASP D 243 9.86 22.12 42.73
N ASN D 244 8.89 22.34 43.60
CA ASN D 244 8.99 23.43 44.56
C ASN D 244 8.31 23.06 45.86
N PRO D 245 8.84 22.04 46.54
CA PRO D 245 8.15 21.39 47.64
C PRO D 245 7.92 22.32 48.83
N ASN D 246 8.65 23.42 48.88
CA ASN D 246 8.49 24.34 49.98
C ASN D 246 7.28 25.29 49.90
N ALA D 247 6.64 25.40 48.73
CA ALA D 247 5.58 26.38 48.53
C ALA D 247 4.43 26.24 49.54
N ARG D 248 3.89 27.36 50.04
CA ARG D 248 2.72 27.37 50.95
C ARG D 248 1.56 26.44 50.53
N GLU D 249 1.42 26.31 49.22
CA GLU D 249 0.32 25.56 48.62
C GLU D 249 0.56 24.05 48.74
N CYS D 250 1.80 23.64 49.01
CA CYS D 250 2.15 22.22 49.19
C CYS D 250 2.30 21.82 50.64
N ARG D 251 1.48 22.43 51.49
CA ARG D 251 1.54 22.25 52.93
C ARG D 251 0.86 20.92 53.28
N LEU D 252 1.44 20.18 54.24
CA LEU D 252 1.01 18.78 54.57
C LEU D 252 -0.17 18.59 55.54
N ILE E 3 -24.64 39.46 17.16
CA ILE E 3 -24.22 40.64 16.35
C ILE E 3 -25.07 40.80 15.05
N VAL E 4 -25.51 42.04 14.81
CA VAL E 4 -26.55 42.36 13.85
C VAL E 4 -25.94 42.89 12.57
N PRO E 5 -26.07 42.12 11.46
CA PRO E 5 -25.62 42.53 10.15
C PRO E 5 -26.21 43.84 9.67
N THR E 6 -25.55 44.46 8.72
CA THR E 6 -26.02 45.69 8.12
C THR E 6 -27.18 45.49 7.16
N ARG E 7 -28.18 46.36 7.29
CA ARG E 7 -29.38 46.25 6.50
C ARG E 7 -29.10 46.79 5.11
N GLU E 8 -29.85 46.28 4.14
CA GLU E 8 -29.67 46.66 2.75
C GLU E 8 -28.21 46.81 2.37
N LEU E 9 -27.43 45.80 2.72
CA LEU E 9 -26.00 45.76 2.42
C LEU E 9 -25.67 46.19 1.00
N GLU E 10 -26.27 45.56 -0.01
CA GLU E 10 -25.96 45.95 -1.39
C GLU E 10 -26.13 47.48 -1.59
N ASN E 11 -27.32 48.00 -1.25
CA ASN E 11 -27.66 49.43 -1.35
C ASN E 11 -26.66 50.39 -0.70
N VAL E 12 -26.19 50.03 0.49
CA VAL E 12 -25.25 50.86 1.24
C VAL E 12 -23.89 50.85 0.58
N PHE E 13 -23.42 49.67 0.24
CA PHE E 13 -22.18 49.50 -0.50
C PHE E 13 -22.21 50.31 -1.79
N LEU E 14 -23.30 50.21 -2.57
CA LEU E 14 -23.40 50.91 -3.85
C LEU E 14 -23.49 52.39 -3.66
N GLY E 15 -24.14 52.80 -2.57
CA GLY E 15 -24.32 54.23 -2.28
C GLY E 15 -22.98 54.84 -1.97
N ARG E 16 -22.40 54.36 -0.88
CA ARG E 16 -21.05 54.68 -0.54
C ARG E 16 -20.15 54.58 -1.73
N CYS E 17 -20.23 53.51 -2.52
CA CYS E 17 -19.29 53.38 -3.64
C CYS E 17 -19.45 54.54 -4.61
N LYS E 18 -20.71 54.88 -4.93
CA LYS E 18 -21.01 55.95 -5.88
C LYS E 18 -20.66 57.32 -5.31
N ASP E 19 -21.03 57.53 -4.03
CA ASP E 19 -20.68 58.78 -3.35
C ASP E 19 -19.18 58.95 -3.40
N TYR E 20 -18.42 57.97 -2.95
CA TYR E 20 -16.96 58.05 -3.12
C TYR E 20 -16.53 58.32 -4.57
N GLU E 21 -17.04 57.54 -5.52
CA GLU E 21 -16.58 57.63 -6.89
C GLU E 21 -16.60 59.08 -7.33
N ILE E 22 -17.77 59.73 -7.14
CA ILE E 22 -17.98 61.08 -7.69
C ILE E 22 -17.49 62.23 -6.83
N THR E 23 -17.66 62.14 -5.52
CA THR E 23 -17.41 63.32 -4.68
C THR E 23 -16.25 63.27 -3.68
N ARG E 24 -15.75 62.10 -3.34
CA ARG E 24 -14.83 62.01 -2.21
C ARG E 24 -13.37 61.84 -2.60
N TYR E 25 -12.53 62.60 -1.90
CA TYR E 25 -11.08 62.58 -2.05
C TYR E 25 -10.63 62.96 -3.45
N LEU E 26 -11.30 63.92 -4.09
CA LEU E 26 -11.08 64.07 -5.51
C LEU E 26 -9.63 64.38 -5.82
N ASP E 27 -9.05 65.33 -5.14
CA ASP E 27 -7.69 65.63 -5.56
C ASP E 27 -6.63 65.04 -4.61
N ILE E 28 -6.99 63.90 -4.01
CA ILE E 28 -6.19 63.26 -2.97
C ILE E 28 -5.89 61.81 -3.31
N LEU E 29 -6.94 61.08 -3.73
CA LEU E 29 -6.84 59.64 -4.08
C LEU E 29 -7.46 59.42 -5.43
N PRO E 30 -6.83 58.59 -6.26
CA PRO E 30 -7.28 58.40 -7.63
C PRO E 30 -8.54 57.53 -7.72
N ARG E 31 -9.26 57.65 -8.83
CA ARG E 31 -10.48 56.89 -8.97
C ARG E 31 -10.08 55.49 -9.39
N VAL E 32 -10.91 54.50 -9.08
CA VAL E 32 -10.60 53.15 -9.55
C VAL E 32 -11.20 52.92 -10.92
N ARG E 33 -10.57 52.03 -11.70
CA ARG E 33 -11.05 51.70 -13.04
C ARG E 33 -12.45 51.04 -13.05
N SER E 34 -12.70 50.11 -12.12
CA SER E 34 -13.98 49.37 -12.05
C SER E 34 -15.22 50.18 -11.65
N ASP E 35 -16.36 49.91 -12.27
CA ASP E 35 -17.58 50.57 -11.81
C ASP E 35 -18.05 49.92 -10.52
N CYS E 36 -18.96 50.59 -9.84
CA CYS E 36 -19.50 50.16 -8.56
C CYS E 36 -20.20 48.79 -8.61
N SER E 37 -20.85 48.45 -9.73
CA SER E 37 -21.53 47.16 -9.78
C SER E 37 -20.58 46.00 -10.01
N ALA E 38 -19.47 46.24 -10.69
CA ALA E 38 -18.47 45.18 -10.82
C ALA E 38 -17.75 44.90 -9.50
N LEU E 39 -17.49 45.96 -8.72
CA LEU E 39 -16.89 45.83 -7.40
C LEU E 39 -17.84 45.05 -6.50
N TRP E 40 -19.15 45.31 -6.64
CA TRP E 40 -20.13 44.58 -5.86
C TRP E 40 -20.06 43.11 -6.16
N LYS E 41 -20.14 42.80 -7.46
CA LYS E 41 -19.94 41.47 -7.94
C LYS E 41 -18.72 40.77 -7.31
N ASP E 42 -17.54 41.40 -7.33
CA ASP E 42 -16.29 40.85 -6.75
C ASP E 42 -16.34 40.72 -5.22
N PHE E 43 -17.04 41.65 -4.56
CA PHE E 43 -17.14 41.64 -3.12
C PHE E 43 -18.10 40.52 -2.66
N PHE E 44 -19.24 40.39 -3.35
CA PHE E 44 -20.29 39.44 -2.99
C PHE E 44 -19.84 38.00 -3.16
N LYS E 45 -19.33 37.74 -4.35
CA LYS E 45 -18.68 36.51 -4.76
C LYS E 45 -17.71 36.00 -3.69
N ALA E 46 -17.08 36.88 -2.94
CA ALA E 46 -16.13 36.47 -1.90
C ALA E 46 -16.73 35.74 -0.70
N PHE E 47 -17.93 36.08 -0.30
CA PHE E 47 -18.47 35.41 0.88
C PHE E 47 -19.84 34.78 0.65
N SER E 48 -20.49 35.07 -0.46
CA SER E 48 -21.87 34.63 -0.66
C SER E 48 -21.94 33.14 -0.86
N PHE E 49 -23.02 32.53 -0.32
CA PHE E 49 -23.30 31.11 -0.48
C PHE E 49 -22.17 30.27 0.08
N LYS E 50 -21.64 30.65 1.23
CA LYS E 50 -20.74 29.77 1.98
C LYS E 50 -21.08 30.00 3.43
N ASN E 51 -20.62 29.11 4.30
CA ASN E 51 -20.86 29.33 5.69
C ASN E 51 -19.93 30.46 6.15
N PRO E 52 -20.39 31.29 7.10
CA PRO E 52 -19.72 32.49 7.55
C PRO E 52 -18.29 32.30 7.98
N CYS E 53 -17.88 31.06 8.30
CA CYS E 53 -16.54 30.80 8.84
C CYS E 53 -15.70 30.12 7.79
N ASP E 54 -16.34 29.76 6.68
CA ASP E 54 -15.59 29.02 5.67
C ASP E 54 -14.86 29.93 4.66
N LEU E 55 -14.82 31.24 4.93
CA LEU E 55 -13.87 32.17 4.30
C LEU E 55 -12.41 31.85 4.57
N ASP E 56 -11.53 32.54 3.85
CA ASP E 56 -10.08 32.59 4.09
C ASP E 56 -9.41 33.82 3.44
N LEU E 57 -8.09 33.85 3.55
CA LEU E 57 -7.31 35.04 3.21
C LEU E 57 -7.26 35.41 1.73
N GLY E 58 -7.66 34.50 0.86
CA GLY E 58 -7.65 34.75 -0.56
C GLY E 58 -9.08 34.98 -1.01
N SER E 59 -10.01 34.90 -0.06
CA SER E 59 -11.41 35.12 -0.37
C SER E 59 -11.71 36.42 -1.09
N TYR E 60 -11.23 37.53 -0.55
CA TYR E 60 -11.53 38.83 -1.16
C TYR E 60 -10.49 39.35 -2.14
N LYS E 61 -9.54 38.49 -2.52
CA LYS E 61 -8.45 38.83 -3.46
C LYS E 61 -8.93 39.62 -4.69
N ASP E 62 -9.86 39.07 -5.45
CA ASP E 62 -10.37 39.74 -6.65
C ASP E 62 -10.97 41.13 -6.37
N PHE E 63 -11.70 41.27 -5.27
CA PHE E 63 -12.12 42.57 -4.82
C PHE E 63 -10.99 43.56 -4.54
N PHE E 64 -10.05 43.22 -3.68
CA PHE E 64 -8.94 44.14 -3.48
C PHE E 64 -8.11 44.48 -4.74
N THR E 65 -7.95 43.54 -5.66
CA THR E 65 -7.25 43.89 -6.89
C THR E 65 -8.00 45.02 -7.61
N SER E 66 -9.31 44.85 -7.83
CA SER E 66 -10.08 45.89 -8.51
C SER E 66 -10.16 47.12 -7.65
N ALA E 67 -10.19 46.97 -6.32
CA ALA E 67 -10.55 48.11 -5.43
C ALA E 67 -9.37 48.97 -5.06
N GLN E 68 -8.16 48.51 -5.37
CA GLN E 68 -6.92 49.18 -4.94
C GLN E 68 -6.52 50.41 -5.73
N GLN E 69 -6.35 51.51 -5.03
CA GLN E 69 -5.91 52.77 -5.58
C GLN E 69 -4.40 52.92 -5.46
N GLN E 70 -3.75 53.78 -6.24
CA GLN E 70 -2.39 54.17 -5.88
C GLN E 70 -2.44 55.16 -4.75
N LEU E 71 -1.50 55.00 -3.80
CA LEU E 71 -1.43 55.90 -2.66
C LEU E 71 -0.39 56.99 -2.85
N PRO E 72 -0.68 58.23 -2.45
CA PRO E 72 0.35 59.26 -2.66
C PRO E 72 1.55 58.96 -1.78
N LYS E 73 2.72 59.06 -2.40
CA LYS E 73 3.97 58.88 -1.70
C LYS E 73 4.03 59.70 -0.40
N ASN E 74 4.60 59.11 0.64
CA ASN E 74 4.82 59.80 1.91
C ASN E 74 3.64 60.09 2.81
N LYS E 75 2.39 59.96 2.33
CA LYS E 75 1.23 60.31 3.19
C LYS E 75 0.59 59.13 3.88
N VAL E 76 1.03 57.91 3.61
CA VAL E 76 0.31 56.75 4.17
C VAL E 76 0.51 56.59 5.67
N MET E 77 -0.58 56.29 6.38
CA MET E 77 -0.58 56.19 7.83
C MET E 77 -1.13 54.90 8.38
N PHE E 78 -0.40 54.29 9.29
CA PHE E 78 -0.91 53.13 9.98
C PHE E 78 -1.21 53.55 11.40
N TRP E 79 -2.02 52.81 12.11
CA TRP E 79 -2.34 53.13 13.50
C TRP E 79 -2.75 51.91 14.28
N SER E 80 -2.54 51.95 15.58
CA SER E 80 -2.96 50.88 16.49
C SER E 80 -3.42 51.49 17.79
N GLY E 81 -4.64 51.22 18.17
CA GLY E 81 -5.11 51.58 19.50
C GLY E 81 -5.45 53.05 19.66
N VAL E 82 -5.49 53.78 18.56
CA VAL E 82 -5.72 55.20 18.62
C VAL E 82 -6.64 55.65 17.50
N TYR E 83 -7.75 54.96 17.30
CA TYR E 83 -8.60 55.25 16.15
C TYR E 83 -8.88 56.75 16.03
N ASP E 84 -9.52 57.33 17.05
CA ASP E 84 -9.96 58.71 16.96
C ASP E 84 -8.81 59.73 16.81
N GLU E 85 -7.79 59.56 17.62
CA GLU E 85 -6.66 60.46 17.57
C GLU E 85 -5.97 60.47 16.20
N ALA E 86 -5.57 59.31 15.72
CA ALA E 86 -5.03 59.14 14.38
C ALA E 86 -5.97 59.66 13.29
N HIS E 87 -7.26 59.35 13.37
CA HIS E 87 -8.14 59.89 12.35
C HIS E 87 -8.33 61.42 12.40
N ASP E 88 -8.29 62.03 13.60
CA ASP E 88 -8.42 63.48 13.68
C ASP E 88 -7.18 64.17 13.09
N TYR E 89 -6.00 63.67 13.45
CA TYR E 89 -4.73 64.20 12.99
C TYR E 89 -4.54 64.02 11.47
N ALA E 90 -5.00 62.89 10.93
CA ALA E 90 -4.89 62.66 9.49
C ALA E 90 -5.76 63.65 8.72
N ASN E 91 -6.80 64.12 9.41
CA ASN E 91 -7.67 65.19 8.92
C ASN E 91 -8.30 64.89 7.50
N THR E 92 -8.96 63.75 7.38
CA THR E 92 -9.61 63.32 6.12
C THR E 92 -8.75 63.41 4.86
N GLY E 93 -7.57 62.80 4.89
CA GLY E 93 -6.74 62.76 3.72
C GLY E 93 -5.92 64.03 3.58
N ARG E 94 -6.24 65.08 4.32
CA ARG E 94 -5.50 66.33 4.15
C ARG E 94 -4.05 66.32 4.68
N LYS E 95 -3.80 65.68 5.82
CA LYS E 95 -2.44 65.50 6.26
C LYS E 95 -1.92 64.09 5.89
N TYR E 96 -2.61 63.04 6.37
CA TYR E 96 -2.29 61.69 5.94
C TYR E 96 -3.50 60.93 5.40
N ILE E 97 -3.23 59.90 4.59
CA ILE E 97 -4.17 58.86 4.17
C ILE E 97 -4.28 57.74 5.23
N THR E 98 -5.50 57.33 5.58
CA THR E 98 -5.70 56.06 6.32
C THR E 98 -6.46 55.08 5.49
N LEU E 99 -6.41 53.81 5.90
CA LEU E 99 -7.15 52.78 5.16
C LEU E 99 -8.59 53.20 5.06
N GLU E 100 -9.10 53.84 6.10
CA GLU E 100 -10.49 54.30 6.13
C GLU E 100 -10.81 55.36 5.06
N ASP E 101 -9.80 56.05 4.58
CA ASP E 101 -10.01 56.98 3.50
C ASP E 101 -9.95 56.30 2.13
N THR E 102 -9.36 55.12 2.04
CA THR E 102 -9.26 54.53 0.74
C THR E 102 -10.62 53.94 0.39
N LEU E 103 -10.84 53.58 -0.87
CA LEU E 103 -12.16 53.21 -1.30
C LEU E 103 -12.71 51.99 -0.52
N PRO E 104 -11.98 50.87 -0.52
CA PRO E 104 -12.55 49.72 0.15
C PRO E 104 -12.75 49.99 1.64
N GLY E 105 -11.90 50.81 2.25
CA GLY E 105 -12.05 51.14 3.67
C GLY E 105 -13.28 51.99 3.89
N TYR E 106 -13.42 53.03 3.09
CA TYR E 106 -14.60 53.89 3.11
C TYR E 106 -15.89 53.07 2.89
N MET E 107 -15.92 52.11 1.97
CA MET E 107 -17.21 51.43 1.69
C MET E 107 -17.65 50.53 2.81
N LEU E 108 -16.71 49.80 3.39
CA LEU E 108 -17.05 48.77 4.35
C LEU E 108 -16.90 49.21 5.76
N ASN E 109 -16.43 50.43 5.98
CA ASN E 109 -16.20 50.88 7.34
C ASN E 109 -17.42 50.66 8.27
N SER E 110 -17.13 50.08 9.44
CA SER E 110 -18.10 49.78 10.49
C SER E 110 -19.19 48.77 10.10
N LEU E 111 -19.24 48.40 8.83
CA LEU E 111 -20.30 47.51 8.31
C LEU E 111 -20.16 46.10 8.81
N VAL E 112 -21.22 45.30 8.78
CA VAL E 112 -21.19 43.94 9.34
C VAL E 112 -21.96 42.99 8.43
N TRP E 113 -21.32 41.91 8.01
CA TRP E 113 -21.94 41.00 7.07
C TRP E 113 -21.32 39.64 7.20
N CYS E 114 -22.10 38.59 6.92
CA CYS E 114 -21.60 37.23 6.81
C CYS E 114 -22.37 36.44 5.78
N GLY E 115 -21.76 35.36 5.26
CA GLY E 115 -22.46 34.47 4.34
C GLY E 115 -23.35 33.41 4.97
N GLN E 116 -24.08 32.71 4.11
CA GLN E 116 -24.81 31.48 4.44
C GLN E 116 -24.95 30.67 3.16
N ARG E 117 -25.08 29.35 3.30
CA ARG E 117 -25.20 28.41 2.16
C ARG E 117 -26.56 28.51 1.46
N ALA E 118 -27.63 28.64 2.24
CA ALA E 118 -28.97 28.78 1.70
C ALA E 118 -29.14 30.17 1.15
N ASN E 119 -30.26 30.41 0.48
CA ASN E 119 -30.47 31.65 -0.22
C ASN E 119 -30.86 32.77 0.73
N PRO E 120 -30.54 34.04 0.37
CA PRO E 120 -29.78 34.49 -0.79
C PRO E 120 -28.25 34.53 -0.60
N GLY E 121 -27.67 33.57 0.10
CA GLY E 121 -26.21 33.44 0.16
C GLY E 121 -25.55 34.29 1.21
N PHE E 122 -26.37 35.09 1.89
CA PHE E 122 -25.97 35.87 3.05
C PHE E 122 -27.06 35.93 4.12
N ASN E 123 -26.62 36.17 5.35
CA ASN E 123 -27.48 36.29 6.52
C ASN E 123 -27.90 37.72 6.77
N GLU E 124 -29.20 37.96 6.80
CA GLU E 124 -29.71 39.27 7.12
C GLU E 124 -30.05 39.38 8.62
N LYS E 125 -29.82 38.32 9.37
CA LYS E 125 -30.37 38.23 10.71
C LYS E 125 -29.33 38.25 11.80
N VAL E 126 -28.24 37.52 11.58
CA VAL E 126 -27.22 37.33 12.62
C VAL E 126 -25.88 36.86 12.04
N CYS E 127 -24.79 37.33 12.64
CA CYS E 127 -23.48 36.84 12.28
C CYS E 127 -22.84 36.26 13.52
N PRO E 128 -22.03 35.19 13.35
CA PRO E 128 -21.35 34.55 14.49
C PRO E 128 -20.39 35.50 15.19
N ASP E 129 -20.14 35.26 16.48
CA ASP E 129 -19.03 35.90 17.18
C ASP E 129 -17.80 35.41 16.45
N PHE E 130 -17.03 36.33 15.88
CA PHE E 130 -15.93 35.89 15.05
C PHE E 130 -14.79 35.14 15.76
N LYS E 131 -14.62 35.35 17.07
CA LYS E 131 -13.76 34.47 17.86
C LYS E 131 -14.18 33.03 17.64
N THR E 132 -15.25 32.83 16.90
CA THR E 132 -15.81 31.52 16.62
C THR E 132 -15.19 30.85 15.38
N CYS E 133 -14.74 31.68 14.45
CA CYS E 133 -14.19 31.20 13.22
C CYS E 133 -12.69 31.02 13.30
N PRO E 134 -12.13 30.17 12.42
CA PRO E 134 -10.72 30.17 12.22
C PRO E 134 -10.19 31.59 11.97
N VAL E 135 -8.97 31.91 12.43
CA VAL E 135 -8.44 33.28 12.25
C VAL E 135 -8.42 33.66 10.76
N GLN E 136 -7.97 32.76 9.88
CA GLN E 136 -7.92 33.15 8.45
C GLN E 136 -9.31 33.53 7.90
N ALA E 137 -10.38 33.13 8.59
CA ALA E 137 -11.73 33.55 8.21
C ALA E 137 -12.12 34.89 8.80
N ARG E 138 -11.82 35.10 10.07
CA ARG E 138 -12.22 36.35 10.69
C ARG E 138 -11.36 37.49 10.30
N GLU E 139 -10.23 37.19 9.71
CA GLU E 139 -9.35 38.27 9.26
C GLU E 139 -9.38 38.38 7.74
N SER E 140 -10.17 37.52 7.12
CA SER E 140 -10.21 37.39 5.67
C SER E 140 -10.35 38.74 4.97
N PHE E 141 -11.32 39.55 5.39
CA PHE E 141 -11.52 40.90 4.84
C PHE E 141 -10.51 41.97 5.34
N TRP E 142 -10.67 42.41 6.58
CA TRP E 142 -9.82 43.49 7.07
C TRP E 142 -8.35 43.17 6.97
N GLY E 143 -8.02 41.90 7.25
CA GLY E 143 -6.67 41.41 7.03
C GLY E 143 -6.21 41.66 5.60
N MET E 144 -7.02 41.31 4.60
CA MET E 144 -6.58 41.50 3.22
C MET E 144 -6.55 42.98 2.87
N ALA E 145 -7.57 43.75 3.30
CA ALA E 145 -7.54 45.22 3.19
C ALA E 145 -6.18 45.82 3.61
N SER E 146 -5.75 45.56 4.85
CA SER E 146 -4.44 45.95 5.33
C SER E 146 -3.25 45.51 4.48
N SER E 147 -3.23 44.26 4.00
CA SER E 147 -2.09 43.79 3.17
C SER E 147 -1.97 44.57 1.91
N SER E 148 -3.12 44.73 1.25
CA SER E 148 -3.21 45.43 -0.02
C SER E 148 -2.86 46.93 0.12
N TYR E 149 -3.27 47.53 1.24
CA TYR E 149 -3.00 48.93 1.53
C TYR E 149 -1.52 49.11 1.86
N ALA E 150 -1.00 48.30 2.79
CA ALA E 150 0.39 48.38 3.11
C ALA E 150 1.15 48.10 1.83
N HIS E 151 0.70 47.14 1.03
CA HIS E 151 1.44 46.81 -0.19
C HIS E 151 1.58 47.99 -1.14
N SER E 152 0.66 48.94 -1.13
CA SER E 152 0.77 50.05 -2.09
C SER E 152 1.50 51.28 -1.58
N ALA E 153 1.90 51.26 -0.32
CA ALA E 153 2.54 52.42 0.28
C ALA E 153 3.91 52.68 -0.32
N GLU E 154 4.19 53.95 -0.60
CA GLU E 154 5.48 54.45 -1.18
C GLU E 154 6.05 55.56 -0.31
N GLY E 155 7.36 55.65 -0.26
CA GLY E 155 8.00 56.71 0.50
C GLY E 155 7.93 56.50 2.01
N GLU E 156 7.86 57.61 2.74
CA GLU E 156 7.88 57.57 4.17
C GLU E 156 6.50 57.17 4.64
N VAL E 157 6.45 56.29 5.64
CA VAL E 157 5.18 55.89 6.23
C VAL E 157 5.14 56.34 7.65
N THR E 158 3.92 56.55 8.15
CA THR E 158 3.72 56.99 9.51
C THR E 158 2.85 55.98 10.31
N TYR E 159 3.23 55.80 11.57
CA TYR E 159 2.53 54.90 12.45
C TYR E 159 2.16 55.58 13.76
N MET E 160 0.87 55.66 14.06
CA MET E 160 0.53 56.21 15.35
C MET E 160 0.16 55.11 16.36
N VAL E 161 0.73 55.21 17.56
CA VAL E 161 0.55 54.18 18.60
C VAL E 161 0.15 54.73 19.98
N ASP E 162 -0.55 53.91 20.73
CA ASP E 162 -0.89 54.25 22.07
C ASP E 162 0.28 53.85 22.94
N GLY E 163 0.75 54.80 23.75
CA GLY E 163 1.92 54.59 24.57
C GLY E 163 1.55 54.55 26.02
N SER E 164 0.25 54.41 26.28
CA SER E 164 -0.26 54.50 27.68
C SER E 164 -1.21 53.35 28.03
N ASN E 165 -1.03 52.21 27.39
CA ASN E 165 -1.89 51.08 27.67
C ASN E 165 -1.12 49.98 28.41
N PRO E 166 -1.30 49.93 29.77
CA PRO E 166 -0.66 48.96 30.68
C PRO E 166 -0.84 47.54 30.20
N LYS E 167 -1.94 47.32 29.48
CA LYS E 167 -2.32 46.04 28.88
C LYS E 167 -1.80 45.79 27.45
N VAL E 168 -1.91 46.76 26.55
CA VAL E 168 -1.51 46.52 25.16
C VAL E 168 -0.19 47.24 24.84
N PRO E 169 0.90 46.50 24.53
CA PRO E 169 2.10 47.23 24.16
C PRO E 169 1.88 48.11 22.92
N ALA E 170 2.75 49.09 22.71
CA ALA E 170 2.50 50.06 21.68
C ALA E 170 2.56 49.36 20.35
N TYR E 171 3.48 48.44 20.25
CA TYR E 171 3.63 47.62 19.05
C TYR E 171 3.49 46.13 19.41
N ARG E 172 2.79 45.38 18.55
CA ARG E 172 2.56 43.94 18.70
C ARG E 172 2.50 43.22 17.35
N PRO E 173 3.30 42.15 17.19
CA PRO E 173 3.28 41.31 15.98
C PRO E 173 1.86 40.84 15.64
N ASP E 174 1.05 40.65 16.68
CA ASP E 174 -0.37 40.30 16.49
C ASP E 174 -1.40 41.41 16.36
N SER E 175 -0.99 42.69 16.32
CA SER E 175 -1.94 43.72 15.93
C SER E 175 -2.09 43.61 14.42
N PHE E 176 -3.07 44.29 13.83
CA PHE E 176 -3.19 44.23 12.38
C PHE E 176 -1.93 44.74 11.72
N PHE E 177 -1.30 45.74 12.35
CA PHE E 177 -0.09 46.31 11.81
C PHE E 177 1.01 45.29 11.78
N GLY E 178 1.18 44.56 12.86
CA GLY E 178 2.27 43.63 12.96
C GLY E 178 2.02 42.43 12.13
N LYS E 179 0.73 42.17 11.90
CA LYS E 179 0.29 40.99 11.17
C LYS E 179 0.42 41.16 9.65
N TYR E 180 -0.12 42.26 9.10
CA TYR E 180 -0.35 42.43 7.65
C TYR E 180 0.18 43.70 7.09
N GLU E 181 0.70 44.58 7.93
CA GLU E 181 1.12 45.87 7.42
C GLU E 181 2.61 45.97 7.39
N LEU E 182 3.20 46.17 8.57
CA LEU E 182 4.65 46.19 8.70
C LEU E 182 5.37 45.17 7.80
N PRO E 183 4.98 43.89 7.86
CA PRO E 183 5.67 42.90 7.05
C PRO E 183 5.35 42.95 5.53
N ASN E 184 4.37 43.75 5.12
CA ASN E 184 4.01 43.78 3.71
C ASN E 184 4.50 45.04 2.99
N LEU E 185 5.27 45.88 3.69
CA LEU E 185 5.82 47.09 3.07
C LEU E 185 6.91 46.68 2.08
N THR E 186 6.92 47.34 0.93
CA THR E 186 7.86 47.04 -0.17
C THR E 186 9.16 47.86 -0.11
N ASN E 187 10.04 47.57 -1.06
CA ASN E 187 11.26 48.32 -1.16
C ASN E 187 11.02 49.76 -1.64
N LYS E 188 9.79 50.09 -2.02
CA LYS E 188 9.45 51.47 -2.34
C LYS E 188 9.11 52.29 -1.11
N VAL E 189 8.93 51.65 0.04
CA VAL E 189 8.90 52.36 1.32
C VAL E 189 10.33 52.67 1.80
N THR E 190 10.53 53.84 2.41
CA THR E 190 11.91 54.29 2.72
C THR E 190 12.16 54.51 4.22
N ARG E 191 11.09 54.88 4.92
CA ARG E 191 11.18 55.21 6.32
C ARG E 191 9.86 54.91 7.02
N VAL E 192 9.98 54.48 8.27
CA VAL E 192 8.85 54.35 9.14
C VAL E 192 8.96 55.35 10.30
N LYS E 193 7.98 56.24 10.38
CA LYS E 193 8.01 57.36 11.31
C LYS E 193 6.92 57.11 12.29
N VAL E 194 7.29 56.85 13.53
CA VAL E 194 6.34 56.44 14.55
C VAL E 194 5.92 57.67 15.30
N ILE E 195 4.63 57.85 15.52
CA ILE E 195 4.20 58.83 16.49
C ILE E 195 3.64 58.10 17.71
N VAL E 196 4.14 58.46 18.89
CA VAL E 196 3.68 57.87 20.15
C VAL E 196 2.75 58.77 20.95
N LEU E 197 1.51 58.36 21.06
CA LEU E 197 0.59 59.13 21.85
C LEU E 197 0.78 58.89 23.34
N HIS E 198 1.12 59.89 24.15
CA HIS E 198 1.07 59.70 25.61
C HIS E 198 -0.17 60.39 26.17
N ARG E 199 -1.25 59.61 26.32
CA ARG E 199 -2.55 60.16 26.74
C ARG E 199 -2.40 61.07 27.95
N LEU E 200 -3.17 62.15 27.95
CA LEU E 200 -3.10 63.19 28.95
C LEU E 200 -3.57 62.64 30.28
N GLY E 201 -2.92 63.08 31.36
CA GLY E 201 -3.27 62.68 32.70
C GLY E 201 -2.98 61.24 33.05
N GLU E 202 -2.42 60.46 32.12
CA GLU E 202 -2.20 59.04 32.36
C GLU E 202 -0.71 58.74 32.57
N LYS E 203 -0.39 57.68 33.30
CA LYS E 203 0.98 57.27 33.39
C LYS E 203 1.48 56.78 32.03
N ILE E 204 2.75 57.05 31.75
CA ILE E 204 3.43 56.64 30.53
C ILE E 204 3.97 55.20 30.64
N ILE E 205 3.59 54.36 29.68
CA ILE E 205 3.99 52.96 29.63
C ILE E 205 5.16 52.71 28.63
N GLU E 206 5.19 53.48 27.54
CA GLU E 206 6.08 53.17 26.43
C GLU E 206 6.81 54.42 25.91
N LYS E 207 8.08 54.26 25.58
CA LYS E 207 8.91 55.39 25.16
C LYS E 207 9.76 54.96 23.98
N CYS E 208 10.14 55.92 23.15
CA CYS E 208 11.02 55.70 22.01
C CYS E 208 12.36 55.10 22.42
N GLY E 209 12.84 54.13 21.68
CA GLY E 209 14.13 53.48 21.98
C GLY E 209 14.17 52.50 23.15
N ALA E 210 12.99 52.01 23.57
CA ALA E 210 12.85 51.09 24.70
C ALA E 210 11.60 50.23 24.54
N GLY E 211 11.55 49.08 25.21
CA GLY E 211 10.35 48.25 25.18
C GLY E 211 9.97 47.75 23.80
N SER E 212 8.69 47.87 23.45
CA SER E 212 8.18 47.27 22.20
C SER E 212 8.60 48.15 21.04
N LEU E 213 8.71 49.45 21.32
CA LEU E 213 9.24 50.40 20.37
C LEU E 213 10.66 50.11 19.93
N LEU E 214 11.48 49.57 20.83
CA LEU E 214 12.82 49.19 20.43
C LEU E 214 12.72 48.03 19.47
N ASP E 215 11.85 47.07 19.81
CA ASP E 215 11.65 45.87 19.00
C ASP E 215 11.23 46.22 17.58
N LEU E 216 10.29 47.15 17.48
CA LEU E 216 9.80 47.60 16.21
C LEU E 216 10.90 48.27 15.42
N GLU E 217 11.72 49.06 16.11
CA GLU E 217 12.84 49.74 15.48
C GLU E 217 13.73 48.71 14.82
N LYS E 218 13.95 47.59 15.52
CA LYS E 218 14.82 46.54 15.01
C LYS E 218 14.22 45.94 13.75
N LEU E 219 12.91 45.73 13.78
CA LEU E 219 12.23 45.08 12.66
C LEU E 219 12.29 45.98 11.46
N VAL E 220 12.04 47.25 11.71
CA VAL E 220 12.04 48.26 10.66
C VAL E 220 13.39 48.32 9.95
N LYS E 221 14.47 48.24 10.74
CA LYS E 221 15.82 48.31 10.21
C LYS E 221 16.26 47.03 9.55
N ALA E 222 15.75 45.89 10.00
CA ALA E 222 15.94 44.63 9.29
C ALA E 222 15.21 44.60 7.93
N LYS E 223 14.31 45.53 7.70
CA LYS E 223 13.60 45.60 6.43
C LYS E 223 14.23 46.64 5.53
N HIS E 224 15.31 47.22 6.04
CA HIS E 224 16.09 48.21 5.32
C HIS E 224 15.34 49.53 5.16
N PHE E 225 14.53 49.90 6.15
CA PHE E 225 13.93 51.24 6.24
C PHE E 225 14.61 52.11 7.27
N ALA E 226 14.64 53.40 7.00
CA ALA E 226 15.03 54.31 8.03
C ALA E 226 13.89 54.40 9.04
N PHE E 227 14.21 54.80 10.27
CA PHE E 227 13.26 54.78 11.38
C PHE E 227 13.32 56.07 12.15
N ASP E 228 12.17 56.64 12.52
CA ASP E 228 12.15 57.66 13.60
C ASP E 228 10.94 57.55 14.52
N CYS E 229 10.92 58.27 15.63
CA CYS E 229 9.91 58.08 16.65
C CYS E 229 9.79 59.39 17.38
N VAL E 230 8.59 59.85 17.69
CA VAL E 230 8.36 61.07 18.48
C VAL E 230 7.26 60.86 19.51
N GLU E 231 7.36 61.54 20.63
CA GLU E 231 6.34 61.44 21.65
C GLU E 231 5.59 62.76 21.79
N ASN E 232 4.26 62.68 21.66
CA ASN E 232 3.41 63.88 21.70
C ASN E 232 3.98 65.09 20.99
N PRO E 233 4.19 64.98 19.67
CA PRO E 233 4.60 66.16 18.97
C PRO E 233 3.52 67.20 19.17
N ARG E 234 3.91 68.47 19.05
CA ARG E 234 3.05 69.60 19.39
C ARG E 234 1.73 69.54 18.63
N ALA E 235 1.78 69.41 17.30
CA ALA E 235 0.54 69.37 16.53
C ALA E 235 -0.45 68.32 17.10
N VAL E 236 0.06 67.16 17.49
CA VAL E 236 -0.79 66.14 18.08
C VAL E 236 -1.21 66.52 19.51
N LEU E 237 -0.27 66.92 20.35
CA LEU E 237 -0.62 67.36 21.71
C LEU E 237 -1.80 68.33 21.76
N PHE E 238 -1.91 69.20 20.77
CA PHE E 238 -2.92 70.24 20.82
C PHE E 238 -4.23 69.61 20.48
N LEU E 239 -4.18 68.51 19.74
CA LEU E 239 -5.41 67.83 19.39
C LEU E 239 -6.04 67.24 20.63
N LEU E 240 -5.21 66.55 21.42
CA LEU E 240 -5.57 66.01 22.72
C LEU E 240 -6.00 67.08 23.67
N CYS E 241 -5.29 68.20 23.69
CA CYS E 241 -5.60 69.24 24.66
C CYS E 241 -6.97 69.82 24.38
N SER E 242 -7.43 69.67 23.17
CA SER E 242 -8.71 70.25 22.81
C SER E 242 -9.80 69.55 23.59
N ASP E 243 -9.76 68.22 23.61
CA ASP E 243 -10.81 67.42 24.30
C ASP E 243 -10.73 67.41 25.84
N ASN E 244 -9.59 67.84 26.37
CA ASN E 244 -9.37 67.94 27.78
C ASN E 244 -8.37 69.09 28.01
N PRO E 245 -8.88 70.34 28.04
CA PRO E 245 -8.05 71.56 28.14
C PRO E 245 -7.45 71.89 29.50
N ASN E 246 -8.00 71.34 30.57
CA ASN E 246 -7.50 71.64 31.90
C ASN E 246 -6.34 70.75 32.31
N ALA E 247 -6.03 69.76 31.48
CA ALA E 247 -4.87 68.90 31.65
C ALA E 247 -3.58 69.68 31.80
N ARG E 248 -2.78 69.22 32.76
CA ARG E 248 -1.56 69.87 33.18
C ARG E 248 -0.64 70.08 32.00
N GLU E 249 -0.50 69.09 31.12
CA GLU E 249 0.43 69.19 29.99
C GLU E 249 -0.03 70.24 28.97
N CYS E 250 -1.21 70.82 29.17
CA CYS E 250 -1.74 71.87 28.31
C CYS E 250 -1.70 73.33 28.88
N ARG E 251 -1.29 73.53 30.13
CA ARG E 251 -1.05 74.88 30.66
C ARG E 251 -0.31 75.76 29.62
N LEU E 252 -0.81 76.97 29.41
CA LEU E 252 -0.16 77.92 28.50
C LEU E 252 0.72 78.93 29.24
N ALA E 253 1.75 79.42 28.53
CA ALA E 253 2.52 80.58 28.97
C ALA E 253 1.80 81.86 28.55
N ILE F 3 -19.19 77.76 -13.70
CA ILE F 3 -19.22 76.55 -12.81
C ILE F 3 -19.76 75.24 -13.43
N VAL F 4 -19.02 74.13 -13.26
CA VAL F 4 -19.41 72.78 -13.76
C VAL F 4 -20.32 71.99 -12.77
N PRO F 5 -21.35 71.33 -13.28
CA PRO F 5 -22.25 70.63 -12.37
C PRO F 5 -21.78 69.26 -11.94
N THR F 6 -22.15 68.88 -10.73
CA THR F 6 -21.95 67.56 -10.21
C THR F 6 -22.55 66.48 -11.14
N ARG F 7 -21.73 65.52 -11.55
CA ARG F 7 -22.13 64.46 -12.45
C ARG F 7 -23.04 63.51 -11.72
N GLU F 8 -23.88 62.79 -12.47
CA GLU F 8 -24.81 61.77 -11.96
C GLU F 8 -25.49 62.21 -10.67
N LEU F 9 -26.07 63.39 -10.68
CA LEU F 9 -26.67 63.97 -9.51
C LEU F 9 -27.56 63.02 -8.78
N GLU F 10 -28.52 62.42 -9.50
CA GLU F 10 -29.50 61.51 -8.90
C GLU F 10 -28.83 60.39 -8.14
N ASN F 11 -27.90 59.71 -8.81
CA ASN F 11 -27.12 58.67 -8.13
C ASN F 11 -26.48 59.15 -6.84
N VAL F 12 -25.74 60.25 -6.93
CA VAL F 12 -25.06 60.79 -5.75
C VAL F 12 -26.07 61.04 -4.65
N PHE F 13 -27.12 61.75 -5.01
CA PHE F 13 -28.13 62.11 -4.06
C PHE F 13 -28.59 60.81 -3.43
N LEU F 14 -28.94 59.87 -4.29
CA LEU F 14 -29.64 58.71 -3.81
C LEU F 14 -28.67 57.91 -2.97
N GLY F 15 -27.46 57.71 -3.50
CA GLY F 15 -26.42 57.08 -2.73
C GLY F 15 -26.13 57.71 -1.37
N ARG F 16 -26.15 59.03 -1.27
CA ARG F 16 -25.83 59.63 0.00
C ARG F 16 -27.01 59.36 0.93
N CYS F 17 -28.21 59.61 0.43
CA CYS F 17 -29.35 59.49 1.31
C CYS F 17 -29.33 58.13 2.02
N LYS F 18 -29.14 57.07 1.25
CA LYS F 18 -29.22 55.70 1.72
C LYS F 18 -28.10 55.44 2.73
N ASP F 19 -26.89 55.95 2.42
CA ASP F 19 -25.77 55.78 3.34
C ASP F 19 -26.05 56.56 4.61
N TYR F 20 -26.67 57.74 4.46
CA TYR F 20 -27.06 58.47 5.65
C TYR F 20 -28.01 57.58 6.39
N GLU F 21 -29.01 57.06 5.66
CA GLU F 21 -30.16 56.37 6.26
C GLU F 21 -29.73 55.22 7.14
N ILE F 22 -29.00 54.27 6.57
CA ILE F 22 -28.62 53.06 7.31
C ILE F 22 -27.46 53.24 8.28
N THR F 23 -26.58 54.19 8.06
CA THR F 23 -25.34 54.15 8.83
C THR F 23 -24.89 55.46 9.44
N ARG F 24 -25.53 56.56 9.09
CA ARG F 24 -25.04 57.83 9.61
C ARG F 24 -25.82 58.43 10.80
N TYR F 25 -25.06 58.85 11.82
CA TYR F 25 -25.50 59.65 12.95
C TYR F 25 -26.51 58.95 13.82
N LEU F 26 -26.36 57.63 13.94
CA LEU F 26 -27.46 56.80 14.41
C LEU F 26 -27.89 57.06 15.85
N ASP F 27 -26.93 57.39 16.70
CA ASP F 27 -27.21 57.67 18.10
C ASP F 27 -27.34 59.19 18.32
N ILE F 28 -27.50 59.93 17.21
CA ILE F 28 -27.41 61.39 17.29
C ILE F 28 -28.55 62.10 16.60
N LEU F 29 -28.89 61.66 15.40
CA LEU F 29 -30.01 62.24 14.71
C LEU F 29 -31.05 61.17 14.38
N PRO F 30 -32.32 61.52 14.48
CA PRO F 30 -33.40 60.63 14.10
C PRO F 30 -33.41 60.46 12.59
N ARG F 31 -34.07 59.41 12.11
CA ARG F 31 -34.27 59.20 10.67
C ARG F 31 -35.56 59.90 10.22
N VAL F 32 -35.70 60.17 8.92
CA VAL F 32 -36.90 60.86 8.47
C VAL F 32 -37.84 59.85 7.87
N ARG F 33 -39.11 60.24 7.79
CA ARG F 33 -40.17 59.33 7.36
C ARG F 33 -40.06 58.99 5.89
N SER F 34 -39.75 59.99 5.06
CA SER F 34 -39.77 59.80 3.62
C SER F 34 -38.60 58.94 3.27
N ASP F 35 -38.85 57.96 2.42
CA ASP F 35 -37.79 57.10 2.00
C ASP F 35 -37.06 57.84 0.89
N CYS F 36 -35.91 57.31 0.47
CA CYS F 36 -34.97 58.08 -0.33
C CYS F 36 -35.47 58.59 -1.70
N SER F 37 -36.39 57.89 -2.36
CA SER F 37 -36.83 58.33 -3.68
C SER F 37 -37.97 59.34 -3.67
N ALA F 38 -38.70 59.42 -2.56
CA ALA F 38 -39.71 60.47 -2.40
C ALA F 38 -38.93 61.76 -2.24
N LEU F 39 -37.83 61.70 -1.48
CA LEU F 39 -36.96 62.85 -1.24
C LEU F 39 -36.42 63.47 -2.52
N TRP F 40 -35.91 62.63 -3.42
CA TRP F 40 -35.53 63.06 -4.75
C TRP F 40 -36.66 63.74 -5.52
N LYS F 41 -37.86 63.17 -5.52
CA LYS F 41 -38.94 63.79 -6.28
C LYS F 41 -39.16 65.24 -5.86
N ASP F 42 -39.25 65.48 -4.54
CA ASP F 42 -39.41 66.83 -3.96
C ASP F 42 -38.21 67.76 -4.21
N PHE F 43 -37.03 67.16 -4.27
CA PHE F 43 -35.81 67.91 -4.51
C PHE F 43 -35.78 68.36 -5.96
N PHE F 44 -35.97 67.41 -6.86
CA PHE F 44 -35.88 67.63 -8.29
C PHE F 44 -36.98 68.52 -8.86
N LYS F 45 -38.16 68.53 -8.25
CA LYS F 45 -39.26 69.27 -8.84
C LYS F 45 -39.06 70.76 -8.62
N ALA F 46 -38.37 71.12 -7.54
CA ALA F 46 -38.14 72.52 -7.17
C ALA F 46 -37.23 73.29 -8.11
N PHE F 47 -36.53 72.63 -9.01
CA PHE F 47 -35.65 73.35 -9.91
C PHE F 47 -35.66 72.85 -11.35
N SER F 48 -36.24 71.68 -11.58
CA SER F 48 -36.23 71.06 -12.89
C SER F 48 -37.04 71.85 -13.93
N PHE F 49 -36.70 71.65 -15.22
CA PHE F 49 -37.43 72.19 -16.39
C PHE F 49 -37.63 73.72 -16.38
N LYS F 50 -36.67 74.44 -15.78
CA LYS F 50 -36.78 75.87 -15.54
C LYS F 50 -35.43 76.60 -15.77
N ASN F 51 -35.45 77.92 -15.98
CA ASN F 51 -34.21 78.74 -16.02
C ASN F 51 -33.38 78.61 -14.77
N PRO F 52 -32.05 78.53 -14.91
CA PRO F 52 -31.16 78.30 -13.75
C PRO F 52 -31.38 79.33 -12.66
N CYS F 53 -31.59 80.58 -13.07
CA CYS F 53 -31.79 81.73 -12.17
C CYS F 53 -33.27 82.04 -11.99
N ASP F 54 -34.09 80.99 -11.92
CA ASP F 54 -35.53 81.19 -11.82
C ASP F 54 -36.12 80.47 -10.58
N LEU F 55 -35.60 80.82 -9.39
CA LEU F 55 -36.07 80.23 -8.15
C LEU F 55 -36.36 81.34 -7.16
N ASP F 56 -37.14 81.03 -6.13
CA ASP F 56 -37.30 81.91 -4.97
C ASP F 56 -37.13 81.08 -3.72
N LEU F 57 -37.36 81.70 -2.57
CA LEU F 57 -37.14 81.10 -1.27
C LEU F 57 -38.10 79.94 -0.98
N GLY F 58 -39.17 79.84 -1.75
CA GLY F 58 -40.20 78.83 -1.48
C GLY F 58 -40.06 77.57 -2.31
N SER F 59 -39.01 77.55 -3.14
CA SER F 59 -38.87 76.52 -4.16
C SER F 59 -38.72 75.17 -3.51
N TYR F 60 -37.77 75.04 -2.58
CA TYR F 60 -37.51 73.76 -1.91
C TYR F 60 -38.30 73.57 -0.59
N LYS F 61 -39.44 74.26 -0.44
CA LYS F 61 -40.31 74.14 0.74
C LYS F 61 -40.69 72.70 1.04
N ASP F 62 -41.16 71.99 0.02
CA ASP F 62 -41.68 70.67 0.27
C ASP F 62 -40.55 69.76 0.64
N PHE F 63 -39.49 69.76 -0.21
CA PHE F 63 -38.23 69.06 0.09
C PHE F 63 -37.86 69.18 1.57
N PHE F 64 -37.81 70.41 2.08
CA PHE F 64 -37.41 70.62 3.46
C PHE F 64 -38.35 70.17 4.60
N THR F 65 -39.66 70.39 4.53
CA THR F 65 -40.50 69.80 5.58
C THR F 65 -40.35 68.28 5.53
N SER F 66 -40.31 67.69 4.33
CA SER F 66 -39.94 66.28 4.15
C SER F 66 -38.67 65.85 4.94
N ALA F 67 -37.55 66.55 4.70
CA ALA F 67 -36.22 66.15 5.20
C ALA F 67 -35.99 66.50 6.65
N GLN F 68 -36.80 67.39 7.19
CA GLN F 68 -36.48 68.00 8.47
C GLN F 68 -36.53 67.05 9.66
N GLN F 69 -35.35 66.69 10.10
CA GLN F 69 -35.15 65.98 11.34
C GLN F 69 -35.51 66.86 12.54
N GLN F 70 -36.00 66.27 13.63
CA GLN F 70 -35.92 66.88 14.96
C GLN F 70 -34.48 66.89 15.46
N LEU F 71 -34.10 67.88 16.26
CA LEU F 71 -32.70 68.10 16.63
C LEU F 71 -32.48 68.22 18.13
N PRO F 72 -31.38 67.65 18.63
CA PRO F 72 -31.22 67.51 20.08
C PRO F 72 -30.96 68.84 20.76
N LYS F 73 -31.67 69.03 21.87
CA LYS F 73 -31.64 70.25 22.69
C LYS F 73 -30.20 70.64 23.02
N ASN F 74 -29.91 71.94 23.00
CA ASN F 74 -28.64 72.49 23.48
C ASN F 74 -27.43 72.26 22.58
N LYS F 75 -27.62 71.60 21.45
CA LYS F 75 -26.48 71.16 20.65
C LYS F 75 -26.51 71.64 19.18
N VAL F 76 -27.45 72.51 18.84
CA VAL F 76 -27.51 72.99 17.47
C VAL F 76 -26.50 74.12 17.29
N MET F 77 -25.80 74.14 16.15
CA MET F 77 -24.83 75.19 15.91
C MET F 77 -24.93 75.89 14.56
N PHE F 78 -24.73 77.20 14.63
CA PHE F 78 -24.57 78.04 13.45
C PHE F 78 -23.13 78.53 13.31
N TRP F 79 -22.76 78.90 12.09
CA TRP F 79 -21.44 79.45 11.84
C TRP F 79 -21.47 80.49 10.73
N SER F 80 -20.46 81.37 10.70
CA SER F 80 -20.23 82.29 9.58
C SER F 80 -18.76 82.51 9.40
N GLY F 81 -18.28 82.27 8.18
CA GLY F 81 -16.89 82.55 7.84
C GLY F 81 -15.85 81.68 8.55
N VAL F 82 -16.31 80.65 9.24
CA VAL F 82 -15.43 79.76 10.01
C VAL F 82 -15.74 78.27 9.75
N TYR F 83 -15.82 77.91 8.46
CA TYR F 83 -16.27 76.59 8.04
C TYR F 83 -15.49 75.46 8.72
N ASP F 84 -14.19 75.43 8.46
CA ASP F 84 -13.36 74.36 8.97
C ASP F 84 -13.28 74.39 10.50
N GLU F 85 -13.03 75.56 11.06
CA GLU F 85 -12.96 75.66 12.51
C GLU F 85 -14.29 75.30 13.20
N ALA F 86 -15.44 75.67 12.63
CA ALA F 86 -16.75 75.28 13.21
C ALA F 86 -16.92 73.77 13.21
N HIS F 87 -16.85 73.19 12.02
CA HIS F 87 -16.99 71.76 11.87
C HIS F 87 -15.93 70.94 12.62
N ASP F 88 -14.67 71.40 12.63
CA ASP F 88 -13.68 70.66 13.39
C ASP F 88 -14.12 70.68 14.85
N TYR F 89 -14.57 71.83 15.34
CA TYR F 89 -15.00 71.90 16.70
C TYR F 89 -16.23 71.06 16.97
N ALA F 90 -17.20 71.09 16.06
CA ALA F 90 -18.45 70.34 16.27
C ALA F 90 -18.19 68.85 16.35
N ASN F 91 -17.16 68.43 15.59
CA ASN F 91 -16.67 67.06 15.52
C ASN F 91 -17.75 66.04 15.16
N THR F 92 -18.40 66.27 14.03
CA THR F 92 -19.36 65.35 13.46
C THR F 92 -20.34 64.87 14.53
N GLY F 93 -21.04 65.81 15.14
CA GLY F 93 -22.11 65.52 16.06
C GLY F 93 -21.65 65.23 17.47
N ARG F 94 -20.37 64.95 17.68
CA ARG F 94 -19.92 64.59 19.02
C ARG F 94 -20.20 65.69 20.01
N LYS F 95 -19.89 66.92 19.63
CA LYS F 95 -19.98 68.05 20.55
C LYS F 95 -21.15 68.99 20.22
N TYR F 96 -21.32 69.34 18.96
CA TYR F 96 -22.49 70.12 18.50
C TYR F 96 -23.04 69.53 17.20
N ILE F 97 -24.25 69.93 16.84
CA ILE F 97 -24.80 69.62 15.52
C ILE F 97 -24.60 70.79 14.62
N THR F 98 -24.24 70.55 13.35
CA THR F 98 -24.30 71.60 12.32
C THR F 98 -25.29 71.15 11.28
N LEU F 99 -25.69 72.04 10.39
CA LEU F 99 -26.63 71.70 9.34
C LEU F 99 -25.98 70.62 8.50
N GLU F 100 -24.67 70.70 8.31
CA GLU F 100 -23.93 69.75 7.49
C GLU F 100 -23.98 68.31 8.01
N ASP F 101 -24.48 68.14 9.23
CA ASP F 101 -24.70 66.79 9.80
C ASP F 101 -26.16 66.35 9.59
N THR F 102 -27.05 67.28 9.29
CA THR F 102 -28.42 66.88 9.05
C THR F 102 -28.53 66.24 7.67
N LEU F 103 -29.63 65.56 7.43
CA LEU F 103 -29.78 64.80 6.19
C LEU F 103 -29.63 65.73 4.98
N PRO F 104 -30.45 66.79 4.92
CA PRO F 104 -30.40 67.61 3.73
C PRO F 104 -29.02 68.14 3.47
N GLY F 105 -28.31 68.57 4.52
CA GLY F 105 -27.02 69.20 4.34
C GLY F 105 -26.00 68.18 3.91
N TYR F 106 -26.07 67.02 4.54
CA TYR F 106 -25.21 65.91 4.21
C TYR F 106 -25.31 65.62 2.71
N MET F 107 -26.51 65.76 2.19
CA MET F 107 -26.79 65.21 0.89
C MET F 107 -26.24 66.12 -0.16
N LEU F 108 -26.52 67.42 -0.02
CA LEU F 108 -26.11 68.39 -1.05
C LEU F 108 -24.86 69.19 -0.71
N ASN F 109 -24.22 68.88 0.43
CA ASN F 109 -22.99 69.57 0.77
C ASN F 109 -22.02 69.47 -0.39
N SER F 110 -21.51 70.62 -0.83
CA SER F 110 -20.57 70.68 -1.96
C SER F 110 -21.12 70.46 -3.36
N LEU F 111 -22.33 69.98 -3.51
CA LEU F 111 -22.78 69.63 -4.85
C LEU F 111 -23.17 70.85 -5.72
N VAL F 112 -23.20 70.66 -7.03
CA VAL F 112 -23.50 71.75 -7.95
C VAL F 112 -24.54 71.36 -8.96
N TRP F 113 -25.69 72.03 -8.92
CA TRP F 113 -26.80 71.69 -9.79
C TRP F 113 -27.65 72.91 -10.20
N CYS F 114 -28.28 72.83 -11.38
CA CYS F 114 -29.14 73.91 -11.95
C CYS F 114 -30.07 73.39 -13.02
N GLY F 115 -31.15 74.12 -13.26
CA GLY F 115 -32.13 73.74 -14.26
C GLY F 115 -31.89 74.29 -15.66
N GLN F 116 -32.52 73.64 -16.64
CA GLN F 116 -32.71 74.18 -17.99
C GLN F 116 -34.10 73.66 -18.36
N ARG F 117 -34.79 74.35 -19.27
CA ARG F 117 -36.13 73.95 -19.67
C ARG F 117 -36.10 72.77 -20.64
N ALA F 118 -35.20 72.87 -21.61
CA ALA F 118 -34.97 71.76 -22.55
C ALA F 118 -34.66 70.45 -21.81
N ASN F 119 -35.23 69.36 -22.31
CA ASN F 119 -34.95 68.01 -21.80
C ASN F 119 -33.44 67.75 -21.49
N PRO F 120 -33.10 67.15 -20.34
CA PRO F 120 -33.91 66.47 -19.31
C PRO F 120 -34.49 67.30 -18.14
N GLY F 121 -34.48 68.62 -18.22
CA GLY F 121 -34.87 69.46 -17.05
C GLY F 121 -33.76 70.04 -16.13
N PHE F 122 -32.49 69.75 -16.42
CA PHE F 122 -31.37 70.23 -15.63
C PHE F 122 -30.09 70.25 -16.48
N ASN F 123 -29.17 71.15 -16.17
CA ASN F 123 -27.96 71.27 -16.98
C ASN F 123 -26.82 70.39 -16.48
N GLU F 124 -26.22 69.65 -17.40
CA GLU F 124 -25.14 68.73 -17.07
C GLU F 124 -23.80 69.28 -17.56
N LYS F 125 -23.86 70.24 -18.46
CA LYS F 125 -22.67 70.85 -19.04
C LYS F 125 -22.11 71.92 -18.11
N VAL F 126 -22.98 72.86 -17.72
CA VAL F 126 -22.54 74.13 -17.13
C VAL F 126 -23.65 74.82 -16.32
N CYS F 127 -23.29 75.37 -15.16
CA CYS F 127 -24.22 76.15 -14.34
C CYS F 127 -23.72 77.58 -14.21
N PRO F 128 -24.65 78.56 -14.02
CA PRO F 128 -24.19 79.95 -13.93
C PRO F 128 -23.36 80.18 -12.68
N ASP F 129 -22.35 81.06 -12.80
CA ASP F 129 -21.45 81.51 -11.71
C ASP F 129 -22.25 81.71 -10.41
N PHE F 130 -23.55 82.00 -10.63
CA PHE F 130 -24.62 82.18 -9.63
C PHE F 130 -24.73 83.57 -9.03
N LYS F 131 -23.58 84.14 -8.66
CA LYS F 131 -23.44 85.59 -8.50
C LYS F 131 -24.29 86.27 -9.58
N THR F 132 -24.25 85.68 -10.78
CA THR F 132 -25.06 86.06 -11.94
C THR F 132 -26.58 86.09 -11.67
N CYS F 133 -27.07 85.15 -10.86
CA CYS F 133 -28.51 85.12 -10.50
C CYS F 133 -28.92 86.21 -9.50
N PRO F 134 -30.21 86.60 -9.52
CA PRO F 134 -30.71 87.41 -8.41
C PRO F 134 -30.44 86.73 -7.07
N VAL F 135 -30.52 87.51 -6.00
CA VAL F 135 -30.24 87.05 -4.62
C VAL F 135 -31.24 86.01 -4.06
N GLN F 136 -32.53 86.25 -4.29
CA GLN F 136 -33.62 85.30 -4.00
C GLN F 136 -33.29 83.83 -4.43
N ALA F 137 -32.86 83.68 -5.68
CA ALA F 137 -32.62 82.40 -6.33
C ALA F 137 -31.27 81.80 -6.01
N ARG F 138 -30.28 82.67 -5.81
CA ARG F 138 -28.92 82.25 -5.46
C ARG F 138 -28.93 81.61 -4.08
N GLU F 139 -29.90 82.03 -3.25
CA GLU F 139 -29.96 81.60 -1.84
C GLU F 139 -31.12 80.64 -1.60
N SER F 140 -31.88 80.37 -2.65
CA SER F 140 -33.04 79.50 -2.60
C SER F 140 -32.76 78.26 -1.74
N PHE F 141 -31.83 77.41 -2.19
CA PHE F 141 -31.55 76.17 -1.48
C PHE F 141 -31.14 76.31 -0.01
N TRP F 142 -29.93 76.85 0.19
CA TRP F 142 -29.32 76.88 1.51
C TRP F 142 -29.97 77.88 2.44
N GLY F 143 -30.49 78.96 1.88
CA GLY F 143 -31.34 79.85 2.64
C GLY F 143 -32.43 79.06 3.36
N MET F 144 -33.19 78.28 2.60
CA MET F 144 -34.30 77.51 3.16
C MET F 144 -33.81 76.40 4.12
N ALA F 145 -32.69 75.77 3.74
CA ALA F 145 -32.05 74.82 4.61
C ALA F 145 -31.84 75.45 5.97
N SER F 146 -31.30 76.67 5.99
CA SER F 146 -30.94 77.32 7.23
C SER F 146 -32.16 77.72 8.03
N SER F 147 -33.19 78.21 7.35
CA SER F 147 -34.42 78.61 8.04
C SER F 147 -34.95 77.37 8.70
N SER F 148 -35.19 76.33 7.90
CA SER F 148 -35.71 75.05 8.38
C SER F 148 -34.89 74.53 9.56
N TYR F 149 -33.56 74.64 9.44
CA TYR F 149 -32.64 74.20 10.47
C TYR F 149 -32.87 75.07 11.69
N ALA F 150 -32.66 76.37 11.52
CA ALA F 150 -32.93 77.34 12.57
C ALA F 150 -34.24 77.04 13.25
N HIS F 151 -35.32 77.02 12.46
CA HIS F 151 -36.70 76.86 12.96
C HIS F 151 -36.78 75.78 14.02
N SER F 152 -36.04 74.70 13.75
CA SER F 152 -36.16 73.44 14.46
C SER F 152 -35.28 73.37 15.69
N ALA F 153 -34.44 74.38 15.92
CA ALA F 153 -33.57 74.37 17.09
C ALA F 153 -34.35 74.58 18.38
N GLU F 154 -33.82 74.00 19.46
CA GLU F 154 -34.39 74.07 20.81
C GLU F 154 -33.24 74.16 21.81
N GLY F 155 -33.47 74.76 22.97
CA GLY F 155 -32.45 74.93 24.02
C GLY F 155 -31.49 76.10 23.83
N GLU F 156 -30.25 75.93 24.26
CA GLU F 156 -29.19 76.89 23.96
C GLU F 156 -28.75 76.68 22.52
N VAL F 157 -28.54 77.77 21.75
CA VAL F 157 -27.86 77.68 20.42
C VAL F 157 -26.46 78.29 20.40
N THR F 158 -25.60 77.78 19.52
CA THR F 158 -24.22 78.27 19.46
C THR F 158 -23.88 78.85 18.08
N TYR F 159 -23.30 80.03 18.08
CA TYR F 159 -22.94 80.72 16.86
C TYR F 159 -21.46 81.00 16.92
N MET F 160 -20.73 80.41 15.96
CA MET F 160 -19.29 80.65 15.89
C MET F 160 -18.98 81.54 14.68
N VAL F 161 -18.24 82.61 14.96
CA VAL F 161 -17.99 83.70 14.05
C VAL F 161 -16.51 84.05 14.00
N ASP F 162 -16.20 84.89 13.02
CA ASP F 162 -14.84 85.20 12.63
C ASP F 162 -14.64 86.60 13.12
N GLY F 163 -13.86 86.75 14.17
CA GLY F 163 -13.51 88.06 14.71
C GLY F 163 -12.22 88.62 14.12
N SER F 164 -11.82 88.13 12.96
CA SER F 164 -10.51 88.49 12.45
C SER F 164 -10.49 88.87 10.96
N ASN F 165 -11.68 89.11 10.42
CA ASN F 165 -11.85 89.53 9.05
C ASN F 165 -12.13 91.04 8.96
N PRO F 166 -11.18 91.83 8.40
CA PRO F 166 -11.34 93.28 8.28
C PRO F 166 -12.41 93.72 7.25
N LYS F 167 -12.88 92.78 6.44
CA LYS F 167 -13.78 93.04 5.34
C LYS F 167 -15.20 92.53 5.59
N VAL F 168 -15.39 91.72 6.63
CA VAL F 168 -16.68 91.16 6.90
C VAL F 168 -16.79 91.14 8.40
N PRO F 169 -17.66 91.98 8.98
CA PRO F 169 -17.84 91.97 10.44
C PRO F 169 -18.26 90.58 10.93
N ALA F 170 -18.06 90.32 12.23
CA ALA F 170 -18.46 89.05 12.83
C ALA F 170 -19.94 88.78 12.62
N TYR F 171 -20.79 89.77 12.94
CA TYR F 171 -22.23 89.70 12.67
C TYR F 171 -22.66 90.62 11.52
N ARG F 172 -23.55 90.11 10.66
CA ARG F 172 -24.10 90.83 9.49
C ARG F 172 -25.60 90.62 9.42
N PRO F 173 -26.37 91.64 8.98
CA PRO F 173 -27.80 91.44 8.77
C PRO F 173 -28.03 90.64 7.51
N ASP F 174 -27.17 90.83 6.51
CA ASP F 174 -27.29 90.11 5.24
C ASP F 174 -26.51 88.76 5.15
N SER F 175 -25.96 88.28 6.26
CA SER F 175 -25.33 86.95 6.32
C SER F 175 -26.42 85.91 6.46
N PHE F 176 -26.15 84.68 6.00
CA PHE F 176 -27.15 83.62 6.10
C PHE F 176 -27.59 83.36 7.58
N PHE F 177 -26.75 83.72 8.55
CA PHE F 177 -27.20 83.66 9.94
C PHE F 177 -28.18 84.79 10.29
N GLY F 178 -27.80 86.00 9.89
CA GLY F 178 -28.56 87.19 10.23
C GLY F 178 -29.85 87.29 9.46
N LYS F 179 -29.86 86.73 8.26
CA LYS F 179 -30.96 86.89 7.35
C LYS F 179 -31.89 85.69 7.37
N TYR F 180 -31.42 84.55 7.86
CA TYR F 180 -32.22 83.32 7.74
C TYR F 180 -32.32 82.51 9.00
N GLU F 181 -31.39 82.73 9.92
CA GLU F 181 -31.31 81.92 11.11
C GLU F 181 -31.76 82.66 12.37
N LEU F 182 -31.17 83.83 12.63
CA LEU F 182 -31.63 84.68 13.74
C LEU F 182 -33.12 85.01 13.77
N PRO F 183 -33.74 85.37 12.61
CA PRO F 183 -35.17 85.70 12.69
C PRO F 183 -36.07 84.47 12.86
N ASN F 184 -35.49 83.29 12.62
CA ASN F 184 -36.26 82.05 12.55
C ASN F 184 -36.29 81.25 13.84
N LEU F 185 -35.41 81.59 14.79
CA LEU F 185 -35.38 80.95 16.11
C LEU F 185 -36.76 81.11 16.78
N THR F 186 -37.30 80.01 17.30
CA THR F 186 -38.57 80.06 18.04
C THR F 186 -38.31 80.29 19.53
N ASN F 187 -39.38 80.63 20.26
CA ASN F 187 -39.30 80.86 21.71
C ASN F 187 -38.84 79.63 22.49
N LYS F 188 -38.73 78.50 21.78
CA LYS F 188 -38.21 77.23 22.31
C LYS F 188 -36.70 77.29 22.53
N VAL F 189 -36.11 78.44 22.19
CA VAL F 189 -34.67 78.74 22.33
C VAL F 189 -34.42 79.60 23.58
N THR F 190 -33.55 79.12 24.47
CA THR F 190 -33.28 79.75 25.76
C THR F 190 -32.13 80.73 25.72
N ARG F 191 -31.17 80.51 24.82
CA ARG F 191 -29.89 81.20 24.91
C ARG F 191 -29.11 81.17 23.58
N VAL F 192 -28.43 82.27 23.26
CA VAL F 192 -27.50 82.29 22.10
C VAL F 192 -26.07 82.48 22.60
N LYS F 193 -25.26 81.43 22.46
CA LYS F 193 -23.86 81.43 22.89
C LYS F 193 -23.01 81.73 21.66
N VAL F 194 -22.31 82.85 21.69
CA VAL F 194 -21.43 83.22 20.61
C VAL F 194 -20.02 82.86 20.99
N ILE F 195 -19.33 82.23 20.04
CA ILE F 195 -17.90 81.99 20.12
C ILE F 195 -17.21 82.85 19.05
N VAL F 196 -16.42 83.81 19.48
CA VAL F 196 -15.69 84.61 18.54
C VAL F 196 -14.34 83.97 18.37
N LEU F 197 -13.94 83.81 17.11
CA LEU F 197 -12.69 83.24 16.72
C LEU F 197 -11.67 84.33 16.31
N HIS F 198 -10.46 84.26 16.90
CA HIS F 198 -9.31 85.09 16.50
C HIS F 198 -8.15 84.32 15.90
N ARG F 199 -8.19 84.13 14.59
CA ARG F 199 -7.13 83.42 13.89
C ARG F 199 -5.76 83.81 14.39
N LEU F 200 -4.85 82.85 14.34
CA LEU F 200 -3.52 83.03 14.92
C LEU F 200 -2.66 83.98 14.10
N GLY F 201 -1.98 84.89 14.81
CA GLY F 201 -1.06 85.86 14.20
C GLY F 201 -1.80 86.76 13.22
N GLU F 202 -3.07 87.04 13.52
CA GLU F 202 -3.84 87.98 12.74
C GLU F 202 -4.39 89.05 13.66
N LYS F 203 -4.58 90.25 13.08
CA LYS F 203 -5.04 91.41 13.82
C LYS F 203 -6.47 91.15 14.30
N ILE F 204 -6.71 91.48 15.57
CA ILE F 204 -8.04 91.34 16.18
C ILE F 204 -8.97 92.47 15.71
N ILE F 205 -10.11 92.08 15.14
CA ILE F 205 -11.02 93.01 14.48
C ILE F 205 -12.31 93.19 15.29
N GLU F 206 -12.96 92.08 15.64
CA GLU F 206 -14.23 92.13 16.41
C GLU F 206 -14.09 91.44 17.76
N LYS F 207 -14.67 92.06 18.79
CA LYS F 207 -14.62 91.61 20.20
C LYS F 207 -16.00 91.63 20.82
N CYS F 208 -16.23 90.77 21.81
CA CYS F 208 -17.49 90.75 22.56
C CYS F 208 -17.82 92.09 23.20
N GLY F 209 -19.10 92.43 23.22
CA GLY F 209 -19.58 93.67 23.83
C GLY F 209 -19.33 94.90 22.99
N ALA F 210 -18.93 94.72 21.73
CA ALA F 210 -18.64 95.84 20.82
C ALA F 210 -18.91 95.53 19.34
N GLY F 211 -18.82 96.54 18.48
CA GLY F 211 -18.99 96.35 17.04
C GLY F 211 -20.34 95.77 16.71
N SER F 212 -20.35 94.79 15.79
CA SER F 212 -21.56 94.07 15.36
C SER F 212 -22.01 93.08 16.41
N LEU F 213 -21.10 92.72 17.29
CA LEU F 213 -21.41 91.79 18.34
C LEU F 213 -22.25 92.47 19.40
N LEU F 214 -22.03 93.77 19.60
CA LEU F 214 -22.90 94.55 20.48
C LEU F 214 -24.28 94.68 19.84
N ASP F 215 -24.29 94.77 18.51
CA ASP F 215 -25.53 94.81 17.73
C ASP F 215 -26.28 93.48 17.75
N LEU F 216 -25.55 92.38 17.89
CA LEU F 216 -26.19 91.06 17.92
C LEU F 216 -26.79 90.79 19.31
N GLU F 217 -26.03 91.11 20.37
CA GLU F 217 -26.51 91.00 21.77
C GLU F 217 -27.78 91.83 22.02
N LYS F 218 -27.86 92.97 21.33
CA LYS F 218 -29.01 93.83 21.42
C LYS F 218 -30.18 93.20 20.67
N LEU F 219 -29.93 92.60 19.50
CA LEU F 219 -30.99 91.93 18.75
C LEU F 219 -31.41 90.62 19.40
N VAL F 220 -30.47 89.96 20.08
CA VAL F 220 -30.73 88.67 20.70
C VAL F 220 -31.67 88.89 21.87
N LYS F 221 -31.25 89.75 22.80
CA LYS F 221 -32.04 90.11 23.98
C LYS F 221 -33.41 90.71 23.67
N ALA F 222 -33.50 91.54 22.63
CA ALA F 222 -34.80 92.10 22.22
C ALA F 222 -35.78 91.03 21.68
N LYS F 223 -35.32 89.78 21.53
CA LYS F 223 -36.16 88.66 21.10
C LYS F 223 -36.51 87.78 22.32
N HIS F 224 -36.01 88.28 23.47
CA HIS F 224 -36.18 87.64 24.78
C HIS F 224 -35.43 86.33 24.94
N PHE F 225 -34.22 86.25 24.38
CA PHE F 225 -33.36 85.13 24.71
C PHE F 225 -32.23 85.64 25.61
N ALA F 226 -31.56 84.74 26.31
CA ALA F 226 -30.30 85.03 26.98
C ALA F 226 -29.17 85.10 25.95
N PHE F 227 -28.03 85.63 26.36
CA PHE F 227 -26.90 85.85 25.46
C PHE F 227 -25.57 85.87 26.19
N ASP F 228 -24.63 85.02 25.72
CA ASP F 228 -23.24 85.11 26.15
C ASP F 228 -22.28 85.01 24.97
N CYS F 229 -21.01 85.24 25.24
CA CYS F 229 -20.03 85.47 24.21
C CYS F 229 -18.66 85.10 24.75
N VAL F 230 -17.87 84.39 23.96
CA VAL F 230 -16.49 84.16 24.37
C VAL F 230 -15.49 84.31 23.18
N GLU F 231 -14.30 84.83 23.46
CA GLU F 231 -13.27 84.95 22.43
C GLU F 231 -12.22 83.87 22.63
N ASN F 232 -11.99 83.08 21.58
CA ASN F 232 -11.00 82.00 21.62
C ASN F 232 -10.98 81.13 22.86
N PRO F 233 -12.08 80.41 23.14
CA PRO F 233 -12.07 79.52 24.29
C PRO F 233 -11.04 78.40 24.08
N ARG F 234 -10.51 77.86 25.17
CA ARG F 234 -9.32 77.04 25.14
C ARG F 234 -9.51 75.84 24.23
N ALA F 235 -10.70 75.26 24.30
CA ALA F 235 -11.02 74.10 23.49
C ALA F 235 -10.77 74.47 22.06
N VAL F 236 -11.27 75.64 21.69
CA VAL F 236 -11.14 76.15 20.34
C VAL F 236 -9.69 76.53 20.07
N LEU F 237 -9.07 77.30 20.98
CA LEU F 237 -7.70 77.75 20.76
C LEU F 237 -6.80 76.58 20.38
N PHE F 238 -6.99 75.47 21.09
CA PHE F 238 -6.14 74.31 20.93
C PHE F 238 -6.30 73.68 19.56
N LEU F 239 -7.50 73.75 18.98
CA LEU F 239 -7.67 73.32 17.59
C LEU F 239 -6.86 74.15 16.64
N LEU F 240 -6.81 75.46 16.89
CA LEU F 240 -6.09 76.36 16.03
C LEU F 240 -4.60 76.08 16.11
N CYS F 241 -4.11 76.13 17.35
CA CYS F 241 -2.73 75.77 17.69
C CYS F 241 -2.26 74.48 17.00
N SER F 242 -3.12 73.47 16.97
CA SER F 242 -2.81 72.26 16.24
C SER F 242 -2.26 72.53 14.81
N ASP F 243 -2.99 73.28 13.98
CA ASP F 243 -2.54 73.57 12.58
C ASP F 243 -1.39 74.58 12.54
N ASN F 244 -1.30 75.39 13.58
CA ASN F 244 -0.25 76.40 13.64
C ASN F 244 0.44 76.39 15.00
N PRO F 245 1.24 75.32 15.27
CA PRO F 245 1.86 75.07 16.56
C PRO F 245 2.89 76.10 16.98
N ASN F 246 3.46 76.84 16.02
CA ASN F 246 4.48 77.82 16.39
C ASN F 246 3.98 79.23 16.68
N ALA F 247 2.67 79.47 16.51
CA ALA F 247 2.06 80.76 16.86
C ALA F 247 2.30 81.14 18.32
N ARG F 248 2.59 82.43 18.55
CA ARG F 248 2.88 82.95 19.90
C ARG F 248 1.74 82.69 20.89
N GLU F 249 0.50 82.69 20.41
CA GLU F 249 -0.62 82.43 21.30
C GLU F 249 -0.64 80.98 21.77
N CYS F 250 0.20 80.13 21.18
CA CYS F 250 0.29 78.73 21.55
C CYS F 250 1.55 78.38 22.34
N ARG F 251 2.28 79.36 22.86
CA ARG F 251 3.43 79.03 23.68
C ARG F 251 2.98 78.20 24.88
N LEU F 252 3.67 77.11 25.13
CA LEU F 252 3.37 76.26 26.26
C LEU F 252 4.12 76.75 27.47
N ALA F 253 3.44 76.78 28.61
CA ALA F 253 4.09 77.21 29.84
C ALA F 253 5.31 76.32 30.07
N LYS F 254 6.49 76.95 30.08
CA LYS F 254 7.71 76.29 30.56
C LYS F 254 7.46 76.06 32.04
N ILE G 3 24.40 -40.32 -15.46
CA ILE G 3 23.95 -41.19 -16.62
C ILE G 3 24.93 -41.24 -17.84
N VAL G 4 25.40 -42.47 -18.12
CA VAL G 4 26.54 -42.77 -19.01
C VAL G 4 26.08 -42.95 -20.46
N PRO G 5 26.57 -42.13 -21.40
CA PRO G 5 26.13 -42.36 -22.78
C PRO G 5 26.84 -43.50 -23.45
N THR G 6 26.25 -43.95 -24.54
CA THR G 6 26.71 -45.12 -25.24
C THR G 6 27.97 -44.79 -26.06
N ARG G 7 29.02 -45.57 -25.84
CA ARG G 7 30.27 -45.33 -26.54
C ARG G 7 30.10 -45.63 -28.00
N GLU G 8 30.98 -45.07 -28.82
CA GLU G 8 30.94 -45.29 -30.28
C GLU G 8 29.57 -45.30 -30.88
N LEU G 9 28.79 -44.29 -30.54
CA LEU G 9 27.39 -44.23 -30.91
C LEU G 9 27.18 -44.33 -32.40
N GLU G 10 27.92 -43.60 -33.22
CA GLU G 10 27.67 -43.70 -34.65
C GLU G 10 27.90 -45.10 -35.17
N ASN G 11 28.85 -45.83 -34.57
CA ASN G 11 29.16 -47.22 -34.94
C ASN G 11 28.06 -48.24 -34.55
N VAL G 12 27.52 -48.10 -33.33
CA VAL G 12 26.49 -49.00 -32.85
C VAL G 12 25.25 -48.80 -33.71
N PHE G 13 24.92 -47.56 -34.03
CA PHE G 13 23.77 -47.23 -34.85
C PHE G 13 23.99 -47.86 -36.21
N LEU G 14 25.16 -47.58 -36.76
CA LEU G 14 25.49 -48.02 -38.09
C LEU G 14 25.59 -49.51 -38.21
N GLY G 15 25.82 -50.20 -37.11
CA GLY G 15 25.94 -51.66 -37.16
C GLY G 15 24.57 -52.29 -37.14
N ARG G 16 23.82 -51.92 -36.11
CA ARG G 16 22.46 -52.36 -35.92
C ARG G 16 21.67 -52.13 -37.17
N CYS G 17 21.80 -50.96 -37.75
CA CYS G 17 21.10 -50.67 -38.95
C CYS G 17 21.44 -51.72 -40.01
N LYS G 18 22.75 -51.86 -40.31
CA LYS G 18 23.17 -52.72 -41.40
C LYS G 18 22.72 -54.14 -41.14
N ASP G 19 22.98 -54.63 -39.92
CA ASP G 19 22.51 -55.94 -39.47
C ASP G 19 21.04 -56.15 -39.77
N TYR G 20 20.25 -55.13 -39.44
CA TYR G 20 18.81 -55.15 -39.60
C TYR G 20 18.43 -55.25 -41.06
N GLU G 21 19.05 -54.37 -41.86
CA GLU G 21 18.88 -54.30 -43.31
C GLU G 21 19.00 -55.66 -43.99
N ILE G 22 20.07 -56.40 -43.68
CA ILE G 22 20.36 -57.60 -44.45
C ILE G 22 19.72 -58.85 -43.90
N THR G 23 19.50 -58.87 -42.59
CA THR G 23 19.19 -60.14 -41.91
C THR G 23 18.05 -60.12 -40.92
N ARG G 24 17.47 -58.99 -40.55
CA ARG G 24 16.45 -59.06 -39.51
C ARG G 24 15.06 -58.78 -40.02
N TYR G 25 14.09 -59.55 -39.52
CA TYR G 25 12.66 -59.37 -39.80
C TYR G 25 12.38 -59.50 -41.29
N LEU G 26 13.13 -60.36 -41.97
CA LEU G 26 13.10 -60.40 -43.42
C LEU G 26 11.74 -60.61 -44.07
N ASP G 27 10.95 -61.54 -43.55
CA ASP G 27 9.70 -61.83 -44.24
C ASP G 27 8.54 -61.32 -43.43
N ILE G 28 8.87 -60.43 -42.49
CA ILE G 28 7.96 -59.94 -41.48
C ILE G 28 7.76 -58.44 -41.65
N LEU G 29 8.87 -57.72 -41.75
CA LEU G 29 8.82 -56.28 -41.94
C LEU G 29 9.48 -55.93 -43.25
N PRO G 30 9.03 -54.84 -43.90
CA PRO G 30 9.69 -54.37 -45.12
C PRO G 30 10.98 -53.59 -44.85
N ARG G 31 11.78 -53.42 -45.90
CA ARG G 31 13.01 -52.67 -45.81
C ARG G 31 12.67 -51.20 -46.03
N VAL G 32 13.48 -50.30 -45.48
CA VAL G 32 13.27 -48.86 -45.74
C VAL G 32 14.11 -48.43 -46.93
N ARG G 33 13.81 -47.25 -47.47
CA ARG G 33 14.49 -46.77 -48.71
C ARG G 33 15.89 -46.20 -48.51
N SER G 34 16.07 -45.40 -47.47
CA SER G 34 17.36 -44.82 -47.12
C SER G 34 18.41 -45.83 -46.72
N ASP G 35 19.61 -45.68 -47.27
CA ASP G 35 20.76 -46.38 -46.74
C ASP G 35 21.05 -45.96 -45.26
N CYS G 36 21.94 -46.69 -44.63
CA CYS G 36 22.18 -46.47 -43.22
C CYS G 36 22.88 -45.14 -42.93
N SER G 37 23.67 -44.63 -43.86
CA SER G 37 24.38 -43.33 -43.70
C SER G 37 23.40 -42.16 -43.66
N ALA G 38 22.37 -42.24 -44.51
CA ALA G 38 21.46 -41.14 -44.70
C ALA G 38 20.67 -40.97 -43.41
N LEU G 39 20.35 -42.12 -42.82
CA LEU G 39 19.62 -42.24 -41.58
C LEU G 39 20.40 -41.68 -40.43
N TRP G 40 21.62 -42.16 -40.25
CA TRP G 40 22.46 -41.61 -39.24
C TRP G 40 22.45 -40.08 -39.33
N LYS G 41 22.74 -39.56 -40.55
CA LYS G 41 22.76 -38.12 -40.88
C LYS G 41 21.52 -37.44 -40.39
N ASP G 42 20.40 -38.12 -40.60
CA ASP G 42 19.09 -37.63 -40.21
C ASP G 42 18.91 -37.72 -38.71
N PHE G 43 19.52 -38.74 -38.12
CA PHE G 43 19.36 -38.98 -36.70
C PHE G 43 20.31 -38.02 -35.98
N PHE G 44 21.49 -37.82 -36.57
CA PHE G 44 22.49 -36.94 -35.97
C PHE G 44 21.94 -35.54 -35.86
N LYS G 45 21.60 -34.93 -36.99
CA LYS G 45 21.19 -33.52 -37.04
C LYS G 45 20.03 -33.19 -36.05
N ALA G 46 19.27 -34.20 -35.67
CA ALA G 46 18.14 -33.93 -34.83
C ALA G 46 18.60 -33.42 -33.46
N PHE G 47 19.81 -33.77 -33.03
CA PHE G 47 20.22 -33.46 -31.66
C PHE G 47 21.62 -32.85 -31.55
N SER G 48 22.38 -32.95 -32.63
CA SER G 48 23.78 -32.50 -32.66
C SER G 48 23.94 -31.00 -32.63
N PHE G 49 24.99 -30.53 -31.96
CA PHE G 49 25.29 -29.10 -31.85
C PHE G 49 24.15 -28.24 -31.27
N LYS G 50 23.46 -28.78 -30.28
CA LYS G 50 22.43 -28.05 -29.53
C LYS G 50 22.50 -28.52 -28.07
N ASN G 51 21.96 -27.73 -27.14
CA ASN G 51 22.00 -28.06 -25.73
C ASN G 51 21.27 -29.36 -25.60
N PRO G 52 21.68 -30.23 -24.65
CA PRO G 52 20.95 -31.49 -24.48
C PRO G 52 19.42 -31.35 -24.40
N CYS G 53 18.92 -30.24 -23.86
CA CYS G 53 17.49 -30.06 -23.60
C CYS G 53 16.82 -29.23 -24.69
N ASP G 54 17.57 -28.96 -25.74
CA ASP G 54 17.08 -28.08 -26.78
C ASP G 54 16.56 -28.99 -27.89
N LEU G 55 15.40 -29.58 -27.62
CA LEU G 55 14.76 -30.47 -28.54
C LEU G 55 13.27 -30.36 -28.33
N ASP G 56 12.47 -30.71 -29.34
CA ASP G 56 11.03 -30.80 -29.13
C ASP G 56 10.47 -31.99 -29.88
N LEU G 57 9.16 -32.06 -29.99
CA LEU G 57 8.54 -33.19 -30.61
C LEU G 57 8.78 -33.16 -32.13
N GLY G 58 9.43 -32.12 -32.64
CA GLY G 58 9.67 -32.09 -34.07
C GLY G 58 11.08 -32.44 -34.46
N SER G 59 11.99 -32.48 -33.48
CA SER G 59 13.41 -32.67 -33.73
C SER G 59 13.73 -33.80 -34.70
N TYR G 60 13.15 -34.98 -34.49
CA TYR G 60 13.52 -36.18 -35.22
C TYR G 60 12.56 -36.46 -36.35
N LYS G 61 11.74 -35.47 -36.71
CA LYS G 61 10.67 -35.69 -37.68
C LYS G 61 11.24 -36.33 -38.93
N ASP G 62 12.31 -35.75 -39.48
CA ASP G 62 12.96 -36.27 -40.68
C ASP G 62 13.41 -37.72 -40.61
N PHE G 63 14.08 -38.07 -39.52
CA PHE G 63 14.52 -39.45 -39.24
C PHE G 63 13.38 -40.45 -39.31
N PHE G 64 12.35 -40.17 -38.54
CA PHE G 64 11.25 -41.07 -38.49
C PHE G 64 10.55 -41.23 -39.83
N THR G 65 10.59 -40.21 -40.67
CA THR G 65 9.96 -40.30 -42.00
C THR G 65 10.78 -41.25 -42.88
N SER G 66 12.10 -41.13 -42.81
CA SER G 66 12.95 -42.06 -43.48
C SER G 66 12.86 -43.45 -42.88
N ALA G 67 12.82 -43.56 -41.55
CA ALA G 67 12.84 -44.90 -40.91
C ALA G 67 11.51 -45.67 -40.84
N GLN G 68 10.41 -45.08 -41.29
CA GLN G 68 9.08 -45.66 -41.04
C GLN G 68 8.69 -46.69 -42.09
N GLN G 69 8.31 -47.86 -41.59
CA GLN G 69 7.99 -49.04 -42.40
C GLN G 69 6.47 -49.15 -42.47
N GLN G 70 5.94 -49.83 -43.47
CA GLN G 70 4.53 -50.14 -43.39
C GLN G 70 4.41 -51.23 -42.36
N LEU G 71 3.42 -51.13 -41.49
CA LEU G 71 3.21 -52.16 -40.50
C LEU G 71 2.15 -53.14 -40.98
N PRO G 72 2.35 -54.46 -40.75
CA PRO G 72 1.43 -55.49 -41.24
C PRO G 72 0.09 -55.45 -40.55
N LYS G 73 -0.96 -55.67 -41.33
CA LYS G 73 -2.34 -55.64 -40.85
C LYS G 73 -2.57 -56.57 -39.66
N ASN G 74 -3.26 -56.06 -38.64
CA ASN G 74 -3.67 -56.80 -37.46
C ASN G 74 -2.55 -57.29 -36.55
N LYS G 75 -1.29 -56.99 -36.86
CA LYS G 75 -0.21 -57.50 -36.00
C LYS G 75 0.44 -56.50 -35.02
N VAL G 76 0.00 -55.24 -35.03
CA VAL G 76 0.70 -54.24 -34.24
C VAL G 76 0.33 -54.36 -32.78
N MET G 77 1.36 -54.32 -31.93
CA MET G 77 1.15 -54.42 -30.51
C MET G 77 1.81 -53.27 -29.74
N PHE G 78 1.01 -52.74 -28.81
CA PHE G 78 1.42 -51.70 -27.88
C PHE G 78 1.39 -52.38 -26.54
N TRP G 79 2.21 -51.89 -25.61
CA TRP G 79 2.28 -52.48 -24.24
C TRP G 79 2.48 -51.40 -23.18
N SER G 80 2.07 -51.66 -21.96
CA SER G 80 2.36 -50.72 -20.87
C SER G 80 2.68 -51.46 -19.58
N GLY G 81 3.92 -51.32 -19.13
CA GLY G 81 4.35 -51.93 -17.89
C GLY G 81 4.44 -53.45 -17.88
N VAL G 82 4.73 -54.01 -19.04
CA VAL G 82 4.82 -55.45 -19.20
C VAL G 82 5.90 -55.73 -20.21
N TYR G 83 7.02 -55.04 -20.12
CA TYR G 83 8.00 -55.12 -21.18
C TYR G 83 8.37 -56.57 -21.52
N ASP G 84 8.70 -57.36 -20.51
CA ASP G 84 9.21 -58.70 -20.76
C ASP G 84 8.14 -59.67 -21.22
N GLU G 85 7.02 -59.62 -20.52
CA GLU G 85 5.92 -60.48 -20.85
C GLU G 85 5.33 -60.18 -22.22
N ALA G 86 5.27 -58.93 -22.62
CA ALA G 86 4.73 -58.54 -23.95
C ALA G 86 5.67 -58.96 -25.05
N HIS G 87 6.96 -58.83 -24.79
CA HIS G 87 7.92 -59.13 -25.81
C HIS G 87 8.09 -60.63 -25.99
N ASP G 88 7.96 -61.40 -24.92
CA ASP G 88 7.97 -62.85 -25.07
C ASP G 88 6.76 -63.31 -25.87
N TYR G 89 5.59 -62.82 -25.48
CA TYR G 89 4.36 -63.20 -26.16
C TYR G 89 4.43 -62.88 -27.65
N ALA G 90 4.84 -61.67 -28.01
CA ALA G 90 4.93 -61.25 -29.40
C ALA G 90 5.99 -62.04 -30.16
N ASN G 91 7.03 -62.46 -29.46
CA ASN G 91 8.01 -63.40 -29.97
C ASN G 91 8.74 -62.96 -31.25
N THR G 92 9.60 -61.92 -31.11
CA THR G 92 10.54 -61.50 -32.19
C THR G 92 9.82 -61.42 -33.53
N GLY G 93 8.65 -60.78 -33.48
CA GLY G 93 7.92 -60.45 -34.69
C GLY G 93 6.97 -61.51 -35.15
N ARG G 94 7.16 -62.73 -34.65
CA ARG G 94 6.50 -63.92 -35.22
C ARG G 94 5.02 -64.00 -34.94
N LYS G 95 4.52 -63.21 -34.01
CA LYS G 95 3.10 -63.27 -33.66
C LYS G 95 2.48 -61.87 -33.69
N TYR G 96 3.10 -60.93 -32.97
CA TYR G 96 2.86 -59.54 -33.19
C TYR G 96 4.19 -58.81 -33.42
N ILE G 97 4.10 -57.62 -34.03
CA ILE G 97 5.16 -56.62 -34.10
C ILE G 97 5.09 -55.72 -32.85
N THR G 98 6.25 -55.34 -32.32
CA THR G 98 6.30 -54.24 -31.35
C THR G 98 7.17 -53.13 -31.94
N LEU G 99 7.11 -51.93 -31.38
CA LEU G 99 8.02 -50.87 -31.77
C LEU G 99 9.47 -51.36 -31.81
N GLU G 100 9.85 -52.15 -30.81
CA GLU G 100 11.20 -52.69 -30.66
C GLU G 100 11.61 -53.61 -31.82
N ASP G 101 10.64 -53.99 -32.65
CA ASP G 101 10.98 -54.78 -33.83
C ASP G 101 11.20 -53.91 -35.08
N THR G 102 10.76 -52.67 -34.99
CA THR G 102 10.82 -51.81 -36.15
C THR G 102 12.22 -51.29 -36.22
N LEU G 103 12.63 -50.84 -37.42
CA LEU G 103 13.94 -50.21 -37.58
C LEU G 103 14.30 -49.13 -36.51
N PRO G 104 13.54 -48.04 -36.45
CA PRO G 104 14.01 -47.08 -35.42
C PRO G 104 14.16 -47.66 -34.00
N GLY G 105 13.23 -48.53 -33.60
CA GLY G 105 13.19 -49.08 -32.26
C GLY G 105 14.31 -50.07 -32.04
N TYR G 106 14.64 -50.79 -33.10
CA TYR G 106 15.64 -51.81 -33.00
C TYR G 106 16.93 -51.08 -32.87
N MET G 107 17.12 -50.02 -33.64
CA MET G 107 18.42 -49.31 -33.64
C MET G 107 18.74 -48.70 -32.28
N LEU G 108 17.79 -47.95 -31.72
CA LEU G 108 18.05 -47.14 -30.56
C LEU G 108 17.72 -47.82 -29.24
N ASN G 109 17.16 -49.02 -29.29
CA ASN G 109 16.79 -49.72 -28.06
C ASN G 109 17.92 -49.72 -26.98
N SER G 110 17.60 -49.15 -25.83
CA SER G 110 18.52 -49.05 -24.66
C SER G 110 19.66 -48.08 -24.79
N LEU G 111 19.81 -47.50 -25.97
CA LEU G 111 20.94 -46.60 -26.22
C LEU G 111 20.70 -45.26 -25.53
N VAL G 112 21.80 -44.53 -25.24
CA VAL G 112 21.72 -43.30 -24.47
C VAL G 112 22.62 -42.31 -25.11
N TRP G 113 22.12 -41.11 -25.40
CA TRP G 113 22.84 -40.13 -26.20
C TRP G 113 22.27 -38.74 -25.91
N CYS G 114 23.08 -37.70 -26.06
CA CYS G 114 22.63 -36.30 -25.98
C CYS G 114 23.56 -35.35 -26.71
N GLY G 115 23.04 -34.16 -27.06
CA GLY G 115 23.78 -33.09 -27.76
C GLY G 115 24.66 -32.22 -26.88
N GLN G 116 25.56 -31.48 -27.53
CA GLN G 116 26.27 -30.39 -26.89
C GLN G 116 26.65 -29.36 -27.96
N ARG G 117 26.76 -28.07 -27.60
CA ARG G 117 27.17 -27.04 -28.55
C ARG G 117 28.63 -27.21 -28.92
N ALA G 118 29.46 -27.41 -27.90
CA ALA G 118 30.87 -27.68 -28.12
C ALA G 118 31.05 -28.79 -29.15
N ASN G 119 32.15 -28.76 -29.89
CA ASN G 119 32.50 -29.93 -30.64
C ASN G 119 32.77 -31.11 -29.69
N PRO G 120 32.45 -32.34 -30.11
CA PRO G 120 31.91 -32.76 -31.42
C PRO G 120 30.40 -32.70 -31.62
N GLY G 121 29.66 -32.05 -30.71
CA GLY G 121 28.20 -31.92 -30.91
C GLY G 121 27.34 -33.06 -30.38
N PHE G 122 27.96 -33.93 -29.59
CA PHE G 122 27.26 -34.87 -28.73
C PHE G 122 28.15 -34.99 -27.48
N ASN G 123 27.59 -35.47 -26.37
CA ASN G 123 28.34 -35.53 -25.11
C ASN G 123 28.70 -36.99 -24.79
N GLU G 124 29.99 -37.27 -24.70
CA GLU G 124 30.44 -38.64 -24.56
C GLU G 124 30.81 -38.95 -23.12
N LYS G 125 30.67 -37.96 -22.23
CA LYS G 125 30.95 -38.24 -20.82
C LYS G 125 29.66 -38.40 -20.01
N VAL G 126 28.74 -37.45 -20.17
CA VAL G 126 27.54 -37.43 -19.34
C VAL G 126 26.34 -36.83 -20.10
N CYS G 127 25.18 -37.44 -19.94
CA CYS G 127 23.92 -36.86 -20.36
C CYS G 127 23.16 -36.45 -19.13
N PRO G 128 22.29 -35.44 -19.26
CA PRO G 128 21.57 -35.07 -18.03
C PRO G 128 20.42 -36.02 -17.72
N ASP G 129 20.02 -36.02 -16.45
CA ASP G 129 18.83 -36.68 -16.02
C ASP G 129 17.73 -36.00 -16.84
N PHE G 130 17.07 -36.69 -17.74
CA PHE G 130 16.15 -35.93 -18.58
C PHE G 130 14.96 -35.36 -17.79
N LYS G 131 14.84 -35.71 -16.51
CA LYS G 131 13.89 -35.00 -15.62
C LYS G 131 14.25 -33.51 -15.47
N THR G 132 15.47 -33.16 -15.84
CA THR G 132 15.91 -31.76 -15.82
C THR G 132 15.44 -30.96 -17.05
N CYS G 133 15.03 -31.65 -18.10
CA CYS G 133 14.67 -31.05 -19.38
C CYS G 133 13.18 -30.82 -19.43
N PRO G 134 12.71 -29.96 -20.34
CA PRO G 134 11.29 -29.92 -20.61
C PRO G 134 10.79 -31.21 -21.21
N VAL G 135 9.54 -31.50 -20.93
CA VAL G 135 8.94 -32.76 -21.34
C VAL G 135 9.06 -33.03 -22.85
N GLN G 136 8.88 -31.98 -23.66
CA GLN G 136 8.89 -32.13 -25.09
C GLN G 136 10.30 -32.44 -25.60
N ALA G 137 11.32 -32.06 -24.80
CA ALA G 137 12.70 -32.48 -25.06
C ALA G 137 12.97 -33.89 -24.56
N ARG G 138 12.64 -34.22 -23.30
CA ARG G 138 12.78 -35.58 -22.80
C ARG G 138 12.05 -36.59 -23.66
N GLU G 139 10.92 -36.18 -24.23
CA GLU G 139 10.10 -37.10 -25.01
C GLU G 139 10.30 -36.99 -26.51
N SER G 140 11.20 -36.11 -26.91
CA SER G 140 11.45 -35.89 -28.29
C SER G 140 11.62 -37.18 -29.08
N PHE G 141 12.42 -38.15 -28.60
CA PHE G 141 12.76 -39.31 -29.42
C PHE G 141 11.69 -40.40 -29.47
N TRP G 142 11.46 -41.01 -28.31
CA TRP G 142 10.51 -42.11 -28.16
C TRP G 142 9.07 -41.64 -28.28
N GLY G 143 8.77 -40.43 -27.80
CA GLY G 143 7.46 -39.84 -28.09
C GLY G 143 7.17 -39.88 -29.58
N MET G 144 8.11 -39.41 -30.40
CA MET G 144 7.87 -39.33 -31.83
C MET G 144 7.90 -40.73 -32.38
N ALA G 145 8.77 -41.59 -31.84
CA ALA G 145 8.80 -42.96 -32.29
C ALA G 145 7.40 -43.55 -32.15
N SER G 146 6.78 -43.40 -30.99
CA SER G 146 5.50 -44.01 -30.77
C SER G 146 4.43 -43.44 -31.64
N SER G 147 4.51 -42.15 -31.85
CA SER G 147 3.50 -41.45 -32.64
C SER G 147 3.46 -42.05 -34.00
N SER G 148 4.65 -42.12 -34.59
CA SER G 148 4.78 -42.57 -35.95
C SER G 148 4.38 -44.04 -36.09
N TYR G 149 4.91 -44.85 -35.18
CA TYR G 149 4.48 -46.23 -35.03
C TYR G 149 2.95 -46.35 -34.98
N ALA G 150 2.29 -45.54 -34.15
CA ALA G 150 0.85 -45.65 -34.05
C ALA G 150 0.19 -45.23 -35.38
N HIS G 151 0.46 -44.02 -35.85
CA HIS G 151 -0.01 -43.58 -37.16
C HIS G 151 0.03 -44.63 -38.27
N SER G 152 1.02 -45.51 -38.26
CA SER G 152 1.20 -46.52 -39.32
C SER G 152 0.40 -47.81 -39.17
N ALA G 153 -0.27 -47.96 -38.00
CA ALA G 153 -0.96 -49.22 -37.65
C ALA G 153 -2.23 -49.46 -38.49
N GLU G 154 -2.44 -50.69 -38.97
CA GLU G 154 -3.69 -51.01 -39.67
C GLU G 154 -4.39 -52.20 -39.02
N GLY G 155 -5.70 -52.30 -39.16
CA GLY G 155 -6.44 -53.47 -38.71
C GLY G 155 -6.71 -53.54 -37.21
N GLU G 156 -6.62 -54.74 -36.66
CA GLU G 156 -6.78 -54.93 -35.23
C GLU G 156 -5.47 -54.61 -34.61
N VAL G 157 -5.49 -53.89 -33.51
CA VAL G 157 -4.25 -53.67 -32.81
C VAL G 157 -4.34 -54.30 -31.42
N THR G 158 -3.20 -54.53 -30.81
CA THR G 158 -3.22 -55.20 -29.54
C THR G 158 -2.47 -54.40 -28.49
N TYR G 159 -3.11 -54.33 -27.33
CA TYR G 159 -2.56 -53.60 -26.19
C TYR G 159 -2.45 -54.48 -24.96
N MET G 160 -1.25 -54.67 -24.47
CA MET G 160 -1.09 -55.54 -23.33
C MET G 160 -0.81 -54.68 -22.13
N VAL G 161 -1.50 -54.90 -21.01
CA VAL G 161 -1.30 -54.10 -19.81
C VAL G 161 -1.16 -54.95 -18.54
N ASP G 162 -0.75 -54.33 -17.47
CA ASP G 162 -0.51 -55.03 -16.26
C ASP G 162 -1.69 -54.70 -15.41
N GLY G 163 -2.44 -55.71 -14.97
CA GLY G 163 -3.63 -55.49 -14.16
C GLY G 163 -3.43 -55.82 -12.69
N SER G 164 -2.17 -55.83 -12.29
CA SER G 164 -1.76 -56.24 -10.95
C SER G 164 -0.84 -55.23 -10.29
N ASN G 165 -0.77 -53.99 -10.80
CA ASN G 165 0.05 -52.97 -10.14
C ASN G 165 -0.77 -52.01 -9.31
N PRO G 166 -0.70 -52.11 -7.96
CA PRO G 166 -1.58 -51.30 -7.10
C PRO G 166 -1.42 -49.79 -7.29
N LYS G 167 -0.25 -49.37 -7.73
CA LYS G 167 0.11 -47.96 -7.84
C LYS G 167 0.12 -47.41 -9.28
N VAL G 168 -0.31 -48.20 -10.27
CA VAL G 168 -0.25 -47.78 -11.67
C VAL G 168 -1.38 -48.45 -12.46
N PRO G 169 -2.46 -47.72 -12.77
CA PRO G 169 -3.53 -48.27 -13.60
C PRO G 169 -3.08 -49.02 -14.84
N ALA G 170 -3.81 -50.07 -15.20
CA ALA G 170 -3.67 -50.74 -16.48
C ALA G 170 -3.56 -49.73 -17.62
N TYR G 171 -4.50 -48.79 -17.66
CA TYR G 171 -4.46 -47.75 -18.67
C TYR G 171 -4.35 -46.35 -18.05
N ARG G 172 -3.47 -45.52 -18.63
CA ARG G 172 -3.21 -44.17 -18.15
C ARG G 172 -3.06 -43.21 -19.31
N PRO G 173 -3.79 -42.09 -19.29
CA PRO G 173 -3.60 -41.14 -20.39
C PRO G 173 -2.14 -40.67 -20.48
N ASP G 174 -1.40 -40.69 -19.36
CA ASP G 174 -0.01 -40.29 -19.49
C ASP G 174 1.14 -41.34 -19.56
N SER G 175 0.83 -42.60 -19.85
CA SER G 175 1.83 -43.52 -20.45
C SER G 175 2.09 -43.09 -21.88
N PHE G 176 3.13 -43.62 -22.49
CA PHE G 176 3.38 -43.40 -23.91
C PHE G 176 2.19 -43.85 -24.76
N PHE G 177 1.49 -44.90 -24.36
CA PHE G 177 0.32 -45.32 -25.08
C PHE G 177 -0.70 -44.21 -25.05
N GLY G 178 -1.12 -43.82 -23.84
CA GLY G 178 -2.02 -42.73 -23.56
C GLY G 178 -1.70 -41.43 -24.25
N LYS G 179 -0.41 -41.08 -24.30
CA LYS G 179 0.02 -39.79 -24.84
C LYS G 179 0.20 -39.79 -26.37
N TYR G 180 0.67 -40.91 -26.94
CA TYR G 180 1.19 -40.89 -28.28
C TYR G 180 0.71 -41.98 -29.17
N GLU G 181 0.26 -43.09 -28.60
CA GLU G 181 -0.20 -44.18 -29.41
C GLU G 181 -1.67 -44.09 -29.58
N LEU G 182 -2.44 -44.42 -28.56
CA LEU G 182 -3.89 -44.45 -28.69
C LEU G 182 -4.50 -43.26 -29.48
N PRO G 183 -4.12 -42.00 -29.15
CA PRO G 183 -4.80 -40.93 -29.81
C PRO G 183 -4.33 -40.69 -31.24
N ASN G 184 -3.37 -41.47 -31.73
CA ASN G 184 -2.80 -41.24 -33.04
C ASN G 184 -3.15 -42.38 -33.98
N LEU G 185 -3.93 -43.34 -33.50
CA LEU G 185 -4.46 -44.38 -34.36
C LEU G 185 -5.38 -43.77 -35.40
N THR G 186 -5.22 -44.16 -36.65
CA THR G 186 -6.05 -43.58 -37.70
C THR G 186 -7.35 -44.37 -37.92
N ASN G 187 -8.18 -43.90 -38.84
CA ASN G 187 -9.36 -44.64 -39.28
C ASN G 187 -8.97 -45.92 -40.04
N LYS G 188 -7.66 -46.16 -40.23
CA LYS G 188 -7.20 -47.47 -40.78
C LYS G 188 -7.25 -48.59 -39.77
N VAL G 189 -7.31 -48.24 -38.48
CA VAL G 189 -7.50 -49.21 -37.38
C VAL G 189 -8.96 -49.44 -37.17
N THR G 190 -9.31 -50.66 -36.78
CA THR G 190 -10.70 -51.15 -36.67
C THR G 190 -11.07 -51.64 -35.28
N ARG G 191 -10.09 -52.14 -34.53
CA ARG G 191 -10.37 -52.72 -33.26
C ARG G 191 -9.13 -52.60 -32.40
N VAL G 192 -9.33 -52.33 -31.13
CA VAL G 192 -8.28 -52.36 -30.13
C VAL G 192 -8.62 -53.57 -29.28
N LYS G 193 -7.71 -54.55 -29.25
CA LYS G 193 -7.87 -55.77 -28.43
C LYS G 193 -6.98 -55.76 -27.18
N VAL G 194 -7.53 -55.41 -26.02
CA VAL G 194 -6.73 -55.38 -24.79
C VAL G 194 -6.50 -56.78 -24.24
N ILE G 195 -5.25 -57.08 -23.88
CA ILE G 195 -4.88 -58.27 -23.10
C ILE G 195 -4.44 -57.80 -21.73
N VAL G 196 -5.21 -58.13 -20.72
CA VAL G 196 -4.86 -57.72 -19.38
C VAL G 196 -4.01 -58.77 -18.76
N LEU G 197 -3.05 -58.40 -17.96
CA LEU G 197 -2.22 -59.44 -17.40
C LEU G 197 -2.33 -59.41 -15.89
N HIS G 198 -2.73 -60.54 -15.32
CA HIS G 198 -2.98 -60.67 -13.86
C HIS G 198 -1.87 -61.50 -13.27
N ARG G 199 -0.79 -60.85 -12.85
CA ARG G 199 0.43 -61.53 -12.44
C ARG G 199 0.16 -62.68 -11.48
N LEU G 200 0.96 -63.75 -11.61
CA LEU G 200 0.80 -64.94 -10.79
C LEU G 200 1.11 -64.64 -9.33
N GLY G 201 0.26 -65.12 -8.43
CA GLY G 201 0.51 -65.01 -7.02
C GLY G 201 0.20 -63.65 -6.41
N GLU G 202 -0.32 -62.74 -7.22
CA GLU G 202 -0.56 -61.36 -6.82
C GLU G 202 -2.03 -60.98 -6.90
N LYS G 203 -2.48 -60.18 -5.94
CA LYS G 203 -3.82 -59.59 -5.96
C LYS G 203 -4.16 -58.96 -7.31
N ILE G 204 -5.38 -59.19 -7.80
CA ILE G 204 -5.89 -58.55 -9.02
C ILE G 204 -6.38 -57.14 -8.76
N ILE G 205 -5.79 -56.20 -9.46
CA ILE G 205 -6.08 -54.79 -9.28
C ILE G 205 -7.10 -54.34 -10.31
N GLU G 206 -6.94 -54.71 -11.59
CA GLU G 206 -7.85 -54.23 -12.64
C GLU G 206 -8.54 -55.35 -13.42
N LYS G 207 -9.86 -55.24 -13.60
CA LYS G 207 -10.62 -56.25 -14.34
C LYS G 207 -11.16 -55.59 -15.58
N CYS G 208 -11.37 -56.33 -16.66
CA CYS G 208 -12.00 -55.76 -17.86
C CYS G 208 -13.35 -55.15 -17.44
N GLY G 209 -13.80 -54.14 -18.17
CA GLY G 209 -15.05 -53.48 -17.82
C GLY G 209 -15.09 -52.74 -16.49
N ALA G 210 -13.97 -52.59 -15.79
CA ALA G 210 -13.92 -51.73 -14.58
C ALA G 210 -12.76 -50.75 -14.62
N GLY G 211 -12.76 -49.82 -13.67
CA GLY G 211 -11.69 -48.82 -13.55
C GLY G 211 -11.19 -48.33 -14.90
N SER G 212 -9.88 -48.15 -14.97
CA SER G 212 -9.24 -47.52 -16.13
C SER G 212 -9.50 -48.24 -17.45
N LEU G 213 -9.72 -49.53 -17.39
CA LEU G 213 -10.02 -50.29 -18.58
C LEU G 213 -11.33 -49.84 -19.21
N LEU G 214 -12.31 -49.58 -18.34
CA LEU G 214 -13.59 -49.07 -18.78
C LEU G 214 -13.37 -47.72 -19.39
N ASP G 215 -12.55 -46.89 -18.75
CA ASP G 215 -12.27 -45.60 -19.29
C ASP G 215 -11.81 -45.75 -20.73
N LEU G 216 -10.82 -46.63 -20.87
CA LEU G 216 -10.16 -46.95 -22.11
C LEU G 216 -11.15 -47.41 -23.15
N GLU G 217 -12.05 -48.30 -22.75
CA GLU G 217 -13.09 -48.77 -23.66
C GLU G 217 -13.93 -47.61 -24.20
N LYS G 218 -14.33 -46.68 -23.32
CA LYS G 218 -15.13 -45.54 -23.74
C LYS G 218 -14.34 -44.76 -24.79
N LEU G 219 -13.05 -44.56 -24.50
CA LEU G 219 -12.18 -43.84 -25.43
C LEU G 219 -12.05 -44.57 -26.72
N VAL G 220 -11.94 -45.90 -26.68
CA VAL G 220 -11.79 -46.66 -27.91
C VAL G 220 -13.02 -46.48 -28.77
N LYS G 221 -14.18 -46.58 -28.13
CA LYS G 221 -15.47 -46.41 -28.82
C LYS G 221 -15.68 -45.00 -29.35
N ALA G 222 -15.24 -44.00 -28.58
CA ALA G 222 -15.27 -42.60 -29.02
C ALA G 222 -14.48 -42.35 -30.31
N LYS G 223 -13.49 -43.22 -30.56
CA LYS G 223 -12.57 -43.09 -31.68
C LYS G 223 -13.10 -43.93 -32.84
N HIS G 224 -14.24 -44.58 -32.56
CA HIS G 224 -14.93 -45.40 -33.54
C HIS G 224 -14.19 -46.70 -33.88
N PHE G 225 -13.47 -47.27 -32.92
CA PHE G 225 -12.96 -48.63 -33.11
C PHE G 225 -13.82 -49.59 -32.35
N ALA G 226 -13.70 -50.86 -32.69
CA ALA G 226 -14.30 -51.91 -31.91
C ALA G 226 -13.35 -52.25 -30.78
N PHE G 227 -13.86 -52.87 -29.72
CA PHE G 227 -13.10 -53.14 -28.52
C PHE G 227 -13.37 -54.54 -28.04
N ASP G 228 -12.32 -55.23 -27.58
CA ASP G 228 -12.45 -56.42 -26.77
C ASP G 228 -11.31 -56.53 -25.78
N CYS G 229 -11.49 -57.35 -24.76
CA CYS G 229 -10.59 -57.36 -23.62
C CYS G 229 -10.56 -58.78 -23.14
N VAL G 230 -9.38 -59.26 -22.74
CA VAL G 230 -9.20 -60.60 -22.20
C VAL G 230 -8.26 -60.54 -20.99
N GLU G 231 -8.50 -61.38 -20.00
CA GLU G 231 -7.66 -61.45 -18.83
C GLU G 231 -6.94 -62.80 -18.86
N ASN G 232 -5.61 -62.78 -18.88
CA ASN G 232 -4.80 -64.01 -18.97
C ASN G 232 -5.28 -65.08 -19.96
N PRO G 233 -5.45 -64.75 -21.26
CA PRO G 233 -5.74 -65.86 -22.18
C PRO G 233 -4.69 -66.97 -22.05
N ARG G 234 -4.99 -68.18 -22.50
CA ARG G 234 -4.17 -69.33 -22.10
C ARG G 234 -2.75 -69.27 -22.68
N ALA G 235 -2.62 -68.86 -23.93
CA ALA G 235 -1.30 -68.78 -24.55
C ALA G 235 -0.39 -67.92 -23.66
N VAL G 236 -0.95 -66.88 -23.07
CA VAL G 236 -0.18 -65.95 -22.25
C VAL G 236 0.02 -66.47 -20.82
N LEU G 237 -1.01 -67.14 -20.31
CA LEU G 237 -0.88 -67.76 -19.04
C LEU G 237 0.31 -68.72 -19.03
N PHE G 238 0.39 -69.61 -20.02
CA PHE G 238 1.44 -70.61 -19.97
C PHE G 238 2.81 -70.00 -19.95
N LEU G 239 2.96 -68.86 -20.63
CA LEU G 239 4.17 -68.08 -20.59
C LEU G 239 4.56 -67.70 -19.16
N LEU G 240 3.60 -67.10 -18.44
CA LEU G 240 3.80 -66.72 -17.06
C LEU G 240 4.21 -67.92 -16.27
N CYS G 241 3.53 -69.04 -16.56
CA CYS G 241 3.73 -70.22 -15.78
C CYS G 241 5.15 -70.73 -15.88
N SER G 242 5.77 -70.58 -17.04
CA SER G 242 7.06 -71.23 -17.23
C SER G 242 8.15 -70.57 -16.39
N ASP G 243 7.88 -69.35 -15.93
CA ASP G 243 8.82 -68.69 -15.00
C ASP G 243 8.48 -68.92 -13.53
N ASN G 244 7.26 -69.35 -13.29
CA ASN G 244 6.83 -69.67 -11.93
C ASN G 244 5.95 -70.92 -11.95
N PRO G 245 6.54 -72.12 -12.16
CA PRO G 245 5.77 -73.35 -12.37
C PRO G 245 4.96 -73.80 -11.18
N ASN G 246 5.43 -73.54 -9.97
CA ASN G 246 4.72 -73.99 -8.76
C ASN G 246 3.42 -73.22 -8.54
N ALA G 247 3.31 -72.06 -9.22
CA ALA G 247 2.20 -71.15 -9.02
C ALA G 247 0.87 -71.85 -9.15
N ARG G 248 0.04 -71.62 -8.14
CA ARG G 248 -1.31 -72.14 -8.00
C ARG G 248 -2.10 -72.19 -9.31
N GLU G 249 -2.11 -71.10 -10.08
CA GLU G 249 -2.93 -71.08 -11.29
C GLU G 249 -2.35 -71.87 -12.45
N CYS G 250 -1.20 -72.50 -12.23
CA CYS G 250 -0.63 -73.36 -13.22
C CYS G 250 -0.79 -74.85 -12.93
N ARG G 251 -1.56 -75.23 -11.90
CA ARG G 251 -1.83 -76.67 -11.59
C ARG G 251 -2.45 -77.40 -12.79
N LEU G 252 -1.86 -78.54 -13.17
CA LEU G 252 -2.37 -79.32 -14.31
C LEU G 252 -3.29 -80.48 -13.86
N ALA G 253 -3.31 -81.54 -14.67
CA ALA G 253 -3.78 -82.90 -14.33
C ALA G 253 -4.22 -83.13 -12.86
N ALA H 2 21.93 -75.94 -54.70
CA ALA H 2 22.74 -74.74 -54.31
C ALA H 2 21.87 -73.62 -53.66
N ILE H 3 22.46 -72.88 -52.70
CA ILE H 3 21.79 -71.82 -51.90
C ILE H 3 22.46 -70.40 -51.97
N VAL H 4 21.66 -69.32 -51.95
CA VAL H 4 22.16 -67.92 -52.05
C VAL H 4 22.81 -67.40 -50.77
N PRO H 5 24.05 -66.90 -50.84
CA PRO H 5 24.72 -66.48 -49.63
C PRO H 5 24.28 -65.08 -49.13
N THR H 6 24.75 -64.69 -47.95
CA THR H 6 24.42 -63.39 -47.37
C THR H 6 25.16 -62.25 -48.11
N ARG H 7 24.42 -61.20 -48.51
CA ARG H 7 25.02 -60.02 -49.13
C ARG H 7 25.81 -59.25 -48.07
N GLU H 8 26.81 -58.46 -48.49
CA GLU H 8 27.55 -57.53 -47.60
C GLU H 8 28.07 -58.18 -46.28
N LEU H 9 28.68 -59.35 -46.46
CA LEU H 9 29.15 -60.21 -45.38
C LEU H 9 30.00 -59.48 -44.34
N GLU H 10 31.11 -58.90 -44.80
CA GLU H 10 31.99 -58.10 -43.95
C GLU H 10 31.17 -57.03 -43.17
N ASN H 11 30.30 -56.30 -43.88
CA ASN H 11 29.48 -55.29 -43.21
C ASN H 11 28.62 -55.90 -42.12
N VAL H 12 27.91 -56.98 -42.46
CA VAL H 12 27.04 -57.64 -41.50
C VAL H 12 27.87 -58.09 -40.29
N PHE H 13 28.96 -58.81 -40.57
CA PHE H 13 29.85 -59.38 -39.57
C PHE H 13 30.38 -58.26 -38.65
N LEU H 14 30.83 -57.15 -39.24
CA LEU H 14 31.36 -56.05 -38.45
C LEU H 14 30.23 -55.36 -37.68
N GLY H 15 29.11 -55.09 -38.36
CA GLY H 15 27.99 -54.48 -37.73
C GLY H 15 27.62 -55.29 -36.50
N ARG H 16 27.57 -56.60 -36.68
CA ARG H 16 27.13 -57.43 -35.59
C ARG H 16 28.19 -57.34 -34.53
N CYS H 17 29.44 -57.43 -34.96
CA CYS H 17 30.54 -57.47 -34.04
C CYS H 17 30.52 -56.27 -33.10
N LYS H 18 30.27 -55.09 -33.64
CA LYS H 18 30.24 -53.86 -32.83
C LYS H 18 29.05 -53.75 -31.87
N ASP H 19 27.86 -54.12 -32.36
CA ASP H 19 26.63 -54.15 -31.57
C ASP H 19 26.79 -55.02 -30.34
N TYR H 20 27.32 -56.21 -30.58
CA TYR H 20 27.65 -57.11 -29.51
C TYR H 20 28.66 -56.49 -28.55
N GLU H 21 29.72 -55.94 -29.13
CA GLU H 21 30.84 -55.51 -28.33
C GLU H 21 30.38 -54.51 -27.32
N ILE H 22 29.64 -53.51 -27.79
CA ILE H 22 29.22 -52.40 -26.97
C ILE H 22 27.88 -52.60 -26.24
N THR H 23 26.94 -53.39 -26.78
CA THR H 23 25.56 -53.43 -26.26
C THR H 23 24.94 -54.78 -25.81
N ARG H 24 25.53 -55.90 -26.21
CA ARG H 24 24.91 -57.20 -25.98
C ARG H 24 25.55 -57.97 -24.83
N TYR H 25 24.73 -58.73 -24.07
CA TYR H 25 25.20 -59.66 -23.02
C TYR H 25 26.20 -59.06 -22.05
N LEU H 26 26.09 -57.76 -21.81
CA LEU H 26 27.05 -57.04 -20.97
C LEU H 26 27.25 -57.63 -19.58
N ASP H 27 26.15 -58.00 -18.90
CA ASP H 27 26.28 -58.57 -17.54
C ASP H 27 26.23 -60.10 -17.50
N ILE H 28 26.69 -60.70 -18.60
CA ILE H 28 26.53 -62.12 -18.85
C ILE H 28 27.81 -62.80 -19.42
N LEU H 29 28.30 -62.25 -20.54
CA LEU H 29 29.52 -62.72 -21.16
C LEU H 29 30.54 -61.60 -21.14
N PRO H 30 31.81 -61.95 -21.05
CA PRO H 30 32.89 -60.95 -21.12
C PRO H 30 33.12 -60.52 -22.57
N ARG H 31 33.86 -59.44 -22.78
CA ARG H 31 34.22 -58.97 -24.12
C ARG H 31 35.52 -59.67 -24.58
N VAL H 32 35.78 -59.69 -25.88
CA VAL H 32 37.07 -60.21 -26.38
C VAL H 32 38.16 -59.14 -26.58
N ARG H 33 39.41 -59.50 -26.27
CA ARG H 33 40.55 -58.58 -26.40
C ARG H 33 40.69 -58.08 -27.83
N SER H 34 40.60 -59.00 -28.81
CA SER H 34 40.72 -58.65 -30.23
C SER H 34 39.72 -57.58 -30.57
N ASP H 35 40.04 -56.78 -31.59
CA ASP H 35 39.10 -55.77 -32.05
C ASP H 35 38.34 -56.38 -33.22
N CYS H 36 37.20 -55.80 -33.54
CA CYS H 36 36.31 -56.37 -34.54
C CYS H 36 37.03 -56.69 -35.83
N SER H 37 37.84 -55.78 -36.32
CA SER H 37 38.52 -56.01 -37.60
C SER H 37 39.66 -57.06 -37.53
N ALA H 38 40.05 -57.44 -36.31
CA ALA H 38 41.02 -58.53 -36.11
C ALA H 38 40.29 -59.88 -36.17
N LEU H 39 39.01 -59.86 -35.82
CA LEU H 39 38.17 -61.04 -35.91
C LEU H 39 37.83 -61.29 -37.37
N TRP H 40 37.61 -60.23 -38.13
CA TRP H 40 37.35 -60.39 -39.55
C TRP H 40 38.57 -60.98 -40.28
N LYS H 41 39.78 -60.52 -39.95
CA LYS H 41 40.97 -61.08 -40.63
C LYS H 41 41.02 -62.62 -40.47
N ASP H 42 41.13 -63.09 -39.22
CA ASP H 42 41.14 -64.52 -38.87
C ASP H 42 39.96 -65.34 -39.47
N PHE H 43 38.78 -64.72 -39.52
CA PHE H 43 37.61 -65.38 -40.03
C PHE H 43 37.69 -65.48 -41.55
N PHE H 44 37.92 -64.37 -42.22
CA PHE H 44 38.04 -64.37 -43.67
C PHE H 44 39.19 -65.25 -44.16
N LYS H 45 40.34 -65.18 -43.48
CA LYS H 45 41.55 -65.91 -43.93
C LYS H 45 41.33 -67.41 -44.01
N ALA H 46 40.26 -67.88 -43.36
CA ALA H 46 39.96 -69.32 -43.20
C ALA H 46 39.30 -69.97 -44.40
N PHE H 47 38.52 -69.21 -45.16
CA PHE H 47 37.75 -69.76 -46.28
C PHE H 47 38.01 -69.09 -47.61
N SER H 48 38.66 -67.94 -47.56
CA SER H 48 38.95 -67.10 -48.73
C SER H 48 39.98 -67.67 -49.73
N PHE H 49 39.66 -67.52 -51.03
CA PHE H 49 40.55 -67.85 -52.13
C PHE H 49 40.83 -69.34 -52.11
N LYS H 50 39.80 -70.11 -51.81
CA LYS H 50 39.85 -71.57 -51.78
C LYS H 50 38.58 -72.07 -52.45
N ASN H 51 38.64 -73.26 -53.06
CA ASN H 51 37.45 -73.99 -53.45
C ASN H 51 36.48 -74.02 -52.28
N PRO H 52 35.17 -73.89 -52.56
CA PRO H 52 34.19 -73.75 -51.47
C PRO H 52 34.08 -74.99 -50.59
N CYS H 53 34.50 -76.16 -51.11
CA CYS H 53 34.39 -77.44 -50.37
C CYS H 53 35.75 -77.98 -49.89
N ASP H 54 36.64 -77.06 -49.50
CA ASP H 54 38.02 -77.36 -49.12
C ASP H 54 38.30 -76.85 -47.70
N LEU H 55 37.71 -77.46 -46.69
CA LEU H 55 37.81 -76.91 -45.33
C LEU H 55 37.90 -77.99 -44.28
N ASP H 56 38.99 -78.03 -43.51
CA ASP H 56 39.02 -78.95 -42.37
C ASP H 56 38.59 -78.26 -41.10
N LEU H 57 38.37 -79.09 -40.10
CA LEU H 57 38.12 -78.70 -38.73
C LEU H 57 39.18 -77.72 -38.19
N GLY H 58 40.30 -77.60 -38.89
CA GLY H 58 41.37 -76.71 -38.44
C GLY H 58 41.33 -75.30 -39.03
N SER H 59 40.56 -75.15 -40.12
CA SER H 59 40.53 -73.93 -40.93
C SER H 59 40.36 -72.67 -40.08
N TYR H 60 39.25 -72.61 -39.35
CA TYR H 60 38.89 -71.49 -38.50
C TYR H 60 39.51 -71.55 -37.11
N LYS H 61 40.39 -72.53 -36.87
CA LYS H 61 41.00 -72.72 -35.55
C LYS H 61 41.31 -71.36 -34.93
N ASP H 62 41.87 -70.47 -35.74
CA ASP H 62 42.42 -69.24 -35.23
C ASP H 62 41.35 -68.24 -34.94
N PHE H 63 40.43 -68.03 -35.89
CA PHE H 63 39.29 -67.19 -35.60
C PHE H 63 38.72 -67.62 -34.26
N PHE H 64 38.46 -68.90 -34.09
CA PHE H 64 37.88 -69.34 -32.84
C PHE H 64 38.76 -69.10 -31.60
N THR H 65 40.08 -69.25 -31.76
CA THR H 65 41.06 -68.91 -30.71
C THR H 65 40.83 -67.50 -30.16
N SER H 66 40.53 -66.54 -31.05
CA SER H 66 40.39 -65.12 -30.69
C SER H 66 39.01 -64.73 -30.20
N ALA H 67 37.99 -65.33 -30.81
CA ALA H 67 36.58 -65.03 -30.55
C ALA H 67 36.05 -65.71 -29.29
N GLN H 68 36.89 -66.55 -28.67
CA GLN H 68 36.47 -67.31 -27.49
C GLN H 68 36.33 -66.45 -26.23
N GLN H 69 35.25 -66.69 -25.50
CA GLN H 69 34.97 -65.98 -24.28
C GLN H 69 34.95 -66.97 -23.13
N GLN H 70 35.52 -66.59 -22.00
CA GLN H 70 35.25 -67.27 -20.72
C GLN H 70 33.73 -67.50 -20.52
N LEU H 71 33.28 -68.74 -20.36
CA LEU H 71 31.85 -69.01 -20.16
C LEU H 71 31.46 -69.17 -18.69
N PRO H 72 30.34 -68.55 -18.26
CA PRO H 72 29.90 -68.68 -16.86
C PRO H 72 29.76 -70.14 -16.40
N LYS H 73 29.99 -70.36 -15.11
CA LYS H 73 29.91 -71.68 -14.49
C LYS H 73 28.43 -72.12 -14.36
N ASN H 74 28.12 -73.33 -14.85
CA ASN H 74 26.82 -73.99 -14.67
C ASN H 74 25.68 -73.50 -15.58
N LYS H 75 25.99 -72.70 -16.59
CA LYS H 75 24.93 -72.16 -17.43
C LYS H 75 25.09 -72.53 -18.92
N VAL H 76 26.12 -73.30 -19.25
CA VAL H 76 26.33 -73.66 -20.63
C VAL H 76 25.32 -74.72 -21.03
N MET H 77 24.59 -74.43 -22.10
CA MET H 77 23.62 -75.36 -22.69
C MET H 77 24.10 -75.84 -24.07
N PHE H 78 23.74 -77.07 -24.44
CA PHE H 78 23.91 -77.58 -25.79
C PHE H 78 22.56 -78.11 -26.21
N TRP H 79 22.27 -78.18 -27.49
CA TRP H 79 20.98 -78.68 -27.94
C TRP H 79 21.13 -79.56 -29.20
N SER H 80 20.16 -80.44 -29.45
CA SER H 80 20.12 -81.15 -30.72
C SER H 80 18.68 -81.26 -31.14
N GLY H 81 18.34 -80.89 -32.36
CA GLY H 81 16.98 -81.10 -32.82
C GLY H 81 15.90 -80.15 -32.32
N VAL H 82 16.21 -79.35 -31.29
CA VAL H 82 15.20 -78.51 -30.62
C VAL H 82 15.48 -77.00 -30.62
N TYR H 83 16.14 -76.51 -31.68
CA TYR H 83 16.58 -75.12 -31.74
C TYR H 83 15.67 -74.13 -31.04
N ASP H 84 14.50 -73.93 -31.62
CA ASP H 84 13.52 -72.95 -31.18
C ASP H 84 13.21 -73.05 -29.69
N GLU H 85 12.96 -74.26 -29.21
CA GLU H 85 12.52 -74.40 -27.83
C GLU H 85 13.70 -74.50 -26.88
N ALA H 86 14.88 -74.80 -27.40
CA ALA H 86 16.10 -74.68 -26.63
C ALA H 86 16.30 -73.20 -26.33
N HIS H 87 16.18 -72.38 -27.37
CA HIS H 87 16.50 -70.94 -27.26
C HIS H 87 15.44 -70.11 -26.53
N ASP H 88 14.20 -70.57 -26.57
CA ASP H 88 13.12 -69.94 -25.80
C ASP H 88 13.44 -70.17 -24.33
N TYR H 89 13.76 -71.42 -24.03
CA TYR H 89 14.07 -71.79 -22.67
C TYR H 89 15.28 -71.04 -22.16
N ALA H 90 16.41 -71.17 -22.84
CA ALA H 90 17.63 -70.49 -22.42
C ALA H 90 17.44 -68.98 -22.25
N ASN H 91 16.53 -68.42 -23.02
CA ASN H 91 16.11 -67.04 -22.90
C ASN H 91 17.25 -65.99 -23.02
N THR H 92 17.78 -65.86 -24.22
CA THR H 92 18.80 -64.86 -24.53
C THR H 92 19.67 -64.63 -23.31
N GLY H 93 20.38 -65.67 -22.87
CA GLY H 93 21.34 -65.56 -21.80
C GLY H 93 20.83 -65.49 -20.37
N ARG H 94 19.56 -65.20 -20.14
CA ARG H 94 19.22 -65.07 -18.72
C ARG H 94 18.98 -66.38 -17.97
N LYS H 95 18.71 -67.48 -18.67
CA LYS H 95 18.67 -68.73 -17.97
C LYS H 95 19.90 -69.60 -18.30
N TYR H 96 20.20 -69.70 -19.59
CA TYR H 96 21.34 -70.47 -20.02
C TYR H 96 22.02 -69.72 -21.13
N ILE H 97 23.27 -70.10 -21.38
CA ILE H 97 24.02 -69.62 -22.52
C ILE H 97 23.81 -70.70 -23.55
N THR H 98 23.65 -70.32 -24.80
CA THR H 98 23.74 -71.27 -25.90
C THR H 98 24.91 -70.81 -26.73
N LEU H 99 25.36 -71.61 -27.67
CA LEU H 99 26.36 -71.17 -28.61
C LEU H 99 25.99 -69.82 -29.22
N GLU H 100 24.74 -69.73 -29.66
CA GLU H 100 24.20 -68.53 -30.32
C GLU H 100 24.26 -67.25 -29.52
N ASP H 101 24.58 -67.34 -28.22
CA ASP H 101 24.59 -66.17 -27.38
C ASP H 101 25.98 -65.61 -27.34
N THR H 102 26.96 -66.49 -27.53
CA THR H 102 28.36 -66.09 -27.50
C THR H 102 28.71 -65.29 -28.75
N LEU H 103 29.88 -64.67 -28.73
CA LEU H 103 30.24 -63.75 -29.79
C LEU H 103 30.26 -64.37 -31.18
N PRO H 104 31.06 -65.44 -31.41
CA PRO H 104 31.12 -65.98 -32.81
C PRO H 104 29.81 -66.60 -33.26
N GLY H 105 29.03 -67.07 -32.28
CA GLY H 105 27.78 -67.73 -32.57
C GLY H 105 26.85 -66.66 -33.08
N TYR H 106 26.79 -65.56 -32.32
CA TYR H 106 25.93 -64.44 -32.62
C TYR H 106 26.28 -63.88 -33.98
N MET H 107 27.57 -63.81 -34.25
CA MET H 107 28.02 -63.14 -35.45
C MET H 107 27.54 -63.83 -36.72
N LEU H 108 27.65 -65.16 -36.74
CA LEU H 108 27.39 -65.91 -37.94
C LEU H 108 26.07 -66.61 -37.95
N ASN H 109 25.31 -66.49 -36.86
CA ASN H 109 24.07 -67.23 -36.78
C ASN H 109 23.19 -66.85 -37.99
N SER H 110 22.89 -67.82 -38.86
CA SER H 110 22.00 -67.63 -40.01
C SER H 110 22.69 -67.20 -41.30
N LEU H 111 23.96 -66.91 -41.21
CA LEU H 111 24.67 -66.37 -42.33
C LEU H 111 25.09 -67.49 -43.26
N VAL H 112 25.30 -67.12 -44.52
CA VAL H 112 25.73 -68.04 -45.57
C VAL H 112 26.83 -67.45 -46.41
N TRP H 113 27.97 -68.14 -46.39
CA TRP H 113 29.15 -67.75 -47.14
C TRP H 113 29.97 -68.96 -47.61
N CYS H 114 30.79 -68.71 -48.62
CA CYS H 114 31.73 -69.71 -49.14
C CYS H 114 32.81 -69.05 -50.00
N GLY H 115 34.01 -69.63 -49.96
CA GLY H 115 35.13 -69.16 -50.74
C GLY H 115 34.96 -69.49 -52.21
N GLN H 116 35.78 -68.83 -53.02
CA GLN H 116 35.98 -69.18 -54.42
C GLN H 116 37.40 -68.70 -54.65
N ARG H 117 38.11 -69.33 -55.59
CA ARG H 117 39.54 -69.05 -55.71
C ARG H 117 39.87 -67.72 -56.42
N ALA H 118 39.06 -67.32 -57.40
CA ALA H 118 39.22 -66.02 -58.09
C ALA H 118 38.76 -64.79 -57.27
N ASN H 119 38.92 -63.62 -57.86
CA ASN H 119 38.55 -62.39 -57.17
C ASN H 119 37.03 -62.29 -57.05
N PRO H 120 36.52 -61.86 -55.87
CA PRO H 120 37.17 -61.26 -54.70
C PRO H 120 37.61 -62.23 -53.59
N GLY H 121 37.63 -63.53 -53.86
CA GLY H 121 37.90 -64.54 -52.81
C GLY H 121 36.67 -65.23 -52.22
N PHE H 122 35.48 -64.86 -52.71
CA PHE H 122 34.23 -65.51 -52.31
C PHE H 122 33.10 -65.32 -53.32
N ASN H 123 32.08 -66.13 -53.18
CA ASN H 123 30.96 -66.13 -54.11
C ASN H 123 29.82 -65.33 -53.51
N GLU H 124 29.39 -64.31 -54.25
CA GLU H 124 28.21 -63.51 -53.90
C GLU H 124 26.97 -64.08 -54.58
N LYS H 125 27.16 -64.82 -55.68
CA LYS H 125 26.05 -65.34 -56.45
C LYS H 125 25.49 -66.62 -55.81
N VAL H 126 26.36 -67.57 -55.54
CA VAL H 126 25.93 -68.92 -55.23
C VAL H 126 26.88 -69.61 -54.22
N CYS H 127 26.31 -70.43 -53.33
CA CYS H 127 27.09 -71.33 -52.48
C CYS H 127 26.56 -72.79 -52.57
N PRO H 128 27.43 -73.80 -52.31
CA PRO H 128 27.05 -75.20 -52.60
C PRO H 128 26.10 -75.82 -51.59
N ASP H 129 25.28 -76.74 -52.11
CA ASP H 129 24.34 -77.56 -51.33
C ASP H 129 25.00 -78.16 -50.12
N PHE H 130 24.36 -78.01 -48.96
CA PHE H 130 24.81 -78.65 -47.72
C PHE H 130 25.46 -80.02 -48.00
N LYS H 131 24.66 -80.99 -48.44
CA LYS H 131 25.12 -82.36 -48.69
C LYS H 131 26.33 -82.49 -49.62
N THR H 132 26.56 -81.51 -50.50
CA THR H 132 27.49 -81.70 -51.62
C THR H 132 28.98 -81.48 -51.29
N CYS H 133 29.25 -81.09 -50.05
CA CYS H 133 30.62 -81.02 -49.54
C CYS H 133 31.00 -82.32 -48.84
N PRO H 134 32.30 -82.64 -48.76
CA PRO H 134 32.68 -83.70 -47.83
C PRO H 134 32.28 -83.31 -46.41
N VAL H 135 32.19 -84.29 -45.51
CA VAL H 135 31.71 -84.04 -44.14
C VAL H 135 32.50 -82.93 -43.42
N GLN H 136 33.79 -83.14 -43.18
CA GLN H 136 34.61 -82.16 -42.48
C GLN H 136 34.56 -80.74 -43.03
N ALA H 137 34.28 -80.60 -44.33
CA ALA H 137 34.12 -79.27 -44.96
C ALA H 137 32.78 -78.67 -44.59
N ARG H 138 31.75 -79.50 -44.64
CA ARG H 138 30.43 -79.08 -44.30
C ARG H 138 30.42 -78.54 -42.84
N GLU H 139 31.28 -79.16 -42.01
CA GLU H 139 31.23 -79.00 -40.58
C GLU H 139 32.39 -78.15 -40.05
N SER H 140 33.18 -77.55 -40.93
CA SER H 140 34.38 -76.84 -40.50
C SER H 140 34.10 -75.69 -39.55
N PHE H 141 33.05 -74.92 -39.83
CA PHE H 141 32.78 -73.76 -39.01
C PHE H 141 32.03 -74.09 -37.72
N TRP H 142 30.85 -74.69 -37.83
CA TRP H 142 30.03 -74.94 -36.65
C TRP H 142 30.62 -76.05 -35.81
N GLY H 143 31.39 -76.93 -36.45
CA GLY H 143 32.13 -77.95 -35.72
C GLY H 143 33.21 -77.37 -34.85
N MET H 144 33.99 -76.44 -35.38
CA MET H 144 35.03 -75.81 -34.60
C MET H 144 34.36 -74.92 -33.52
N ALA H 145 33.26 -74.30 -33.90
CA ALA H 145 32.52 -73.45 -32.97
C ALA H 145 32.07 -74.28 -31.77
N SER H 146 31.46 -75.41 -32.05
CA SER H 146 30.93 -76.21 -30.98
C SER H 146 32.08 -76.69 -30.15
N SER H 147 33.11 -77.23 -30.81
CA SER H 147 34.30 -77.72 -30.13
C SER H 147 34.79 -76.72 -29.10
N SER H 148 35.05 -75.50 -29.54
CA SER H 148 35.62 -74.49 -28.68
C SER H 148 34.66 -74.08 -27.55
N TYR H 149 33.39 -73.91 -27.91
CA TYR H 149 32.38 -73.54 -26.94
C TYR H 149 32.42 -74.56 -25.84
N ALA H 150 32.41 -75.83 -26.23
CA ALA H 150 32.39 -76.92 -25.27
C ALA H 150 33.67 -77.00 -24.43
N HIS H 151 34.83 -76.84 -25.08
CA HIS H 151 36.14 -76.77 -24.41
C HIS H 151 36.18 -75.80 -23.22
N SER H 152 35.34 -74.75 -23.28
CA SER H 152 35.34 -73.64 -22.33
C SER H 152 34.34 -73.75 -21.18
N ALA H 153 33.46 -74.74 -21.26
CA ALA H 153 32.44 -74.92 -20.23
C ALA H 153 33.08 -75.33 -18.91
N GLU H 154 32.45 -74.94 -17.80
CA GLU H 154 32.81 -75.33 -16.44
C GLU H 154 31.55 -75.65 -15.61
N GLY H 155 31.68 -76.53 -14.63
CA GLY H 155 30.56 -76.87 -13.78
C GLY H 155 29.55 -77.72 -14.51
N GLU H 156 28.28 -77.51 -14.22
CA GLU H 156 27.21 -78.28 -14.86
C GLU H 156 26.93 -77.83 -16.31
N VAL H 157 26.70 -78.78 -17.18
CA VAL H 157 26.28 -78.44 -18.52
C VAL H 157 24.87 -79.00 -18.78
N THR H 158 24.12 -78.38 -19.67
CA THR H 158 22.77 -78.84 -19.94
C THR H 158 22.67 -79.23 -21.43
N TYR H 159 22.04 -80.38 -21.68
CA TYR H 159 21.86 -80.90 -23.02
C TYR H 159 20.39 -81.13 -23.31
N MET H 160 19.82 -80.33 -24.21
CA MET H 160 18.42 -80.53 -24.59
C MET H 160 18.23 -81.26 -25.92
N VAL H 161 17.50 -82.37 -25.86
CA VAL H 161 17.33 -83.25 -26.99
C VAL H 161 15.88 -83.46 -27.39
N ASP H 162 15.70 -83.94 -28.62
CA ASP H 162 14.39 -84.17 -29.19
C ASP H 162 14.03 -85.62 -28.91
N GLY H 163 12.98 -85.85 -28.14
CA GLY H 163 12.62 -87.20 -27.75
C GLY H 163 11.43 -87.73 -28.52
N SER H 164 10.94 -86.94 -29.47
CA SER H 164 9.77 -87.29 -30.24
C SER H 164 10.04 -87.48 -31.75
N ASN H 165 11.29 -87.74 -32.13
CA ASN H 165 11.64 -87.78 -33.54
C ASN H 165 12.00 -89.17 -34.00
N PRO H 166 11.17 -89.74 -34.87
CA PRO H 166 11.30 -91.15 -35.26
C PRO H 166 12.47 -91.46 -36.20
N LYS H 167 13.18 -90.45 -36.67
CA LYS H 167 14.18 -90.65 -37.69
C LYS H 167 15.56 -90.31 -37.18
N VAL H 168 15.61 -89.91 -35.93
CA VAL H 168 16.79 -89.29 -35.38
C VAL H 168 16.73 -89.51 -33.91
N PRO H 169 17.60 -90.39 -33.40
CA PRO H 169 17.66 -90.70 -31.97
C PRO H 169 18.07 -89.47 -31.19
N ALA H 170 17.50 -89.28 -30.00
CA ALA H 170 17.86 -88.17 -29.11
C ALA H 170 19.36 -87.92 -29.01
N TYR H 171 20.11 -89.00 -28.83
CA TYR H 171 21.53 -88.89 -28.84
C TYR H 171 22.12 -89.68 -29.99
N ARG H 172 23.06 -89.07 -30.70
CA ARG H 172 23.78 -89.72 -31.80
C ARG H 172 25.29 -89.47 -31.72
N PRO H 173 26.13 -90.43 -32.14
CA PRO H 173 27.56 -90.10 -32.13
C PRO H 173 27.96 -89.24 -33.35
N ASP H 174 27.09 -89.16 -34.36
CA ASP H 174 27.40 -88.36 -35.55
C ASP H 174 26.89 -86.87 -35.54
N SER H 175 26.04 -86.51 -34.58
CA SER H 175 25.57 -85.13 -34.33
C SER H 175 26.69 -84.18 -33.94
N PHE H 176 26.46 -82.88 -34.02
CA PHE H 176 27.45 -81.89 -33.58
C PHE H 176 27.77 -82.16 -32.10
N PHE H 177 26.75 -82.41 -31.31
CA PHE H 177 27.01 -82.75 -29.93
C PHE H 177 28.02 -83.91 -29.85
N GLY H 178 27.64 -85.09 -30.34
CA GLY H 178 28.47 -86.27 -30.17
C GLY H 178 29.88 -86.18 -30.74
N LYS H 179 30.03 -85.41 -31.81
CA LYS H 179 31.26 -85.40 -32.57
C LYS H 179 32.22 -84.29 -32.11
N TYR H 180 31.68 -83.25 -31.47
CA TYR H 180 32.43 -82.02 -31.19
C TYR H 180 32.26 -81.51 -29.77
N GLU H 181 31.06 -81.64 -29.23
CA GLU H 181 30.76 -81.15 -27.89
C GLU H 181 31.09 -82.18 -26.81
N LEU H 182 30.39 -83.32 -26.80
CA LEU H 182 30.68 -84.34 -25.80
C LEU H 182 32.18 -84.70 -25.71
N PRO H 183 32.88 -84.93 -26.86
CA PRO H 183 34.32 -85.25 -26.73
C PRO H 183 35.19 -84.16 -26.08
N ASN H 184 34.62 -82.99 -25.77
CA ASN H 184 35.45 -81.84 -25.39
C ASN H 184 35.29 -81.27 -24.01
N LEU H 185 34.34 -81.82 -23.25
CA LEU H 185 34.12 -81.41 -21.87
C LEU H 185 35.37 -81.78 -21.06
N THR H 186 35.84 -80.83 -20.26
CA THR H 186 37.10 -80.95 -19.53
C THR H 186 36.84 -81.43 -18.12
N ASN H 187 37.89 -81.80 -17.39
CA ASN H 187 37.74 -82.12 -15.96
C ASN H 187 37.14 -80.98 -15.11
N LYS H 188 37.02 -79.80 -15.69
CA LYS H 188 36.38 -78.64 -15.06
C LYS H 188 34.85 -78.72 -15.15
N VAL H 189 34.35 -79.66 -15.95
CA VAL H 189 32.92 -79.95 -16.12
C VAL H 189 32.54 -81.08 -15.15
N THR H 190 31.47 -80.92 -14.36
CA THR H 190 31.20 -81.90 -13.26
C THR H 190 29.98 -82.79 -13.43
N ARG H 191 28.99 -82.32 -14.18
CA ARG H 191 27.73 -83.04 -14.41
C ARG H 191 27.09 -82.56 -15.69
N VAL H 192 26.45 -83.48 -16.41
CA VAL H 192 25.72 -83.21 -17.65
C VAL H 192 24.27 -83.49 -17.33
N LYS H 193 23.39 -82.50 -17.52
CA LYS H 193 21.97 -82.68 -17.21
C LYS H 193 21.21 -82.68 -18.50
N VAL H 194 20.46 -83.75 -18.77
CA VAL H 194 19.74 -83.85 -20.05
C VAL H 194 18.31 -83.34 -19.91
N ILE H 195 17.79 -82.72 -20.96
CA ILE H 195 16.37 -82.39 -20.99
C ILE H 195 15.77 -83.05 -22.22
N VAL H 196 14.84 -83.97 -22.00
CA VAL H 196 14.17 -84.61 -23.09
C VAL H 196 12.87 -83.89 -23.43
N LEU H 197 12.85 -83.36 -24.64
CA LEU H 197 11.63 -82.75 -25.13
C LEU H 197 10.70 -83.83 -25.67
N HIS H 198 9.43 -83.69 -25.36
CA HIS H 198 8.43 -84.59 -25.84
C HIS H 198 7.32 -83.74 -26.45
N ARG H 199 7.45 -83.48 -27.74
CA ARG H 199 6.58 -82.60 -28.46
C ARG H 199 5.12 -82.91 -28.25
N LEU H 200 4.31 -81.88 -28.06
CA LEU H 200 2.90 -82.09 -27.67
C LEU H 200 2.04 -82.89 -28.64
N GLY H 201 1.26 -83.82 -28.09
CA GLY H 201 0.46 -84.71 -28.89
C GLY H 201 1.20 -85.39 -30.05
N GLU H 202 2.53 -85.39 -30.02
CA GLU H 202 3.29 -86.27 -30.91
C GLU H 202 3.67 -87.51 -30.09
N LYS H 203 4.03 -88.60 -30.78
CA LYS H 203 4.22 -89.89 -30.13
C LYS H 203 5.60 -89.94 -29.47
N ILE H 204 5.68 -90.54 -28.29
CA ILE H 204 6.93 -90.55 -27.55
C ILE H 204 7.89 -91.60 -28.13
N ILE H 205 9.18 -91.26 -28.24
CA ILE H 205 10.17 -92.09 -28.96
C ILE H 205 11.42 -92.45 -28.13
N GLU H 206 12.02 -91.48 -27.48
CA GLU H 206 13.16 -91.74 -26.61
C GLU H 206 12.81 -91.37 -25.16
N LYS H 207 13.28 -92.18 -24.22
CA LYS H 207 13.01 -91.97 -22.79
C LYS H 207 14.27 -92.04 -21.92
N CYS H 208 14.27 -91.31 -20.80
CA CYS H 208 15.42 -91.30 -19.92
C CYS H 208 15.67 -92.71 -19.50
N GLY H 209 16.94 -93.10 -19.44
CA GLY H 209 17.32 -94.42 -18.95
C GLY H 209 17.41 -95.49 -20.00
N ALA H 210 16.67 -95.31 -21.09
CA ALA H 210 16.65 -96.26 -22.24
C ALA H 210 17.33 -95.73 -23.49
N GLY H 211 17.54 -96.64 -24.45
CA GLY H 211 18.00 -96.34 -25.80
C GLY H 211 19.32 -95.59 -25.93
N SER H 212 19.29 -94.54 -26.75
CA SER H 212 20.47 -93.75 -27.02
C SER H 212 20.68 -92.83 -25.84
N LEU H 213 19.62 -92.62 -25.07
CA LEU H 213 19.74 -91.88 -23.81
C LEU H 213 20.46 -92.73 -22.76
N LEU H 214 20.23 -94.04 -22.81
CA LEU H 214 21.10 -94.95 -22.08
C LEU H 214 22.52 -94.97 -22.65
N ASP H 215 22.67 -95.14 -23.96
CA ASP H 215 24.00 -95.09 -24.58
C ASP H 215 24.73 -93.89 -23.99
N LEU H 216 24.06 -92.75 -23.93
CA LEU H 216 24.67 -91.49 -23.51
C LEU H 216 24.99 -91.45 -22.02
N GLU H 217 24.06 -91.95 -21.23
CA GLU H 217 24.24 -92.04 -19.78
C GLU H 217 25.53 -92.80 -19.48
N LYS H 218 25.77 -93.87 -20.23
CA LYS H 218 26.96 -94.67 -20.02
C LYS H 218 28.21 -93.91 -20.48
N LEU H 219 28.06 -93.17 -21.59
CA LEU H 219 29.16 -92.39 -22.14
C LEU H 219 29.53 -91.28 -21.20
N VAL H 220 28.52 -90.68 -20.57
CA VAL H 220 28.75 -89.64 -19.56
C VAL H 220 29.58 -90.18 -18.40
N LYS H 221 29.07 -91.20 -17.73
CA LYS H 221 29.71 -91.70 -16.53
C LYS H 221 31.11 -92.26 -16.79
N ALA H 222 31.34 -92.70 -18.02
CA ALA H 222 32.67 -93.21 -18.40
C ALA H 222 33.72 -92.08 -18.57
N LYS H 223 33.27 -90.83 -18.63
CA LYS H 223 34.19 -89.67 -18.65
C LYS H 223 34.23 -89.03 -17.27
N HIS H 224 33.55 -89.70 -16.34
CA HIS H 224 33.65 -89.41 -14.90
C HIS H 224 32.69 -88.31 -14.42
N PHE H 225 31.77 -87.89 -15.27
CA PHE H 225 30.78 -86.88 -14.85
C PHE H 225 29.53 -87.53 -14.26
N ALA H 226 28.89 -86.80 -13.36
CA ALA H 226 27.56 -87.14 -12.86
C ALA H 226 26.58 -86.88 -13.99
N PHE H 227 25.38 -87.44 -13.89
CA PHE H 227 24.42 -87.38 -14.98
C PHE H 227 23.02 -87.31 -14.42
N ASP H 228 22.16 -86.49 -15.02
CA ASP H 228 20.73 -86.74 -14.94
C ASP H 228 19.90 -86.39 -16.18
N CYS H 229 18.60 -86.62 -16.10
CA CYS H 229 17.78 -86.63 -17.27
C CYS H 229 16.32 -86.53 -16.84
N VAL H 230 15.66 -85.45 -17.23
CA VAL H 230 14.23 -85.29 -16.97
C VAL H 230 13.54 -85.07 -18.32
N GLU H 231 12.32 -85.58 -18.45
CA GLU H 231 11.54 -85.40 -19.66
C GLU H 231 10.48 -84.33 -19.43
N ASN H 232 10.21 -83.51 -20.46
CA ASN H 232 9.25 -82.41 -20.35
C ASN H 232 9.09 -81.87 -18.92
N PRO H 233 10.14 -81.22 -18.38
CA PRO H 233 10.00 -80.48 -17.11
C PRO H 233 9.04 -79.28 -17.19
N ARG H 234 8.35 -79.02 -16.08
CA ARG H 234 7.26 -78.05 -16.03
C ARG H 234 7.61 -76.76 -16.72
N ALA H 235 8.75 -76.20 -16.35
CA ALA H 235 9.15 -74.94 -16.90
C ALA H 235 9.24 -75.05 -18.44
N VAL H 236 9.75 -76.18 -18.95
CA VAL H 236 9.82 -76.40 -20.40
C VAL H 236 8.43 -76.66 -20.93
N LEU H 237 7.69 -77.49 -20.23
CA LEU H 237 6.37 -77.89 -20.69
C LEU H 237 5.52 -76.71 -21.00
N PHE H 238 5.56 -75.72 -20.11
CA PHE H 238 4.63 -74.61 -20.18
C PHE H 238 4.88 -73.78 -21.42
N LEU H 239 6.15 -73.60 -21.75
CA LEU H 239 6.48 -73.02 -23.04
C LEU H 239 5.75 -73.75 -24.19
N LEU H 240 5.84 -75.09 -24.19
CA LEU H 240 5.28 -75.89 -25.26
C LEU H 240 3.80 -75.63 -25.33
N CYS H 241 3.20 -75.66 -24.16
CA CYS H 241 1.79 -75.37 -23.97
C CYS H 241 1.34 -74.04 -24.54
N SER H 242 2.15 -73.01 -24.32
CA SER H 242 1.85 -71.67 -24.81
C SER H 242 1.55 -71.60 -26.30
N ASP H 243 2.29 -72.36 -27.11
CA ASP H 243 2.07 -72.40 -28.57
C ASP H 243 0.93 -73.30 -29.03
N ASN H 244 0.55 -74.23 -28.15
CA ASN H 244 -0.45 -75.23 -28.44
C ASN H 244 -1.28 -75.50 -27.17
N PRO H 245 -1.95 -74.45 -26.65
CA PRO H 245 -2.61 -74.46 -25.35
C PRO H 245 -3.76 -75.43 -25.29
N ASN H 246 -4.09 -75.99 -26.45
CA ASN H 246 -5.18 -76.94 -26.54
C ASN H 246 -4.79 -78.40 -26.36
N ALA H 247 -3.52 -78.75 -26.56
CA ALA H 247 -3.10 -80.13 -26.41
C ALA H 247 -3.45 -80.73 -25.02
N ARG H 248 -3.64 -82.05 -25.00
CA ARG H 248 -4.23 -82.73 -23.83
C ARG H 248 -3.27 -82.69 -22.62
N GLU H 249 -1.98 -82.64 -22.92
CA GLU H 249 -0.94 -82.59 -21.90
C GLU H 249 -1.05 -81.30 -21.08
N CYS H 250 -1.72 -80.28 -21.64
CA CYS H 250 -1.74 -78.92 -21.11
C CYS H 250 -3.02 -78.58 -20.36
N ARG H 251 -3.84 -79.57 -20.07
CA ARG H 251 -5.11 -79.24 -19.42
C ARG H 251 -4.93 -78.90 -17.91
N LEU H 252 -5.54 -77.78 -17.54
CA LEU H 252 -5.38 -77.21 -16.22
C LEU H 252 -6.36 -77.77 -15.21
N ALA H 253 -5.84 -78.22 -14.07
CA ALA H 253 -6.68 -78.67 -12.93
C ALA H 253 -8.14 -78.16 -12.93
#